data_7DTV
#
_entry.id   7DTV
#
_cell.length_a   1.00
_cell.length_b   1.00
_cell.length_c   1.00
_cell.angle_alpha   90.00
_cell.angle_beta   90.00
_cell.angle_gamma   90.00
#
_symmetry.space_group_name_H-M   'P 1'
#
loop_
_entity.id
_entity.type
_entity.pdbx_description
1 polymer 'Extracellular calcium-sensing receptor'
2 branched 2-acetamido-2-deoxy-beta-D-glucopyranose-(1-4)-2-acetamido-2-deoxy-beta-D-glucopyranose
3 branched 2-acetamido-2-deoxy-beta-D-glucopyranose-(1-4)-2-acetamido-2-deoxy-beta-D-glucopyranose-(1-4)-2-acetamido-2-deoxy-beta-D-glucopyranose
4 non-polymer TRYPTOPHAN
5 non-polymer 'CALCIUM ION'
6 non-polymer 2-acetamido-2-deoxy-beta-D-glucopyranose
#
_entity_poly.entity_id   1
_entity_poly.type   'polypeptide(L)'
_entity_poly.pdbx_seq_one_letter_code
;MKTIIALSYIFCLVFADYKDDDDENLYFQGYGPDQRAQKKGDIILGGLFPIHFGVAAKDQDLKSRPESVECIRYNFRGFR
WLQAMIFAIEEINSSPALLPNLTLGYRIFDTCNTVSKALEATLSFVAQNKIDSLNLDEFCNCSEHIPSTIAVVGATGSGV
STAVANLLGLFYIPQVSYASSSRLLSNKNQFKSFLRTIPNDEHQATAMADIIEYFRWNWVGTIAADDDYGRPGIEKFREE
AEERDICIDFSELISQYSDEEEIQHVVEVIQNSTAKVIVVFSSGPDLEPLIKEIVRRNITGKIWLASEAWASSSLIAMPQ
YFHVVGGTIGFALKAGQIPGFREFLKKVHPRKSVHNGFAKEFWEETFNCHLQEGAKGPLPVDTFLRGHEESGDRFSNSST
AFRPLCTGDENISSVETPYIDYTHLRISYNVYLAVYSIAHALQDIYTCLPGRGLFTNGSCADIKKVEAWQVLKHLRHLNF
TNNMGEQVTFDECGDLVGNYSIINWHLSPEDGSIVFKEVGYYNVYAKKGERLFINEEKILWSGFSREVPFSNCSRDCLAG
TRKGIIEGEPTCCFECVECPDGEYSDETDASACNKCPDDFWSNENHTSCIAKEIEFLSWTEPFGIALTLFAVLGIFLTAF
VLGVFIKFRNTPIVKATNRELSYLLLFSLLCCFSSSLFFIGEPQDWTCRLRQPAFGISFVLCISCILVKTNRVLLVFEAK
IPTSFHRKWWGLNLQFLLVFLCTFMQIVICVIWLYTAPPSSYRNQELEDEIIFITCHEGSLMALGFLIGYTCLLAAICFF
FAFKSRKLPENFNEAKFITFSMLIFFIVWISFIPAYASTYGKFVSAVEVIAILAASFGLLACIFFNKIYIILFKPSRNTI
EEVRCSTAAHAFKVAARATLRRSNVSRKRSSSLGGSTGSTPSSSISSKSNSEDPFPQPERQKQQQPLALTQQEQQQQPLT
LPQQQRSQQQPRCKQKVIFGSGTVTFSLSFDEPQKNAMAHRNSTHQNSLEAQKSSDTLTRHEPLLPLQCGETDLDLTVQE
TGLQGPVGGDQRPEVEDPEELSPALVVSSSQSFVISGGGSTVTENVVNSHHHHHHHHHH
;
_entity_poly.pdbx_strand_id   A,B
#
# COMPACT_ATOMS: atom_id res chain seq x y z
N TYR A 31 -8.35 23.76 52.84
CA TYR A 31 -7.86 22.47 53.29
C TYR A 31 -7.27 21.69 52.14
N GLY A 32 -7.37 20.36 52.20
CA GLY A 32 -6.75 19.52 51.20
C GLY A 32 -5.24 19.58 51.30
N PRO A 33 -4.59 19.95 50.19
CA PRO A 33 -3.16 20.25 50.25
C PRO A 33 -2.90 21.51 51.07
N ASP A 34 -1.68 21.62 51.59
CA ASP A 34 -1.30 22.75 52.43
C ASP A 34 -0.36 23.72 51.70
N GLN A 35 -0.45 23.75 50.38
CA GLN A 35 0.15 24.80 49.56
C GLN A 35 -0.97 25.32 48.68
N ARG A 36 -1.68 26.33 49.17
CA ARG A 36 -2.84 26.86 48.49
C ARG A 36 -2.51 28.22 47.91
N ALA A 37 -3.53 28.87 47.36
CA ALA A 37 -3.47 30.31 47.09
C ALA A 37 -4.91 30.77 47.31
N GLN A 38 -5.18 31.24 48.52
CA GLN A 38 -6.56 31.36 48.99
C GLN A 38 -6.86 32.80 49.35
N LYS A 39 -8.07 33.23 49.04
CA LYS A 39 -8.54 34.57 49.37
C LYS A 39 -10.04 34.50 49.48
N LYS A 40 -10.59 35.02 50.58
CA LYS A 40 -12.02 34.92 50.82
C LYS A 40 -12.78 35.86 49.88
N GLY A 41 -14.09 35.69 49.85
CA GLY A 41 -14.92 36.48 48.97
C GLY A 41 -16.34 35.98 48.98
N ASP A 42 -17.20 36.72 48.28
CA ASP A 42 -18.60 36.35 48.24
C ASP A 42 -18.84 35.14 47.36
N ILE A 43 -18.14 35.06 46.23
CA ILE A 43 -18.29 33.95 45.30
C ILE A 43 -16.89 33.42 45.02
N ILE A 44 -16.68 32.14 45.33
CA ILE A 44 -15.35 31.54 45.34
C ILE A 44 -15.19 30.73 44.07
N LEU A 45 -14.11 30.98 43.33
CA LEU A 45 -13.89 30.29 42.05
C LEU A 45 -13.21 28.93 42.19
N GLY A 46 -11.96 28.91 42.60
CA GLY A 46 -11.20 27.68 42.56
C GLY A 46 -10.38 27.57 41.28
N GLY A 47 -9.33 26.76 41.34
CA GLY A 47 -8.44 26.65 40.20
C GLY A 47 -7.46 25.52 40.39
N LEU A 48 -6.83 25.13 39.27
CA LEU A 48 -5.91 24.00 39.27
C LEU A 48 -4.81 24.31 38.27
N PHE A 49 -3.57 24.37 38.72
CA PHE A 49 -2.46 24.83 37.88
C PHE A 49 -1.24 23.94 38.10
N PRO A 50 -0.41 23.75 37.08
CA PRO A 50 0.75 22.85 37.20
C PRO A 50 2.05 23.49 37.67
N ILE A 51 2.14 23.77 38.97
CA ILE A 51 3.28 24.51 39.49
C ILE A 51 4.55 23.69 39.47
N HIS A 52 4.45 22.38 39.63
CA HIS A 52 5.58 21.51 39.40
C HIS A 52 5.34 20.67 38.14
N PHE A 53 6.36 19.94 37.74
CA PHE A 53 6.28 19.18 36.50
C PHE A 53 5.87 17.73 36.70
N GLY A 54 5.96 17.22 37.93
CA GLY A 54 5.63 15.83 38.16
C GLY A 54 5.89 15.48 39.60
N VAL A 55 5.51 14.26 39.96
CA VAL A 55 5.79 13.74 41.28
C VAL A 55 7.11 13.01 41.25
N ALA A 56 7.67 12.72 42.43
CA ALA A 56 8.97 12.09 42.53
C ALA A 56 8.92 10.64 42.06
N ALA A 57 10.07 10.13 41.62
CA ALA A 57 10.16 8.81 41.01
C ALA A 57 10.10 7.67 42.02
N LYS A 58 9.97 7.95 43.31
CA LYS A 58 9.87 6.90 44.32
C LYS A 58 8.53 6.18 44.19
N ASP A 59 8.57 4.87 44.02
CA ASP A 59 7.38 4.04 44.00
C ASP A 59 7.31 3.22 45.28
N GLN A 60 6.11 3.11 45.83
CA GLN A 60 5.92 2.45 47.11
C GLN A 60 5.95 0.94 46.96
N ASP A 61 6.67 0.28 47.86
CA ASP A 61 6.60 -1.17 48.00
C ASP A 61 5.56 -1.57 49.02
N LEU A 62 4.90 -0.60 49.64
CA LEU A 62 3.77 -0.76 50.56
C LEU A 62 4.12 -1.56 51.81
N LYS A 63 5.40 -1.55 52.20
CA LYS A 63 5.73 -2.02 53.54
C LYS A 63 5.28 -1.01 54.58
N SER A 64 5.68 0.23 54.41
CA SER A 64 5.23 1.30 55.29
C SER A 64 3.83 1.76 54.89
N ARG A 65 3.21 2.50 55.80
CA ARG A 65 1.93 3.12 55.48
C ARG A 65 2.16 4.23 54.47
N PRO A 66 1.46 4.23 53.34
CA PRO A 66 1.79 5.15 52.26
C PRO A 66 1.41 6.59 52.57
N GLU A 67 2.26 7.51 52.15
CA GLU A 67 2.12 8.92 52.44
C GLU A 67 2.11 9.70 51.13
N SER A 68 1.93 11.01 51.24
CA SER A 68 1.79 11.86 50.07
C SER A 68 3.13 12.00 49.36
N VAL A 69 3.13 11.72 48.06
CA VAL A 69 4.34 11.84 47.26
C VAL A 69 4.64 13.31 47.00
N GLU A 70 5.92 13.66 46.95
CA GLU A 70 6.36 15.04 46.85
C GLU A 70 6.72 15.39 45.41
N CYS A 71 6.32 16.58 44.97
CA CYS A 71 6.56 17.00 43.61
C CYS A 71 8.00 17.46 43.43
N ILE A 72 8.55 17.28 42.22
CA ILE A 72 9.99 17.32 42.01
C ILE A 72 10.46 18.62 41.34
N ARG A 73 10.02 18.88 40.12
CA ARG A 73 10.62 19.97 39.35
C ARG A 73 9.87 21.26 39.60
N TYR A 74 10.16 22.29 38.82
CA TYR A 74 9.43 23.55 38.96
C TYR A 74 9.05 24.09 37.59
N ASN A 75 7.92 24.79 37.54
CA ASN A 75 7.31 25.26 36.31
C ASN A 75 7.00 26.75 36.48
N PHE A 76 7.93 27.60 36.06
CA PHE A 76 7.71 29.04 36.13
C PHE A 76 6.62 29.50 35.18
N ARG A 77 6.45 28.79 34.06
CA ARG A 77 5.31 29.03 33.19
C ARG A 77 4.00 28.73 33.91
N GLY A 78 3.98 27.69 34.74
CA GLY A 78 2.80 27.40 35.53
C GLY A 78 2.53 28.46 36.58
N PHE A 79 3.59 29.01 37.17
CA PHE A 79 3.37 30.11 38.11
C PHE A 79 2.92 31.37 37.39
N ARG A 80 3.35 31.59 36.15
CA ARG A 80 2.85 32.72 35.38
C ARG A 80 1.36 32.56 35.09
N TRP A 81 0.93 31.32 34.79
CA TRP A 81 -0.50 31.06 34.59
C TRP A 81 -1.31 31.33 35.85
N LEU A 82 -0.77 30.95 37.01
CA LEU A 82 -1.43 31.23 38.28
C LEU A 82 -1.54 32.73 38.53
N GLN A 83 -0.48 33.47 38.21
CA GLN A 83 -0.54 34.92 38.35
C GLN A 83 -1.55 35.53 37.40
N ALA A 84 -1.73 34.93 36.22
CA ALA A 84 -2.71 35.45 35.28
C ALA A 84 -4.14 35.20 35.74
N MET A 85 -4.36 34.13 36.51
CA MET A 85 -5.70 33.97 37.09
C MET A 85 -5.93 34.96 38.22
N ILE A 86 -4.96 35.06 39.13
CA ILE A 86 -5.11 35.92 40.31
C ILE A 86 -5.23 37.39 39.90
N PHE A 87 -4.47 37.80 38.88
CA PHE A 87 -4.49 39.17 38.38
C PHE A 87 -5.85 39.56 37.84
N ALA A 88 -6.48 38.67 37.09
CA ALA A 88 -7.79 39.01 36.54
C ALA A 88 -8.86 38.99 37.61
N ILE A 89 -8.66 38.20 38.67
CA ILE A 89 -9.60 38.29 39.78
C ILE A 89 -9.44 39.63 40.52
N GLU A 90 -8.21 40.13 40.66
CA GLU A 90 -8.03 41.47 41.21
C GLU A 90 -8.60 42.55 40.28
N GLU A 91 -8.55 42.32 38.97
CA GLU A 91 -9.10 43.30 38.03
C GLU A 91 -10.62 43.34 38.10
N ILE A 92 -11.26 42.18 38.28
CA ILE A 92 -12.70 42.14 38.46
C ILE A 92 -13.10 42.80 39.77
N ASN A 93 -12.33 42.54 40.83
CA ASN A 93 -12.60 43.19 42.11
C ASN A 93 -12.27 44.68 42.10
N SER A 94 -11.48 45.14 41.13
CA SER A 94 -11.14 46.55 41.03
C SER A 94 -12.15 47.35 40.20
N SER A 95 -12.46 46.90 39.00
CA SER A 95 -13.33 47.68 38.11
C SER A 95 -14.78 47.58 38.56
N PRO A 96 -15.44 48.70 38.88
CA PRO A 96 -16.81 48.64 39.39
C PRO A 96 -17.88 48.51 38.33
N ALA A 97 -17.51 48.48 37.05
CA ALA A 97 -18.48 48.26 35.99
C ALA A 97 -18.81 46.79 35.79
N LEU A 98 -18.14 45.89 36.50
CA LEU A 98 -18.36 44.46 36.37
C LEU A 98 -18.43 43.87 37.78
N LEU A 99 -19.58 43.27 38.10
CA LEU A 99 -19.93 42.67 39.39
C LEU A 99 -19.81 43.58 40.61
N PRO A 100 -20.53 44.69 40.66
CA PRO A 100 -20.43 45.58 41.82
C PRO A 100 -21.11 45.12 43.10
N ASN A 101 -20.54 45.57 44.22
CA ASN A 101 -20.94 45.19 45.58
C ASN A 101 -20.88 43.68 45.79
N LEU A 102 -19.90 43.04 45.17
CA LEU A 102 -19.77 41.59 45.18
C LEU A 102 -18.33 41.26 44.80
N THR A 103 -17.61 40.59 45.70
CA THR A 103 -16.20 40.33 45.51
C THR A 103 -15.95 38.86 45.22
N LEU A 104 -14.97 38.59 44.37
CA LEU A 104 -14.64 37.24 43.95
C LEU A 104 -13.47 36.71 44.75
N GLY A 105 -13.62 35.52 45.33
CA GLY A 105 -12.53 34.81 45.96
C GLY A 105 -12.04 33.68 45.08
N TYR A 106 -11.06 32.94 45.60
CA TYR A 106 -10.47 31.84 44.85
C TYR A 106 -9.74 30.92 45.81
N ARG A 107 -9.81 29.63 45.54
CA ARG A 107 -9.06 28.62 46.27
C ARG A 107 -8.26 27.84 45.25
N ILE A 108 -7.10 28.37 44.90
CA ILE A 108 -6.29 27.82 43.82
C ILE A 108 -5.35 26.77 44.39
N PHE A 109 -5.39 25.58 43.82
CA PHE A 109 -4.55 24.48 44.25
C PHE A 109 -3.48 24.22 43.21
N ASP A 110 -2.73 23.15 43.39
CA ASP A 110 -1.65 22.79 42.49
C ASP A 110 -1.72 21.31 42.19
N THR A 111 -1.89 20.98 40.92
CA THR A 111 -1.88 19.61 40.45
C THR A 111 -0.55 19.40 39.74
N CYS A 112 0.33 18.61 40.33
CA CYS A 112 1.65 18.45 39.74
C CYS A 112 1.64 17.53 38.52
N ASN A 113 0.82 17.87 37.51
CA ASN A 113 0.57 17.08 36.31
C ASN A 113 0.16 15.64 36.60
N THR A 114 -0.49 15.39 37.74
CA THR A 114 -0.93 14.05 38.10
C THR A 114 -2.39 14.04 38.53
N VAL A 115 -3.05 12.94 38.17
CA VAL A 115 -4.47 12.74 38.43
C VAL A 115 -4.73 12.68 39.93
N SER A 116 -3.82 12.08 40.70
CA SER A 116 -4.06 11.94 42.13
C SER A 116 -3.93 13.26 42.87
N LYS A 117 -2.94 14.08 42.51
CA LYS A 117 -2.83 15.40 43.11
C LYS A 117 -3.95 16.32 42.66
N ALA A 118 -4.52 16.10 41.47
CA ALA A 118 -5.68 16.87 41.08
C ALA A 118 -6.94 16.43 41.81
N LEU A 119 -7.08 15.13 42.08
CA LEU A 119 -8.28 14.65 42.73
C LEU A 119 -8.30 14.95 44.22
N GLU A 120 -7.12 15.01 44.85
CA GLU A 120 -7.05 15.49 46.23
C GLU A 120 -7.52 16.93 46.37
N ALA A 121 -7.36 17.72 45.31
CA ALA A 121 -7.84 19.10 45.32
C ALA A 121 -9.32 19.17 45.00
N THR A 122 -9.74 18.50 43.92
CA THR A 122 -11.15 18.61 43.56
C THR A 122 -12.05 17.71 44.38
N LEU A 123 -11.54 17.03 45.40
CA LEU A 123 -12.41 16.49 46.44
C LEU A 123 -12.63 17.48 47.57
N SER A 124 -11.79 18.49 47.69
CA SER A 124 -12.01 19.59 48.61
C SER A 124 -12.74 20.75 47.94
N PHE A 125 -12.81 20.77 46.62
CA PHE A 125 -13.72 21.69 45.95
C PHE A 125 -15.17 21.32 46.22
N VAL A 126 -15.54 20.06 45.98
CA VAL A 126 -16.92 19.62 46.20
C VAL A 126 -16.97 19.01 47.59
N ALA A 127 -17.19 19.86 48.57
CA ALA A 127 -17.39 19.36 49.91
C ALA A 127 -18.74 19.78 50.48
N GLN A 128 -19.13 21.04 50.30
CA GLN A 128 -20.46 21.46 50.69
C GLN A 128 -21.51 20.95 49.73
N ASN A 129 -21.13 20.66 48.47
CA ASN A 129 -22.06 20.08 47.53
C ASN A 129 -22.29 18.60 47.77
N LYS A 130 -21.49 17.97 48.64
CA LYS A 130 -21.57 16.54 48.91
C LYS A 130 -22.65 16.26 49.96
N ILE A 131 -23.89 16.53 49.56
CA ILE A 131 -25.07 16.28 50.38
C ILE A 131 -25.99 15.33 49.64
N ASP A 132 -25.93 15.36 48.31
CA ASP A 132 -26.96 14.72 47.47
C ASP A 132 -26.94 13.20 47.56
N SER A 133 -25.75 12.60 47.65
CA SER A 133 -25.65 11.16 47.89
C SER A 133 -25.34 10.85 49.35
N LEU A 134 -24.41 11.57 49.96
CA LEU A 134 -24.11 11.42 51.38
C LEU A 134 -24.83 12.54 52.12
N ASN A 135 -26.02 12.23 52.64
CA ASN A 135 -26.66 13.15 53.59
C ASN A 135 -25.96 13.14 54.94
N LEU A 136 -25.10 12.15 55.18
CA LEU A 136 -24.32 11.99 56.40
C LEU A 136 -23.05 12.83 56.42
N ASP A 137 -22.95 13.86 55.59
CA ASP A 137 -21.84 14.79 55.71
C ASP A 137 -21.95 15.53 57.04
N GLU A 138 -22.96 16.40 57.16
CA GLU A 138 -23.35 17.09 58.40
C GLU A 138 -22.00 17.68 58.83
N PHE A 139 -21.71 18.85 58.24
CA PHE A 139 -20.33 19.34 58.23
C PHE A 139 -19.48 19.28 59.49
N CYS A 140 -19.94 19.92 60.57
CA CYS A 140 -19.41 19.79 61.93
C CYS A 140 -17.96 20.25 62.08
N ASN A 141 -17.42 21.01 61.12
CA ASN A 141 -16.10 21.58 61.33
C ASN A 141 -15.95 23.00 60.77
N CYS A 142 -17.02 23.59 60.24
CA CYS A 142 -17.00 24.96 59.75
C CYS A 142 -18.42 25.49 59.67
N SER A 143 -18.56 26.81 59.84
CA SER A 143 -19.87 27.44 59.77
C SER A 143 -20.39 27.46 58.35
N GLU A 144 -19.67 28.13 57.44
CA GLU A 144 -20.01 28.14 56.03
C GLU A 144 -19.69 26.83 55.34
N HIS A 145 -18.93 25.94 56.00
CA HIS A 145 -18.68 24.56 55.59
C HIS A 145 -17.93 24.51 54.25
N ILE A 146 -16.78 25.16 54.22
CA ILE A 146 -15.86 25.24 53.08
C ILE A 146 -16.63 25.83 51.90
N PRO A 147 -16.84 27.15 51.87
CA PRO A 147 -17.90 27.77 51.04
C PRO A 147 -17.81 27.38 49.57
N SER A 148 -18.98 27.15 48.98
CA SER A 148 -19.08 26.32 47.79
C SER A 148 -18.50 27.01 46.57
N THR A 149 -17.58 26.30 45.89
CA THR A 149 -16.98 26.83 44.69
C THR A 149 -17.99 26.86 43.57
N ILE A 150 -17.97 27.94 42.79
CA ILE A 150 -18.98 28.16 41.77
C ILE A 150 -18.53 27.63 40.43
N ALA A 151 -17.26 27.81 40.08
CA ALA A 151 -16.75 27.31 38.81
C ALA A 151 -15.24 27.20 38.91
N VAL A 152 -14.72 26.01 38.65
CA VAL A 152 -13.28 25.81 38.73
C VAL A 152 -12.65 26.10 37.36
N VAL A 153 -11.44 26.62 37.38
CA VAL A 153 -10.69 26.99 36.19
C VAL A 153 -9.42 26.17 36.22
N GLY A 154 -9.34 25.09 35.45
CA GLY A 154 -8.05 24.44 35.45
C GLY A 154 -8.03 23.09 34.79
N ALA A 155 -7.16 22.24 35.33
CA ALA A 155 -6.77 20.95 34.79
C ALA A 155 -6.15 20.99 33.41
N THR A 156 -5.04 21.74 33.31
CA THR A 156 -4.28 21.86 32.07
C THR A 156 -4.17 20.60 31.22
N GLY A 157 -3.68 19.50 31.78
CA GLY A 157 -3.50 18.31 30.99
C GLY A 157 -4.82 17.65 30.64
N SER A 158 -4.83 16.95 29.54
CA SER A 158 -6.07 16.32 29.11
C SER A 158 -6.26 14.94 29.69
N GLY A 159 -5.34 14.47 30.52
CA GLY A 159 -5.56 13.26 31.26
C GLY A 159 -5.99 13.64 32.66
N VAL A 160 -5.82 14.91 32.97
CA VAL A 160 -6.23 15.49 34.25
C VAL A 160 -7.62 16.10 34.17
N SER A 161 -7.95 16.72 33.04
CA SER A 161 -9.29 17.26 32.88
C SER A 161 -10.32 16.17 32.71
N THR A 162 -9.94 15.05 32.11
CA THR A 162 -10.86 13.93 31.99
C THR A 162 -11.15 13.30 33.34
N ALA A 163 -10.20 13.36 34.26
CA ALA A 163 -10.40 12.80 35.58
C ALA A 163 -11.04 13.77 36.56
N VAL A 164 -10.93 15.07 36.33
CA VAL A 164 -11.62 16.03 37.20
C VAL A 164 -13.03 16.31 36.71
N ALA A 165 -13.27 16.31 35.39
CA ALA A 165 -14.58 16.57 34.85
C ALA A 165 -15.57 15.45 35.11
N ASN A 166 -15.11 14.28 35.54
CA ASN A 166 -16.02 13.23 35.98
C ASN A 166 -16.54 13.51 37.37
N LEU A 167 -15.76 14.17 38.21
CA LEU A 167 -16.17 14.51 39.56
C LEU A 167 -16.89 15.85 39.63
N LEU A 168 -16.66 16.72 38.66
CA LEU A 168 -17.44 17.95 38.55
C LEU A 168 -18.56 17.82 37.54
N GLY A 169 -19.16 16.64 37.45
CA GLY A 169 -20.25 16.42 36.52
C GLY A 169 -21.45 15.85 37.24
N LEU A 170 -21.23 15.39 38.48
CA LEU A 170 -22.35 15.03 39.34
C LEU A 170 -22.97 16.27 39.94
N PHE A 171 -22.13 17.18 40.42
CA PHE A 171 -22.57 18.36 41.12
C PHE A 171 -22.79 19.53 40.18
N TYR A 172 -22.56 19.33 38.89
CA TYR A 172 -22.84 20.29 37.82
C TYR A 172 -22.06 21.58 37.96
N ILE A 173 -20.89 21.52 38.59
CA ILE A 173 -20.00 22.69 38.63
C ILE A 173 -19.36 22.86 37.26
N PRO A 174 -19.39 24.04 36.66
CA PRO A 174 -18.75 24.21 35.36
C PRO A 174 -17.25 24.31 35.51
N GLN A 175 -16.54 23.66 34.59
CA GLN A 175 -15.09 23.68 34.58
C GLN A 175 -14.65 24.28 33.26
N VAL A 176 -13.95 25.41 33.32
CA VAL A 176 -13.52 26.09 32.11
C VAL A 176 -12.02 25.93 31.96
N SER A 177 -11.60 24.88 31.28
CA SER A 177 -10.19 24.57 31.15
C SER A 177 -9.52 25.46 30.12
N TYR A 178 -8.28 25.85 30.39
CA TYR A 178 -7.57 26.77 29.52
C TYR A 178 -6.61 26.08 28.57
N ALA A 179 -6.26 24.82 28.80
CA ALA A 179 -5.22 24.19 28.01
C ALA A 179 -5.55 22.81 27.48
N SER A 180 -6.47 22.07 28.08
CA SER A 180 -6.73 20.70 27.62
C SER A 180 -7.47 20.72 26.30
N SER A 181 -6.90 20.08 25.30
CA SER A 181 -7.37 20.26 23.95
C SER A 181 -7.44 18.93 23.22
N SER A 182 -8.02 17.92 23.84
CA SER A 182 -8.27 16.66 23.14
C SER A 182 -9.72 16.59 22.73
N ARG A 183 -10.00 15.70 21.80
CA ARG A 183 -11.36 15.58 21.27
C ARG A 183 -12.22 14.63 22.07
N LEU A 184 -11.68 13.97 23.09
CA LEU A 184 -12.51 13.12 23.93
C LEU A 184 -13.37 13.94 24.87
N LEU A 185 -12.92 15.14 25.21
CA LEU A 185 -13.65 16.01 26.13
C LEU A 185 -14.75 16.78 25.45
N SER A 186 -14.93 16.60 24.14
CA SER A 186 -16.01 17.23 23.40
C SER A 186 -17.18 16.27 23.22
N ASN A 187 -17.40 15.42 24.22
CA ASN A 187 -18.45 14.41 24.24
C ASN A 187 -19.37 14.77 25.38
N LYS A 188 -20.41 15.54 25.09
CA LYS A 188 -21.22 16.15 26.13
C LYS A 188 -22.29 15.23 26.70
N ASN A 189 -22.21 13.93 26.45
CA ASN A 189 -23.05 13.00 27.16
C ASN A 189 -22.40 12.49 28.43
N GLN A 190 -21.08 12.59 28.52
CA GLN A 190 -20.33 12.10 29.68
C GLN A 190 -19.72 13.22 30.50
N PHE A 191 -19.03 14.15 29.86
CA PHE A 191 -18.50 15.34 30.52
C PHE A 191 -19.55 16.44 30.38
N LYS A 192 -20.54 16.41 31.27
CA LYS A 192 -21.73 17.24 31.09
C LYS A 192 -21.46 18.71 31.34
N SER A 193 -20.45 19.04 32.12
CA SER A 193 -20.15 20.42 32.48
C SER A 193 -18.67 20.66 32.24
N PHE A 194 -18.30 20.95 30.99
CA PHE A 194 -16.89 21.16 30.67
C PHE A 194 -16.89 22.03 29.43
N LEU A 195 -16.46 23.28 29.57
CA LEU A 195 -16.26 24.16 28.45
C LEU A 195 -14.78 24.47 28.44
N ARG A 196 -14.23 24.85 27.28
CA ARG A 196 -12.82 25.18 27.28
C ARG A 196 -12.52 26.28 26.29
N THR A 197 -11.46 27.03 26.57
CA THR A 197 -11.06 28.17 25.77
C THR A 197 -9.78 27.90 25.00
N ILE A 198 -9.64 26.68 24.48
CA ILE A 198 -8.52 26.33 23.61
C ILE A 198 -9.15 25.49 22.50
N PRO A 199 -8.73 25.67 21.24
CA PRO A 199 -9.32 24.88 20.15
C PRO A 199 -9.10 23.39 20.30
N ASN A 200 -10.04 22.64 19.75
CA ASN A 200 -10.00 21.18 19.65
C ASN A 200 -8.79 20.76 18.81
N ASP A 201 -8.46 19.47 18.88
CA ASP A 201 -7.39 18.93 18.07
C ASP A 201 -7.89 18.14 16.87
N GLU A 202 -9.09 18.40 16.42
CA GLU A 202 -9.50 17.92 15.11
C GLU A 202 -8.94 18.78 13.99
N HIS A 203 -8.43 19.96 14.31
CA HIS A 203 -7.88 20.87 13.32
C HIS A 203 -6.37 20.78 13.21
N GLN A 204 -5.69 20.45 14.31
CA GLN A 204 -4.24 20.42 14.29
C GLN A 204 -3.71 19.19 13.57
N ALA A 205 -4.39 18.06 13.72
CA ALA A 205 -4.02 16.88 12.95
C ALA A 205 -4.42 16.98 11.49
N THR A 206 -5.30 17.90 11.13
CA THR A 206 -5.51 18.24 9.74
C THR A 206 -4.41 19.13 9.22
N ALA A 207 -3.97 20.07 10.05
CA ALA A 207 -2.93 21.00 9.64
C ALA A 207 -1.60 20.29 9.43
N MET A 208 -1.29 19.31 10.27
CA MET A 208 -0.03 18.60 10.10
C MET A 208 -0.05 17.63 8.93
N ALA A 209 -1.22 17.31 8.39
CA ALA A 209 -1.26 16.59 7.12
C ALA A 209 -1.23 17.54 5.93
N ASP A 210 -1.80 18.73 6.08
CA ASP A 210 -1.71 19.75 5.04
C ASP A 210 -0.28 20.21 4.81
N ILE A 211 0.52 20.28 5.88
CA ILE A 211 1.91 20.69 5.74
C ILE A 211 2.70 19.62 4.97
N ILE A 212 2.50 18.35 5.31
CA ILE A 212 3.21 17.25 4.66
C ILE A 212 2.77 17.11 3.21
N GLU A 213 1.49 17.36 2.92
CA GLU A 213 1.03 17.39 1.54
C GLU A 213 1.62 18.58 0.78
N TYR A 214 1.77 19.72 1.47
CA TYR A 214 2.23 20.93 0.82
C TYR A 214 3.72 20.86 0.47
N PHE A 215 4.53 20.21 1.30
CA PHE A 215 5.94 20.09 1.00
C PHE A 215 6.27 18.87 0.15
N ARG A 216 5.26 18.10 -0.24
CA ARG A 216 5.38 16.90 -1.08
C ARG A 216 6.30 15.86 -0.45
N TRP A 217 5.85 15.35 0.69
CA TRP A 217 6.43 14.21 1.35
C TRP A 217 5.41 13.07 1.33
N ASN A 218 5.90 11.84 1.28
CA ASN A 218 4.97 10.73 1.42
C ASN A 218 5.53 9.59 2.27
N TRP A 219 6.54 9.87 3.09
CA TRP A 219 7.07 8.82 3.95
C TRP A 219 7.45 9.43 5.30
N VAL A 220 6.53 9.34 6.24
CA VAL A 220 6.65 9.99 7.54
C VAL A 220 6.58 8.94 8.63
N GLY A 221 6.85 9.37 9.86
CA GLY A 221 6.63 8.52 11.01
C GLY A 221 6.04 9.35 12.14
N THR A 222 5.28 8.68 13.01
CA THR A 222 4.59 9.36 14.09
C THR A 222 5.07 8.85 15.43
N ILE A 223 5.06 9.75 16.41
CA ILE A 223 5.35 9.44 17.81
C ILE A 223 4.34 10.22 18.65
N ALA A 224 3.69 9.55 19.59
CA ALA A 224 2.63 10.19 20.35
C ALA A 224 2.74 9.83 21.82
N ALA A 225 2.48 10.81 22.69
CA ALA A 225 2.53 10.57 24.12
C ALA A 225 1.33 9.75 24.56
N ASP A 226 1.58 8.67 25.28
CA ASP A 226 0.51 7.76 25.69
C ASP A 226 -0.23 8.34 26.89
N ASP A 227 -1.11 9.29 26.61
CA ASP A 227 -2.20 9.67 27.52
C ASP A 227 -3.31 10.19 26.63
N ASP A 228 -4.34 10.77 27.23
CA ASP A 228 -5.50 11.20 26.46
C ASP A 228 -5.27 12.33 25.47
N TYR A 229 -4.04 12.79 25.27
CA TYR A 229 -3.74 13.87 24.34
C TYR A 229 -3.11 13.37 23.04
N GLY A 230 -2.07 12.56 23.12
CA GLY A 230 -1.46 12.07 21.90
C GLY A 230 -2.21 10.93 21.27
N ARG A 231 -2.89 10.12 22.08
CA ARG A 231 -3.52 8.90 21.56
C ARG A 231 -4.72 9.18 20.66
N PRO A 232 -5.71 10.02 21.02
CA PRO A 232 -6.76 10.30 20.04
C PRO A 232 -6.42 11.42 19.09
N GLY A 233 -5.21 11.96 19.17
CA GLY A 233 -4.81 13.03 18.28
C GLY A 233 -3.91 12.54 17.19
N ILE A 234 -3.30 11.37 17.37
CA ILE A 234 -2.55 10.77 16.27
C ILE A 234 -3.42 9.86 15.42
N GLU A 235 -4.57 9.42 15.93
CA GLU A 235 -5.50 8.67 15.10
C GLU A 235 -6.20 9.57 14.10
N LYS A 236 -6.43 10.82 14.45
CA LYS A 236 -6.97 11.76 13.48
C LYS A 236 -5.96 12.08 12.40
N PHE A 237 -4.67 12.13 12.75
CA PHE A 237 -3.65 12.34 11.74
C PHE A 237 -3.50 11.11 10.85
N ARG A 238 -3.62 9.92 11.41
CA ARG A 238 -3.59 8.71 10.58
C ARG A 238 -4.80 8.63 9.68
N GLU A 239 -5.97 9.06 10.16
CA GLU A 239 -7.17 9.02 9.34
C GLU A 239 -7.15 10.07 8.24
N GLU A 240 -6.48 11.18 8.46
CA GLU A 240 -6.43 12.24 7.46
C GLU A 240 -5.15 12.29 6.66
N ALA A 241 -4.20 11.40 6.94
CA ALA A 241 -3.04 11.22 6.07
C ALA A 241 -3.06 9.86 5.39
N GLU A 242 -4.25 9.33 5.11
CA GLU A 242 -4.39 8.25 4.15
C GLU A 242 -5.44 8.57 3.10
N GLU A 243 -6.17 9.66 3.26
CA GLU A 243 -6.92 10.26 2.19
C GLU A 243 -6.06 11.15 1.31
N ARG A 244 -4.82 11.41 1.73
CA ARG A 244 -3.85 12.14 0.93
C ARG A 244 -2.72 11.25 0.45
N ASP A 245 -2.76 9.97 0.80
CA ASP A 245 -1.73 9.03 0.39
C ASP A 245 -0.48 9.18 1.25
N ILE A 246 -0.65 9.71 2.45
CA ILE A 246 0.47 9.91 3.37
C ILE A 246 0.79 8.64 4.15
N CYS A 247 1.29 7.63 3.43
CA CYS A 247 1.63 6.35 4.05
C CYS A 247 2.52 6.55 5.28
N ILE A 248 2.20 5.85 6.36
CA ILE A 248 2.96 5.95 7.60
C ILE A 248 4.00 4.85 7.69
N ASP A 249 5.21 5.21 8.11
CA ASP A 249 6.30 4.26 8.24
C ASP A 249 6.24 3.53 9.57
N PHE A 250 6.38 4.28 10.67
CA PHE A 250 6.34 3.70 12.00
C PHE A 250 5.42 4.53 12.87
N SER A 251 5.00 3.94 13.99
CA SER A 251 4.12 4.62 14.93
C SER A 251 4.42 4.06 16.32
N GLU A 252 5.04 4.86 17.17
CA GLU A 252 5.40 4.40 18.50
C GLU A 252 4.80 5.33 19.54
N LEU A 253 4.62 4.79 20.74
CA LEU A 253 4.03 5.52 21.85
C LEU A 253 5.04 5.63 22.98
N ILE A 254 5.20 6.83 23.51
CA ILE A 254 6.13 7.07 24.60
C ILE A 254 5.36 7.56 25.81
N SER A 255 6.06 7.81 26.91
CA SER A 255 5.46 8.36 28.11
C SER A 255 6.57 9.05 28.88
N GLN A 256 6.22 9.62 30.01
CA GLN A 256 7.26 10.17 30.88
C GLN A 256 7.66 9.19 31.98
N TYR A 257 7.00 8.04 32.06
CA TYR A 257 7.36 6.99 32.99
C TYR A 257 7.78 5.71 32.27
N SER A 258 8.17 5.81 31.01
CA SER A 258 8.55 4.62 30.27
C SER A 258 9.92 4.14 30.72
N ASP A 259 10.18 2.87 30.48
CA ASP A 259 11.42 2.24 30.89
C ASP A 259 12.44 2.22 29.75
N GLU A 260 13.67 1.87 30.12
CA GLU A 260 14.81 2.01 29.22
C GLU A 260 14.71 1.07 28.03
N GLU A 261 14.06 -0.07 28.19
CA GLU A 261 13.81 -0.95 27.05
C GLU A 261 12.87 -0.30 26.05
N GLU A 262 11.88 0.45 26.53
CA GLU A 262 10.94 1.11 25.63
C GLU A 262 11.58 2.29 24.92
N ILE A 263 12.38 3.08 25.64
CA ILE A 263 13.05 4.21 25.00
C ILE A 263 14.09 3.72 23.99
N GLN A 264 14.79 2.63 24.33
CA GLN A 264 15.75 2.06 23.39
C GLN A 264 15.05 1.48 22.18
N HIS A 265 13.86 0.90 22.36
CA HIS A 265 13.11 0.37 21.23
C HIS A 265 12.64 1.49 20.32
N VAL A 266 12.21 2.61 20.88
CA VAL A 266 11.74 3.72 20.05
C VAL A 266 12.89 4.33 19.26
N VAL A 267 14.06 4.52 19.89
CA VAL A 267 15.17 5.08 19.13
C VAL A 267 15.76 4.07 18.16
N GLU A 268 15.60 2.77 18.40
CA GLU A 268 16.02 1.78 17.40
C GLU A 268 15.07 1.75 16.22
N VAL A 269 13.78 2.01 16.42
CA VAL A 269 12.88 2.12 15.29
C VAL A 269 13.15 3.41 14.50
N ILE A 270 13.55 4.49 15.19
CA ILE A 270 13.90 5.72 14.48
C ILE A 270 15.15 5.53 13.64
N GLN A 271 16.18 4.88 14.21
CA GLN A 271 17.42 4.65 13.46
C GLN A 271 17.23 3.63 12.35
N ASN A 272 16.49 2.55 12.63
CA ASN A 272 16.27 1.48 11.66
C ASN A 272 15.36 1.86 10.51
N SER A 273 14.85 3.09 10.46
CA SER A 273 13.98 3.52 9.39
C SER A 273 14.69 4.53 8.52
N THR A 274 14.06 4.86 7.39
CA THR A 274 14.55 5.90 6.49
C THR A 274 13.40 6.85 6.19
N ALA A 275 13.16 7.78 7.12
CA ALA A 275 12.10 8.76 6.98
C ALA A 275 12.51 9.97 7.79
N LYS A 276 12.44 11.14 7.18
CA LYS A 276 12.98 12.34 7.81
C LYS A 276 11.94 13.19 8.51
N VAL A 277 10.67 13.05 8.14
CA VAL A 277 9.60 13.78 8.79
C VAL A 277 9.07 12.93 9.94
N ILE A 278 9.18 13.44 11.16
CA ILE A 278 8.69 12.75 12.34
C ILE A 278 7.65 13.64 12.99
N VAL A 279 6.40 13.20 13.01
CA VAL A 279 5.31 13.97 13.56
C VAL A 279 5.16 13.60 15.02
N VAL A 280 5.56 14.49 15.92
CA VAL A 280 5.50 14.22 17.35
C VAL A 280 4.28 14.91 17.91
N PHE A 281 3.32 14.13 18.35
CA PHE A 281 2.08 14.61 18.95
C PHE A 281 2.15 14.29 20.43
N SER A 282 2.81 15.15 21.19
CA SER A 282 3.13 14.84 22.57
C SER A 282 3.07 16.10 23.40
N SER A 283 3.30 15.95 24.69
CA SER A 283 3.30 17.05 25.62
C SER A 283 4.72 17.48 25.91
N GLY A 284 4.89 18.35 26.89
CA GLY A 284 6.19 18.89 27.23
C GLY A 284 7.12 17.87 27.85
N PRO A 285 6.85 17.43 29.08
CA PRO A 285 7.73 16.48 29.75
C PRO A 285 7.51 15.02 29.38
N ASP A 286 6.71 14.71 28.36
CA ASP A 286 6.64 13.34 27.87
C ASP A 286 7.67 13.06 26.80
N LEU A 287 8.09 14.08 26.08
CA LEU A 287 9.16 13.96 25.09
C LEU A 287 10.54 14.07 25.72
N GLU A 288 10.63 14.40 27.00
CA GLU A 288 11.92 14.61 27.65
C GLU A 288 12.82 13.37 27.69
N PRO A 289 12.37 12.16 28.09
CA PRO A 289 13.31 11.03 28.07
C PRO A 289 13.66 10.55 26.69
N LEU A 290 12.84 10.86 25.69
CA LEU A 290 13.22 10.52 24.33
C LEU A 290 14.22 11.50 23.76
N ILE A 291 14.04 12.79 24.04
CA ILE A 291 14.91 13.81 23.49
C ILE A 291 16.30 13.76 24.14
N LYS A 292 16.34 13.51 25.46
CA LYS A 292 17.60 13.33 26.16
C LYS A 292 18.42 12.18 25.57
N GLU A 293 17.78 11.04 25.34
CA GLU A 293 18.51 9.89 24.84
C GLU A 293 18.82 9.97 23.36
N ILE A 294 17.99 10.67 22.58
CA ILE A 294 18.31 10.88 21.17
C ILE A 294 19.50 11.82 21.04
N VAL A 295 19.61 12.82 21.93
CA VAL A 295 20.80 13.67 21.98
C VAL A 295 22.01 12.85 22.41
N ARG A 296 21.83 11.97 23.39
CA ARG A 296 22.94 11.15 23.87
C ARG A 296 23.41 10.12 22.84
N ARG A 297 22.56 9.74 21.90
CA ARG A 297 22.98 8.85 20.83
C ARG A 297 23.15 9.54 19.48
N ASN A 298 22.82 10.83 19.41
CA ASN A 298 23.17 11.74 18.30
C ASN A 298 22.57 11.30 16.96
N ILE A 299 21.25 11.28 16.90
CA ILE A 299 20.53 10.85 15.69
C ILE A 299 20.12 12.12 14.95
N THR A 300 20.98 12.57 14.05
CA THR A 300 20.82 13.82 13.33
C THR A 300 20.19 13.58 11.96
N GLY A 301 19.48 14.58 11.46
CA GLY A 301 18.95 14.58 10.10
C GLY A 301 17.45 14.74 10.03
N LYS A 302 16.72 14.26 11.04
CA LYS A 302 15.27 14.30 11.01
C LYS A 302 14.74 15.70 11.24
N ILE A 303 13.59 16.00 10.64
CA ILE A 303 12.87 17.22 10.91
C ILE A 303 11.59 16.85 11.68
N TRP A 304 11.40 17.48 12.83
CA TRP A 304 10.33 17.12 13.75
C TRP A 304 9.17 18.07 13.57
N LEU A 305 8.09 17.60 12.97
CA LEU A 305 6.87 18.39 13.04
C LEU A 305 6.32 18.28 14.44
N ALA A 306 5.95 19.42 15.01
CA ALA A 306 5.67 19.50 16.43
C ALA A 306 4.19 19.73 16.66
N SER A 307 3.66 19.12 17.76
CA SER A 307 2.34 19.47 18.22
C SER A 307 2.38 20.79 18.94
N GLU A 308 1.23 21.29 19.31
CA GLU A 308 1.16 22.58 19.99
C GLU A 308 1.73 22.53 21.39
N ALA A 309 1.74 21.36 22.02
CA ALA A 309 2.06 21.30 23.43
C ALA A 309 3.55 21.44 23.70
N TRP A 310 4.41 21.05 22.76
CA TRP A 310 5.83 21.16 22.97
C TRP A 310 6.55 22.03 21.96
N ALA A 311 5.85 22.61 20.99
CA ALA A 311 6.50 23.48 20.01
C ALA A 311 6.98 24.78 20.61
N SER A 312 6.46 25.18 21.77
CA SER A 312 7.02 26.27 22.55
C SER A 312 7.14 25.77 23.98
N SER A 313 8.23 25.07 24.28
CA SER A 313 8.43 24.42 25.55
C SER A 313 9.80 24.73 26.10
N SER A 314 9.88 25.00 27.40
CA SER A 314 11.14 25.33 28.05
C SER A 314 11.90 24.11 28.56
N LEU A 315 11.58 22.93 28.03
CA LEU A 315 12.32 21.72 28.33
C LEU A 315 12.96 21.09 27.11
N ILE A 316 12.35 21.24 25.94
CA ILE A 316 12.89 20.72 24.70
C ILE A 316 13.67 21.79 23.94
N ALA A 317 13.19 23.03 23.95
CA ALA A 317 13.94 24.14 23.38
C ALA A 317 15.04 24.54 24.35
N MET A 318 16.13 23.80 24.28
CA MET A 318 17.31 24.00 25.10
C MET A 318 18.47 24.00 24.12
N PRO A 319 19.51 24.81 24.35
CA PRO A 319 20.52 25.01 23.29
C PRO A 319 21.41 23.82 23.03
N GLN A 320 21.59 22.92 24.00
CA GLN A 320 22.45 21.78 23.75
C GLN A 320 21.73 20.65 23.03
N TYR A 321 20.42 20.75 22.83
CA TYR A 321 19.70 19.76 22.05
C TYR A 321 19.63 20.12 20.58
N PHE A 322 20.26 21.22 20.19
CA PHE A 322 20.08 21.77 18.85
C PHE A 322 20.82 20.99 17.77
N HIS A 323 21.56 19.95 18.12
CA HIS A 323 22.10 19.07 17.08
C HIS A 323 20.97 18.34 16.37
N VAL A 324 20.02 17.80 17.14
CA VAL A 324 18.97 16.98 16.56
C VAL A 324 17.64 17.74 16.52
N VAL A 325 17.45 18.71 17.42
CA VAL A 325 16.19 19.43 17.46
C VAL A 325 16.39 20.81 16.86
N GLY A 326 16.17 20.93 15.58
CA GLY A 326 16.29 22.20 14.90
C GLY A 326 15.44 22.19 13.65
N GLY A 327 14.90 23.35 13.31
CA GLY A 327 14.02 23.41 12.18
C GLY A 327 12.66 22.79 12.41
N THR A 328 12.27 22.63 13.68
CA THR A 328 11.04 21.93 14.02
C THR A 328 9.85 22.85 13.77
N ILE A 329 9.19 22.65 12.63
CA ILE A 329 8.03 23.45 12.27
C ILE A 329 6.88 23.08 13.19
N GLY A 330 6.58 23.93 14.15
CA GLY A 330 5.60 23.64 15.15
C GLY A 330 4.31 24.40 14.95
N PHE A 331 3.52 24.46 16.01
CA PHE A 331 2.30 25.25 16.04
C PHE A 331 2.26 26.05 17.32
N ALA A 332 1.46 27.11 17.31
CA ALA A 332 1.27 27.92 18.49
C ALA A 332 -0.06 28.62 18.35
N LEU A 333 -0.70 28.89 19.48
CA LEU A 333 -2.01 29.53 19.43
C LEU A 333 -1.85 31.01 19.11
N LYS A 334 -2.98 31.68 18.92
CA LYS A 334 -2.95 33.10 18.66
C LYS A 334 -2.63 33.86 19.93
N ALA A 335 -1.65 34.75 19.87
CA ALA A 335 -1.20 35.47 21.04
C ALA A 335 -2.24 36.49 21.48
N GLY A 336 -2.14 36.91 22.75
CA GLY A 336 -3.04 37.86 23.32
C GLY A 336 -2.31 39.08 23.86
N GLN A 337 -3.08 40.03 24.35
CA GLN A 337 -2.54 41.25 24.94
C GLN A 337 -3.28 41.49 26.25
N ILE A 338 -2.55 41.42 27.35
CA ILE A 338 -3.10 41.71 28.67
C ILE A 338 -2.43 42.98 29.19
N PRO A 339 -3.18 44.04 29.52
CA PRO A 339 -2.55 45.30 29.91
C PRO A 339 -2.24 45.38 31.38
N GLY A 340 -1.01 45.74 31.74
CA GLY A 340 -0.59 45.81 33.12
C GLY A 340 -0.11 44.52 33.69
N PHE A 341 -0.10 43.45 32.89
CA PHE A 341 0.22 42.13 33.42
C PHE A 341 1.71 41.98 33.68
N ARG A 342 2.55 42.49 32.77
CA ARG A 342 3.99 42.39 32.98
C ARG A 342 4.45 43.25 34.15
N GLU A 343 3.78 44.37 34.38
CA GLU A 343 4.08 45.14 35.57
C GLU A 343 3.48 44.52 36.82
N PHE A 344 2.47 43.66 36.68
CA PHE A 344 1.96 42.95 37.84
C PHE A 344 2.85 41.77 38.23
N LEU A 345 3.51 41.16 37.25
CA LEU A 345 4.35 40.00 37.53
C LEU A 345 5.54 40.35 38.41
N LYS A 346 6.09 41.55 38.26
CA LYS A 346 7.24 41.98 39.06
C LYS A 346 6.88 42.42 40.46
N LYS A 347 5.59 42.54 40.78
CA LYS A 347 5.15 43.00 42.09
C LYS A 347 5.02 41.86 43.09
N VAL A 348 5.68 40.74 42.85
CA VAL A 348 5.53 39.57 43.72
C VAL A 348 6.57 39.64 44.83
N HIS A 349 6.26 39.01 45.96
CA HIS A 349 7.11 39.01 47.15
C HIS A 349 6.68 37.89 48.05
N PRO A 350 7.60 37.24 48.76
CA PRO A 350 7.20 36.23 49.74
C PRO A 350 6.63 36.80 51.02
N ARG A 351 6.70 38.11 51.24
CA ARG A 351 6.14 38.72 52.43
C ARG A 351 4.94 39.60 52.16
N LYS A 352 4.94 40.37 51.08
CA LYS A 352 3.80 41.22 50.78
C LYS A 352 2.61 40.46 50.22
N SER A 353 2.82 39.24 49.71
CA SER A 353 1.74 38.43 49.18
C SER A 353 1.28 37.48 50.29
N VAL A 354 0.26 37.91 51.02
CA VAL A 354 -0.28 37.10 52.11
C VAL A 354 -1.29 36.10 51.59
N HIS A 355 -1.87 36.34 50.41
CA HIS A 355 -2.86 35.45 49.82
C HIS A 355 -2.28 34.61 48.70
N ASN A 356 -1.03 34.17 48.84
CA ASN A 356 -0.38 33.41 47.78
C ASN A 356 0.66 32.51 48.42
N GLY A 357 0.31 31.24 48.61
CA GLY A 357 1.21 30.31 49.27
C GLY A 357 2.32 29.76 48.41
N PHE A 358 2.30 30.01 47.11
CA PHE A 358 3.34 29.50 46.24
C PHE A 358 4.49 30.48 46.07
N ALA A 359 4.35 31.69 46.63
CA ALA A 359 5.33 32.74 46.37
C ALA A 359 6.66 32.44 47.02
N LYS A 360 6.65 31.83 48.21
CA LYS A 360 7.89 31.47 48.88
C LYS A 360 8.63 30.38 48.12
N GLU A 361 7.90 29.40 47.59
CA GLU A 361 8.51 28.33 46.81
C GLU A 361 9.08 28.87 45.50
N PHE A 362 8.36 29.81 44.86
CA PHE A 362 8.87 30.43 43.65
C PHE A 362 10.11 31.27 43.92
N TRP A 363 10.09 32.03 45.01
CA TRP A 363 11.21 32.87 45.40
C TRP A 363 12.46 32.05 45.67
N GLU A 364 12.30 31.01 46.50
CA GLU A 364 13.41 30.13 46.85
C GLU A 364 13.93 29.37 45.63
N GLU A 365 13.05 29.00 44.71
CA GLU A 365 13.52 28.27 43.54
C GLU A 365 14.11 29.18 42.47
N THR A 366 13.76 30.46 42.44
CA THR A 366 14.33 31.34 41.43
C THR A 366 15.57 32.07 41.90
N PHE A 367 15.83 32.13 43.20
CA PHE A 367 17.00 32.85 43.70
C PHE A 367 18.03 31.95 44.36
N ASN A 368 17.79 30.63 44.38
CA ASN A 368 18.63 29.63 45.06
C ASN A 368 18.85 30.00 46.53
N CYS A 369 17.79 30.49 47.15
CA CYS A 369 17.82 30.94 48.52
C CYS A 369 17.39 29.79 49.44
N HIS A 370 17.14 30.13 50.69
CA HIS A 370 16.36 29.29 51.60
C HIS A 370 15.78 30.33 52.55
N LEU A 371 14.47 30.53 52.47
CA LEU A 371 13.84 31.63 53.16
C LEU A 371 13.59 31.21 54.61
N GLN A 372 14.12 32.00 55.54
CA GLN A 372 14.02 31.71 56.96
C GLN A 372 12.92 32.55 57.57
N GLU A 373 12.06 31.93 58.38
CA GLU A 373 10.98 32.64 59.05
C GLU A 373 10.90 32.20 60.51
N PHE A 402 25.07 25.03 51.92
CA PHE A 402 24.43 24.60 50.68
C PHE A 402 23.53 25.69 50.11
N ARG A 403 22.56 26.13 50.91
CA ARG A 403 21.61 27.15 50.53
C ARG A 403 21.75 28.35 51.44
N PRO A 404 22.15 29.52 50.94
CA PRO A 404 22.27 30.69 51.80
C PRO A 404 20.92 31.24 52.20
N LEU A 405 20.88 31.91 53.34
CA LEU A 405 19.65 32.55 53.79
C LEU A 405 19.33 33.74 52.90
N CYS A 406 18.04 33.93 52.63
CA CYS A 406 17.57 34.93 51.69
C CYS A 406 17.24 36.22 52.43
N THR A 407 17.82 37.33 51.98
CA THR A 407 17.48 38.63 52.55
C THR A 407 16.09 39.05 52.14
N GLY A 408 15.66 38.68 50.94
CA GLY A 408 14.36 39.07 50.45
C GLY A 408 14.30 40.46 49.86
N ASP A 409 15.41 40.93 49.28
CA ASP A 409 15.47 42.26 48.68
C ASP A 409 16.03 42.19 47.27
N GLU A 410 15.82 41.07 46.59
CA GLU A 410 16.44 40.87 45.30
C GLU A 410 15.63 41.54 44.19
N ASN A 411 16.16 41.46 42.97
CA ASN A 411 15.56 42.06 41.80
C ASN A 411 15.08 40.94 40.89
N ILE A 412 13.77 40.90 40.64
CA ILE A 412 13.17 39.78 39.92
C ILE A 412 13.50 39.84 38.44
N SER A 413 13.75 41.03 37.89
CA SER A 413 14.09 41.18 36.49
C SER A 413 15.56 40.90 36.20
N SER A 414 16.32 40.45 37.19
CA SER A 414 17.75 40.23 36.99
C SER A 414 18.07 38.85 36.44
N VAL A 415 17.48 37.80 36.98
CA VAL A 415 17.77 36.45 36.54
C VAL A 415 16.94 36.14 35.31
N GLU A 416 17.37 35.13 34.56
CA GLU A 416 16.67 34.70 33.35
C GLU A 416 15.90 33.43 33.65
N THR A 417 14.59 33.47 33.42
CA THR A 417 13.67 32.39 33.77
C THR A 417 12.42 32.56 32.93
N PRO A 418 11.70 31.47 32.62
CA PRO A 418 10.48 31.61 31.81
C PRO A 418 9.32 32.30 32.51
N TYR A 419 9.46 32.68 33.77
CA TYR A 419 8.42 33.43 34.46
C TYR A 419 8.27 34.83 33.88
N ILE A 420 9.35 35.43 33.41
CA ILE A 420 9.31 36.83 33.01
C ILE A 420 9.94 37.03 31.65
N ASP A 421 10.66 36.03 31.15
CA ASP A 421 11.24 36.08 29.82
C ASP A 421 10.27 35.43 28.85
N TYR A 422 9.33 36.23 28.34
CA TYR A 422 8.34 35.75 27.40
C TYR A 422 8.11 36.81 26.33
N THR A 423 7.78 36.36 25.13
CA THR A 423 7.51 37.25 24.02
C THR A 423 6.04 37.32 23.63
N HIS A 424 5.27 36.27 23.90
CA HIS A 424 3.85 36.26 23.58
C HIS A 424 3.10 35.48 24.64
N LEU A 425 2.02 36.06 25.14
CA LEU A 425 1.10 35.35 26.02
C LEU A 425 0.15 34.50 25.18
N ARG A 426 0.23 33.18 25.32
CA ARG A 426 -0.65 32.30 24.57
C ARG A 426 -1.59 31.52 25.47
N ILE A 427 -1.07 30.78 26.45
CA ILE A 427 -1.94 30.05 27.37
C ILE A 427 -2.34 30.93 28.56
N SER A 428 -1.49 31.89 28.93
CA SER A 428 -1.81 32.86 29.96
C SER A 428 -3.00 33.73 29.57
N TYR A 429 -3.11 34.05 28.28
CA TYR A 429 -4.29 34.75 27.80
C TYR A 429 -5.53 33.87 27.87
N ASN A 430 -5.37 32.56 27.70
CA ASN A 430 -6.51 31.66 27.84
C ASN A 430 -6.99 31.56 29.28
N VAL A 431 -6.06 31.65 30.24
CA VAL A 431 -6.47 31.70 31.65
C VAL A 431 -7.26 32.96 31.93
N TYR A 432 -6.75 34.10 31.43
CA TYR A 432 -7.46 35.37 31.55
C TYR A 432 -8.84 35.31 30.92
N LEU A 433 -8.95 34.68 29.76
CA LEU A 433 -10.22 34.58 29.07
C LEU A 433 -11.20 33.66 29.79
N ALA A 434 -10.71 32.60 30.43
CA ALA A 434 -11.60 31.70 31.16
C ALA A 434 -12.19 32.37 32.39
N VAL A 435 -11.36 33.09 33.16
CA VAL A 435 -11.93 33.73 34.33
C VAL A 435 -12.80 34.93 33.93
N TYR A 436 -12.52 35.57 32.79
CA TYR A 436 -13.47 36.57 32.32
C TYR A 436 -14.77 35.95 31.80
N SER A 437 -14.72 34.72 31.31
CA SER A 437 -15.96 34.04 30.91
C SER A 437 -16.84 33.77 32.11
N ILE A 438 -16.25 33.32 33.22
CA ILE A 438 -17.06 33.11 34.42
C ILE A 438 -17.57 34.43 34.98
N ALA A 439 -16.79 35.50 34.86
CA ALA A 439 -17.27 36.80 35.32
C ALA A 439 -18.40 37.34 34.44
N HIS A 440 -18.31 37.16 33.13
CA HIS A 440 -19.38 37.59 32.24
C HIS A 440 -20.58 36.67 32.24
N ALA A 441 -20.50 35.50 32.89
CA ALA A 441 -21.73 34.76 33.16
C ALA A 441 -22.37 35.19 34.47
N LEU A 442 -21.56 35.45 35.49
CA LEU A 442 -22.10 35.99 36.75
C LEU A 442 -22.70 37.37 36.55
N GLN A 443 -22.18 38.14 35.60
CA GLN A 443 -22.76 39.45 35.28
C GLN A 443 -24.16 39.30 34.70
N ASP A 444 -24.38 38.32 33.83
CA ASP A 444 -25.71 38.13 33.28
C ASP A 444 -26.67 37.52 34.29
N ILE A 445 -26.17 36.80 35.30
CA ILE A 445 -27.07 36.46 36.39
C ILE A 445 -27.39 37.68 37.23
N TYR A 446 -26.45 38.62 37.33
CA TYR A 446 -26.66 39.81 38.13
C TYR A 446 -27.65 40.78 37.49
N THR A 447 -27.59 40.95 36.17
CA THR A 447 -28.40 41.94 35.48
C THR A 447 -29.58 41.32 34.74
N CYS A 448 -30.25 40.34 35.32
CA CYS A 448 -31.43 39.74 34.71
C CYS A 448 -32.69 40.32 35.34
N LEU A 449 -33.61 40.76 34.48
CA LEU A 449 -34.95 41.22 34.77
C LEU A 449 -35.93 40.05 34.76
N PRO A 450 -36.94 40.05 35.64
CA PRO A 450 -37.85 38.91 35.70
C PRO A 450 -38.75 38.82 34.48
N GLY A 451 -39.22 37.61 34.20
CA GLY A 451 -39.95 37.35 32.98
C GLY A 451 -39.10 37.38 31.73
N ARG A 452 -37.78 37.32 31.86
CA ARG A 452 -36.87 37.49 30.73
C ARG A 452 -35.71 36.49 30.71
N GLY A 453 -35.46 35.76 31.79
CA GLY A 453 -34.25 34.98 31.93
C GLY A 453 -34.24 33.69 31.14
N LEU A 454 -33.35 32.79 31.54
CA LEU A 454 -33.08 31.57 30.80
C LEU A 454 -33.67 30.33 31.45
N PHE A 455 -34.12 30.41 32.69
CA PHE A 455 -34.60 29.24 33.41
C PHE A 455 -36.06 28.96 33.07
N THR A 456 -36.71 28.10 33.84
CA THR A 456 -38.09 27.74 33.53
C THR A 456 -39.02 28.93 33.77
N ASN A 457 -39.92 29.15 32.80
CA ASN A 457 -40.89 30.25 32.76
C ASN A 457 -40.21 31.63 32.81
N GLY A 458 -38.96 31.72 32.34
CA GLY A 458 -38.23 32.97 32.30
C GLY A 458 -37.76 33.51 33.63
N SER A 459 -38.15 32.92 34.76
CA SER A 459 -37.85 33.47 36.07
C SER A 459 -36.39 33.19 36.41
N CYS A 460 -35.54 34.20 36.29
CA CYS A 460 -34.14 33.98 36.60
C CYS A 460 -33.90 34.02 38.10
N ALA A 461 -32.73 33.55 38.50
CA ALA A 461 -32.39 33.38 39.91
C ALA A 461 -31.56 34.55 40.42
N ASP A 462 -31.48 34.63 41.75
CA ASP A 462 -30.80 35.72 42.44
C ASP A 462 -29.29 35.51 42.41
N ILE A 463 -28.56 36.38 43.11
CA ILE A 463 -27.12 36.31 43.20
C ILE A 463 -26.67 35.86 44.58
N LYS A 464 -27.35 36.35 45.63
CA LYS A 464 -26.97 36.05 47.02
C LYS A 464 -27.12 34.57 47.36
N LYS A 465 -27.97 33.84 46.64
CA LYS A 465 -28.00 32.38 46.70
C LYS A 465 -27.92 31.90 45.26
N VAL A 466 -26.69 31.79 44.75
CA VAL A 466 -26.45 31.34 43.39
C VAL A 466 -25.80 29.97 43.46
N GLU A 467 -26.17 29.10 42.53
CA GLU A 467 -25.69 27.73 42.49
C GLU A 467 -24.84 27.52 41.26
N ALA A 468 -24.20 26.36 41.20
CA ALA A 468 -23.23 26.10 40.14
C ALA A 468 -23.92 25.81 38.81
N TRP A 469 -25.08 25.15 38.84
CA TRP A 469 -25.73 24.79 37.60
C TRP A 469 -26.34 26.00 36.90
N GLN A 470 -26.65 27.07 37.64
CA GLN A 470 -27.12 28.29 37.01
C GLN A 470 -26.00 28.98 36.24
N VAL A 471 -24.80 29.01 36.83
CA VAL A 471 -23.64 29.53 36.14
C VAL A 471 -23.29 28.67 34.95
N LEU A 472 -23.55 27.36 35.04
CA LEU A 472 -23.35 26.49 33.88
C LEU A 472 -24.33 26.83 32.75
N LYS A 473 -25.59 27.09 33.12
CA LYS A 473 -26.60 27.46 32.13
C LYS A 473 -26.26 28.77 31.44
N HIS A 474 -25.80 29.75 32.21
CA HIS A 474 -25.42 31.02 31.59
C HIS A 474 -24.11 30.91 30.83
N LEU A 475 -23.21 30.01 31.23
CA LEU A 475 -21.94 29.86 30.55
C LEU A 475 -22.11 29.16 29.22
N ARG A 476 -23.16 28.34 29.07
CA ARG A 476 -23.45 27.79 27.75
C ARG A 476 -23.85 28.89 26.77
N HIS A 477 -24.68 29.82 27.21
CA HIS A 477 -25.15 30.92 26.36
C HIS A 477 -24.33 32.18 26.63
N LEU A 478 -23.08 32.14 26.19
CA LEU A 478 -22.14 33.22 26.44
C LEU A 478 -21.81 33.89 25.12
N ASN A 479 -21.90 35.22 25.10
CA ASN A 479 -21.64 36.05 23.92
C ASN A 479 -21.12 37.37 24.45
N PHE A 480 -19.80 37.51 24.50
CA PHE A 480 -19.18 38.71 25.03
C PHE A 480 -17.94 39.03 24.22
N THR A 481 -17.30 40.13 24.58
CA THR A 481 -16.20 40.69 23.80
C THR A 481 -15.00 40.92 24.70
N ASN A 482 -13.81 40.65 24.15
CA ASN A 482 -12.56 40.77 24.89
C ASN A 482 -12.08 42.21 24.98
N ASN A 483 -10.83 42.38 25.38
CA ASN A 483 -10.13 43.64 25.22
C ASN A 483 -9.58 43.83 23.81
N MET A 484 -9.73 42.82 22.94
CA MET A 484 -9.23 42.89 21.58
C MET A 484 -10.35 42.89 20.55
N GLY A 485 -11.60 43.10 20.98
CA GLY A 485 -12.70 43.22 20.04
C GLY A 485 -13.14 41.94 19.38
N GLU A 486 -12.70 40.79 19.87
CA GLU A 486 -13.12 39.52 19.31
C GLU A 486 -14.32 38.98 20.07
N GLN A 487 -15.16 38.20 19.38
CA GLN A 487 -16.33 37.60 20.00
C GLN A 487 -16.01 36.20 20.49
N VAL A 488 -16.45 35.90 21.70
CA VAL A 488 -16.19 34.62 22.36
C VAL A 488 -17.52 33.95 22.63
N THR A 489 -17.73 32.79 22.02
CA THR A 489 -18.94 32.02 22.24
C THR A 489 -18.60 30.54 22.16
N PHE A 490 -19.11 29.79 23.12
CA PHE A 490 -18.90 28.36 23.17
C PHE A 490 -19.96 27.67 22.34
N ASP A 491 -19.56 26.61 21.66
CA ASP A 491 -20.45 25.89 20.74
C ASP A 491 -21.38 24.98 21.53
N GLU A 492 -22.07 24.08 20.82
CA GLU A 492 -22.87 23.07 21.49
C GLU A 492 -22.03 21.98 22.11
N CYS A 493 -20.76 21.87 21.71
CA CYS A 493 -19.80 20.98 22.35
C CYS A 493 -18.87 21.73 23.29
N GLY A 494 -19.08 23.02 23.48
CA GLY A 494 -18.39 23.78 24.50
C GLY A 494 -16.92 24.02 24.28
N ASP A 495 -16.55 24.70 23.20
CA ASP A 495 -15.16 25.05 22.96
C ASP A 495 -15.10 26.30 22.10
N LEU A 496 -13.90 26.86 21.98
CA LEU A 496 -13.64 28.00 21.12
C LEU A 496 -12.97 27.54 19.85
N VAL A 497 -12.87 28.45 18.89
CA VAL A 497 -12.20 28.21 17.62
C VAL A 497 -11.15 29.30 17.45
N GLY A 498 -9.94 28.91 17.04
CA GLY A 498 -8.85 29.85 16.92
C GLY A 498 -7.97 29.52 15.75
N ASN A 499 -6.97 30.36 15.51
CA ASN A 499 -6.09 30.25 14.35
C ASN A 499 -4.66 30.02 14.82
N TYR A 500 -4.01 29.03 14.23
CA TYR A 500 -2.65 28.66 14.61
C TYR A 500 -1.64 29.48 13.82
N SER A 501 -0.50 29.73 14.45
CA SER A 501 0.57 30.53 13.85
C SER A 501 1.81 29.66 13.84
N ILE A 502 2.16 29.12 12.68
CA ILE A 502 3.22 28.14 12.55
C ILE A 502 4.57 28.79 12.81
N ILE A 503 5.34 28.20 13.71
CA ILE A 503 6.63 28.75 14.09
C ILE A 503 7.74 27.81 13.63
N ASN A 504 8.98 28.26 13.81
CA ASN A 504 10.17 27.52 13.44
C ASN A 504 11.24 27.79 14.49
N TRP A 505 12.14 26.83 14.68
CA TRP A 505 13.08 26.88 15.80
C TRP A 505 14.44 27.31 15.29
N HIS A 506 14.73 28.60 15.41
CA HIS A 506 16.01 29.17 15.04
C HIS A 506 16.87 29.39 16.28
N LEU A 507 18.17 29.32 16.10
CA LEU A 507 19.12 29.61 17.17
C LEU A 507 19.58 31.05 17.04
N SER A 508 19.36 31.84 18.08
CA SER A 508 19.76 33.24 18.04
C SER A 508 21.27 33.35 18.21
N PRO A 509 21.98 33.98 17.27
CA PRO A 509 23.45 33.95 17.33
C PRO A 509 24.05 35.06 18.17
N GLU A 510 23.46 35.37 19.33
CA GLU A 510 24.14 36.14 20.38
C GLU A 510 23.51 35.74 21.71
N ASP A 511 24.08 34.70 22.33
CA ASP A 511 23.78 34.25 23.69
C ASP A 511 22.33 33.83 23.95
N GLY A 512 21.47 33.84 22.93
CA GLY A 512 20.09 33.47 23.12
C GLY A 512 19.89 31.97 23.10
N SER A 513 18.83 31.52 23.76
CA SER A 513 18.63 30.07 23.87
C SER A 513 18.14 29.50 22.55
N ILE A 514 16.92 29.85 22.16
CA ILE A 514 16.29 29.43 20.91
C ILE A 514 15.19 30.46 20.68
N VAL A 515 15.09 31.00 19.48
CA VAL A 515 14.01 31.91 19.15
C VAL A 515 13.07 31.22 18.18
N PHE A 516 11.80 31.58 18.28
CA PHE A 516 10.74 30.96 17.49
C PHE A 516 10.28 31.97 16.44
N LYS A 517 10.65 31.73 15.19
CA LYS A 517 10.33 32.67 14.11
C LYS A 517 9.09 32.19 13.38
N GLU A 518 8.06 33.03 13.35
CA GLU A 518 6.79 32.66 12.74
C GLU A 518 6.88 32.63 11.22
N VAL A 519 6.51 31.51 10.61
CA VAL A 519 6.64 31.32 9.18
C VAL A 519 5.29 31.14 8.49
N GLY A 520 4.19 31.52 9.14
CA GLY A 520 2.93 31.48 8.41
C GLY A 520 1.75 31.49 9.36
N TYR A 521 0.65 30.91 8.88
CA TYR A 521 -0.54 30.75 9.71
C TYR A 521 -1.24 29.48 9.29
N TYR A 522 -2.41 29.24 9.89
CA TYR A 522 -3.30 28.17 9.46
C TYR A 522 -4.70 28.70 9.74
N ASN A 523 -5.36 29.20 8.71
CA ASN A 523 -6.63 29.88 8.86
C ASN A 523 -7.72 28.81 8.83
N VAL A 524 -8.31 28.53 10.00
CA VAL A 524 -9.33 27.48 10.06
C VAL A 524 -10.71 27.98 9.62
N TYR A 525 -10.86 29.28 9.38
CA TYR A 525 -12.14 29.80 8.93
C TYR A 525 -12.35 29.66 7.43
N ALA A 526 -11.28 29.54 6.65
CA ALA A 526 -11.36 29.54 5.20
C ALA A 526 -11.89 28.20 4.69
N LYS A 527 -11.98 28.08 3.38
CA LYS A 527 -12.50 26.88 2.75
C LYS A 527 -11.51 25.73 2.88
N LYS A 528 -12.03 24.51 2.87
CA LYS A 528 -11.21 23.32 3.03
C LYS A 528 -10.33 23.13 1.81
N GLY A 529 -9.02 23.02 2.04
CA GLY A 529 -8.08 22.92 0.94
C GLY A 529 -7.18 24.13 0.84
N GLU A 530 -7.75 25.33 1.01
CA GLU A 530 -6.98 26.56 1.06
C GLU A 530 -7.09 27.12 2.48
N ARG A 531 -6.24 26.60 3.36
CA ARG A 531 -6.18 27.03 4.75
C ARG A 531 -4.79 27.33 5.23
N LEU A 532 -3.76 26.84 4.53
CA LEU A 532 -2.39 26.88 4.98
C LEU A 532 -1.59 27.85 4.13
N PHE A 533 -0.75 28.65 4.78
CA PHE A 533 0.12 29.58 4.10
C PHE A 533 1.51 29.48 4.73
N ILE A 534 2.47 28.96 3.99
CA ILE A 534 3.82 28.74 4.48
C ILE A 534 4.77 29.60 3.66
N ASN A 535 5.25 30.68 4.26
CA ASN A 535 6.26 31.54 3.64
C ASN A 535 7.61 30.85 3.82
N GLU A 536 7.93 29.95 2.88
CA GLU A 536 9.02 29.01 3.09
C GLU A 536 10.40 29.59 2.80
N GLU A 537 10.55 30.91 2.74
CA GLU A 537 11.86 31.53 2.68
C GLU A 537 12.38 31.94 4.05
N LYS A 538 11.67 31.58 5.11
CA LYS A 538 12.12 31.78 6.49
C LYS A 538 12.48 30.48 7.18
N ILE A 539 12.34 29.35 6.51
CA ILE A 539 12.45 28.04 7.15
C ILE A 539 13.90 27.56 7.04
N LEU A 540 14.50 27.21 8.17
CA LEU A 540 15.87 26.70 8.23
C LEU A 540 15.81 25.22 8.56
N TRP A 541 15.82 24.40 7.51
CA TRP A 541 15.70 22.94 7.63
C TRP A 541 16.87 22.36 8.41
N SER A 542 16.55 21.66 9.50
CA SER A 542 17.50 21.09 10.47
C SER A 542 18.47 22.14 11.03
N GLY A 543 18.01 23.38 11.13
CA GLY A 543 18.77 24.42 11.79
C GLY A 543 19.47 25.41 10.88
N PHE A 544 20.06 24.95 9.78
CA PHE A 544 20.91 25.81 8.98
C PHE A 544 20.62 25.77 7.48
N SER A 545 20.07 24.67 6.98
CA SER A 545 19.96 24.47 5.54
C SER A 545 18.84 25.31 4.94
N ARG A 546 18.70 25.24 3.62
CA ARG A 546 17.72 26.07 2.94
C ARG A 546 16.93 25.27 1.92
N GLU A 547 17.47 24.15 1.45
CA GLU A 547 16.76 23.32 0.50
C GLU A 547 15.80 22.38 1.20
N VAL A 548 14.66 22.12 0.56
CA VAL A 548 13.64 21.24 1.12
C VAL A 548 14.16 19.81 1.09
N PRO A 549 14.15 19.09 2.20
CA PRO A 549 14.75 17.75 2.24
C PRO A 549 13.87 16.71 1.58
N PHE A 550 14.53 15.72 0.99
CA PHE A 550 13.86 14.61 0.33
C PHE A 550 13.51 13.57 1.38
N SER A 551 12.22 13.28 1.53
CA SER A 551 11.79 12.30 2.48
C SER A 551 10.73 11.35 1.91
N ASN A 552 10.78 11.11 0.60
CA ASN A 552 10.00 10.07 0.00
C ASN A 552 10.54 8.69 0.34
N CYS A 553 9.80 7.65 -0.04
CA CYS A 553 10.28 6.31 0.27
C CYS A 553 11.29 5.83 -0.76
N SER A 554 10.86 5.73 -2.01
CA SER A 554 11.74 5.41 -3.13
C SER A 554 11.72 6.58 -4.10
N ARG A 555 12.86 6.85 -4.72
CA ARG A 555 13.00 7.99 -5.61
C ARG A 555 12.14 7.82 -6.84
N ASP A 556 11.42 8.89 -7.19
CA ASP A 556 10.49 8.87 -8.31
C ASP A 556 11.27 8.72 -9.61
N CYS A 557 10.94 7.68 -10.39
CA CYS A 557 11.74 7.37 -11.55
C CYS A 557 11.39 8.29 -12.72
N LEU A 558 12.18 8.16 -13.78
CA LEU A 558 12.17 9.10 -14.88
C LEU A 558 11.06 8.75 -15.87
N ALA A 559 11.05 9.40 -17.03
CA ALA A 559 10.00 9.22 -18.02
C ALA A 559 10.25 8.05 -18.96
N GLY A 560 11.29 7.25 -18.72
CA GLY A 560 11.54 6.10 -19.57
C GLY A 560 11.08 4.81 -18.94
N THR A 561 10.78 4.85 -17.65
CA THR A 561 10.51 3.66 -16.86
C THR A 561 9.10 3.70 -16.28
N ARG A 562 8.59 2.53 -15.94
CA ARG A 562 7.32 2.38 -15.25
C ARG A 562 7.56 2.11 -13.77
N LYS A 563 6.50 1.82 -13.03
CA LYS A 563 6.57 1.55 -11.61
C LYS A 563 6.27 0.08 -11.34
N GLY A 564 7.23 -0.62 -10.72
CA GLY A 564 7.05 -2.00 -10.34
C GLY A 564 7.17 -2.16 -8.84
N ILE A 565 6.33 -3.01 -8.28
CA ILE A 565 6.13 -3.02 -6.85
C ILE A 565 6.94 -4.14 -6.20
N ILE A 566 7.14 -4.00 -4.90
CA ILE A 566 7.79 -5.01 -4.07
C ILE A 566 6.73 -5.65 -3.19
N GLU A 567 6.83 -6.95 -3.01
CA GLU A 567 5.88 -7.68 -2.18
C GLU A 567 6.24 -7.52 -0.71
N GLY A 568 5.27 -7.08 0.09
CA GLY A 568 5.51 -6.83 1.50
C GLY A 568 5.96 -5.43 1.83
N GLU A 569 5.70 -4.46 0.97
CA GLU A 569 6.07 -3.08 1.15
C GLU A 569 4.91 -2.22 0.64
N PRO A 570 4.73 -0.99 1.18
CA PRO A 570 3.54 -0.21 0.83
C PRO A 570 3.48 0.27 -0.61
N THR A 571 2.38 0.94 -0.96
CA THR A 571 2.21 1.45 -2.32
C THR A 571 3.18 2.59 -2.61
N CYS A 572 3.68 3.22 -1.57
CA CYS A 572 4.52 4.40 -1.65
C CYS A 572 5.97 4.05 -1.92
N CYS A 573 6.30 2.76 -1.98
CA CYS A 573 7.64 2.28 -2.25
C CYS A 573 7.58 1.33 -3.42
N PHE A 574 8.39 1.58 -4.44
CA PHE A 574 8.41 0.74 -5.63
C PHE A 574 9.84 0.56 -6.10
N GLU A 575 10.00 -0.27 -7.12
CA GLU A 575 11.15 -0.26 -7.99
C GLU A 575 10.71 0.30 -9.32
N CYS A 576 11.65 0.69 -10.16
CA CYS A 576 11.30 1.27 -11.44
C CYS A 576 12.05 0.56 -12.56
N VAL A 577 11.31 -0.18 -13.37
CA VAL A 577 11.86 -0.94 -14.48
C VAL A 577 11.38 -0.33 -15.78
N GLU A 578 12.09 -0.66 -16.86
CA GLU A 578 11.77 -0.15 -18.18
C GLU A 578 10.81 -1.10 -18.89
N CYS A 579 9.95 -0.54 -19.72
CA CYS A 579 9.00 -1.38 -20.45
C CYS A 579 9.33 -1.39 -21.93
N PRO A 580 9.09 -2.51 -22.63
CA PRO A 580 9.57 -2.64 -24.01
C PRO A 580 8.61 -2.43 -25.18
N ASP A 581 9.19 -2.28 -26.37
CA ASP A 581 8.41 -2.49 -27.60
C ASP A 581 7.10 -1.74 -27.82
N GLY A 582 7.22 -0.43 -28.00
CA GLY A 582 6.05 0.39 -28.15
C GLY A 582 5.59 0.84 -26.78
N GLU A 583 6.55 1.22 -25.95
CA GLU A 583 6.26 1.51 -24.56
C GLU A 583 5.69 2.91 -24.39
N TYR A 584 6.48 3.92 -24.71
CA TYR A 584 6.16 5.35 -24.68
C TYR A 584 5.52 5.77 -23.33
N SER A 585 6.37 5.72 -22.32
CA SER A 585 5.96 6.26 -21.02
C SER A 585 5.90 7.77 -21.11
N ASP A 586 4.72 8.29 -21.44
CA ASP A 586 4.60 9.72 -21.76
C ASP A 586 4.63 10.59 -20.52
N GLU A 587 4.19 10.08 -19.38
CA GLU A 587 4.23 10.82 -18.13
C GLU A 587 5.58 10.63 -17.46
N THR A 588 5.70 11.06 -16.22
CA THR A 588 6.94 10.92 -15.46
C THR A 588 6.93 9.74 -14.50
N ASP A 589 5.78 9.40 -13.93
CA ASP A 589 5.67 8.32 -12.96
C ASP A 589 4.46 7.45 -13.27
N ALA A 590 4.31 7.07 -14.53
CA ALA A 590 3.17 6.26 -14.93
C ALA A 590 3.31 4.84 -14.38
N SER A 591 2.20 4.33 -13.83
CA SER A 591 2.19 3.01 -13.24
C SER A 591 2.06 1.90 -14.27
N ALA A 592 1.75 2.24 -15.52
CA ALA A 592 1.66 1.28 -16.61
C ALA A 592 1.81 2.05 -17.91
N CYS A 593 2.88 1.77 -18.65
CA CYS A 593 3.12 2.44 -19.92
C CYS A 593 2.28 1.79 -21.01
N ASN A 594 1.76 2.62 -21.91
CA ASN A 594 0.74 2.20 -22.86
C ASN A 594 1.36 1.47 -24.05
N LYS A 595 0.59 1.29 -25.11
CA LYS A 595 1.08 0.74 -26.35
C LYS A 595 0.82 1.72 -27.48
N CYS A 596 1.78 1.81 -28.41
CA CYS A 596 1.72 2.78 -29.49
C CYS A 596 0.68 2.39 -30.53
N PRO A 597 0.21 3.35 -31.33
CA PRO A 597 -0.55 2.99 -32.54
C PRO A 597 0.30 2.23 -33.53
N ASP A 598 -0.37 1.52 -34.44
CA ASP A 598 0.30 0.52 -35.28
C ASP A 598 1.21 1.13 -36.33
N ASP A 599 1.03 2.40 -36.67
CA ASP A 599 1.95 3.09 -37.56
C ASP A 599 3.03 3.85 -36.82
N PHE A 600 3.36 3.42 -35.61
CA PHE A 600 4.35 4.09 -34.78
C PHE A 600 5.12 3.05 -34.00
N TRP A 601 6.38 3.37 -33.72
CA TRP A 601 7.22 2.49 -32.92
C TRP A 601 8.03 3.33 -31.95
N SER A 602 8.40 2.71 -30.83
CA SER A 602 9.03 3.41 -29.73
C SER A 602 10.45 3.84 -30.09
N ASN A 603 10.93 4.83 -29.35
CA ASN A 603 12.23 5.43 -29.61
C ASN A 603 13.33 4.58 -28.97
N GLU A 604 14.54 5.12 -28.90
CA GLU A 604 15.61 4.43 -28.19
C GLU A 604 15.50 4.67 -26.69
N ASN A 605 15.14 5.89 -26.28
CA ASN A 605 14.98 6.21 -24.88
C ASN A 605 13.60 5.88 -24.34
N HIS A 606 12.78 5.17 -25.13
CA HIS A 606 11.49 4.60 -24.74
C HIS A 606 10.47 5.66 -24.31
N THR A 607 10.66 6.91 -24.72
CA THR A 607 9.71 7.97 -24.47
C THR A 607 8.71 7.98 -25.62
N SER A 608 7.85 9.01 -25.69
CA SER A 608 6.73 9.11 -26.63
C SER A 608 7.10 8.76 -28.07
N CYS A 609 6.39 7.76 -28.61
CA CYS A 609 6.76 7.18 -29.90
C CYS A 609 6.33 8.12 -31.01
N ILE A 610 7.25 8.97 -31.45
CA ILE A 610 7.07 9.77 -32.66
C ILE A 610 7.68 9.11 -33.88
N ALA A 611 8.41 8.01 -33.71
CA ALA A 611 9.00 7.30 -34.83
C ALA A 611 7.93 6.50 -35.55
N LYS A 612 7.66 6.85 -36.80
CA LYS A 612 6.73 6.10 -37.63
C LYS A 612 7.44 4.94 -38.32
N GLU A 613 6.65 4.08 -38.96
CA GLU A 613 7.18 2.89 -39.59
C GLU A 613 7.63 3.22 -41.02
N ILE A 614 7.93 2.18 -41.81
CA ILE A 614 8.56 2.34 -43.12
C ILE A 614 7.58 2.83 -44.17
N GLU A 615 8.13 3.23 -45.32
CA GLU A 615 7.35 3.58 -46.51
C GLU A 615 8.00 2.97 -47.74
N PHE A 616 8.31 1.67 -47.67
CA PHE A 616 9.14 1.00 -48.66
C PHE A 616 8.45 0.86 -50.01
N LEU A 617 8.63 1.86 -50.88
CA LEU A 617 8.02 1.87 -52.20
C LEU A 617 9.04 1.94 -53.33
N SER A 618 9.99 2.89 -53.25
CA SER A 618 11.02 3.16 -54.27
C SER A 618 10.43 3.47 -55.64
N TRP A 619 9.64 4.54 -55.67
CA TRP A 619 8.97 4.98 -56.89
C TRP A 619 9.83 5.90 -57.76
N THR A 620 10.21 7.05 -57.21
CA THR A 620 11.12 7.97 -57.87
C THR A 620 12.47 8.03 -57.18
N GLU A 621 12.83 6.97 -56.46
CA GLU A 621 14.08 6.91 -55.74
C GLU A 621 15.24 6.75 -56.73
N PRO A 622 16.47 7.01 -56.29
CA PRO A 622 17.64 6.71 -57.13
C PRO A 622 18.01 5.24 -57.24
N PHE A 623 17.15 4.32 -56.79
CA PHE A 623 17.31 2.89 -57.06
C PHE A 623 16.33 2.37 -58.10
N GLY A 624 15.16 2.99 -58.23
CA GLY A 624 14.19 2.57 -59.21
C GLY A 624 14.11 3.50 -60.40
N ILE A 625 14.54 4.75 -60.22
CA ILE A 625 14.51 5.72 -61.32
C ILE A 625 15.54 5.38 -62.38
N ALA A 626 16.66 4.78 -62.00
CA ALA A 626 17.65 4.36 -62.98
C ALA A 626 17.13 3.20 -63.81
N LEU A 627 16.40 2.27 -63.21
CA LEU A 627 15.77 1.21 -63.97
C LEU A 627 14.63 1.72 -64.83
N THR A 628 13.93 2.77 -64.38
CA THR A 628 12.94 3.43 -65.23
C THR A 628 13.60 4.11 -66.43
N LEU A 629 14.79 4.68 -66.22
CA LEU A 629 15.56 5.24 -67.34
C LEU A 629 16.03 4.14 -68.28
N PHE A 630 16.35 2.97 -67.74
CA PHE A 630 16.68 1.82 -68.60
C PHE A 630 15.47 1.37 -69.40
N ALA A 631 14.27 1.42 -68.81
CA ALA A 631 13.06 1.08 -69.54
C ALA A 631 12.76 2.10 -70.63
N VAL A 632 13.01 3.39 -70.34
CA VAL A 632 12.84 4.42 -71.36
C VAL A 632 13.87 4.27 -72.48
N LEU A 633 15.09 3.83 -72.14
CA LEU A 633 16.10 3.57 -73.16
C LEU A 633 15.74 2.38 -74.03
N GLY A 634 15.13 1.35 -73.43
CA GLY A 634 14.63 0.24 -74.20
C GLY A 634 13.50 0.64 -75.14
N ILE A 635 12.61 1.53 -74.65
CA ILE A 635 11.52 2.01 -75.49
C ILE A 635 12.05 2.86 -76.64
N PHE A 636 13.07 3.68 -76.38
CA PHE A 636 13.65 4.51 -77.44
C PHE A 636 14.41 3.68 -78.47
N LEU A 637 15.14 2.65 -78.01
CA LEU A 637 15.85 1.78 -78.93
C LEU A 637 14.89 0.91 -79.73
N THR A 638 13.72 0.60 -79.18
CA THR A 638 12.69 -0.09 -79.96
C THR A 638 12.04 0.85 -80.97
N ALA A 639 11.83 2.13 -80.59
CA ALA A 639 11.17 3.06 -81.51
C ALA A 639 12.07 3.44 -82.67
N PHE A 640 13.39 3.53 -82.44
CA PHE A 640 14.32 3.84 -83.52
C PHE A 640 14.41 2.70 -84.53
N VAL A 641 14.17 1.46 -84.09
CA VAL A 641 14.09 0.34 -85.01
C VAL A 641 12.72 0.25 -85.68
N LEU A 642 11.65 0.66 -84.99
CA LEU A 642 10.33 0.68 -85.59
C LEU A 642 10.24 1.72 -86.71
N GLY A 643 10.92 2.85 -86.55
CA GLY A 643 10.97 3.85 -87.61
C GLY A 643 11.72 3.37 -88.84
N VAL A 644 12.84 2.68 -88.64
CA VAL A 644 13.60 2.12 -89.75
C VAL A 644 12.91 0.92 -90.38
N PHE A 645 12.02 0.25 -89.66
CA PHE A 645 11.20 -0.79 -90.24
C PHE A 645 9.94 -0.25 -90.92
N ILE A 646 9.53 0.97 -90.59
CA ILE A 646 8.37 1.59 -91.23
C ILE A 646 8.79 2.26 -92.53
N LYS A 647 9.86 3.07 -92.47
CA LYS A 647 10.30 3.81 -93.66
C LYS A 647 10.92 2.88 -94.69
N PHE A 648 12.00 2.20 -94.32
CA PHE A 648 12.67 1.26 -95.22
C PHE A 648 11.90 -0.06 -95.18
N GLU A 660 2.19 -9.36 -90.77
CA GLU A 660 1.84 -9.30 -89.36
C GLU A 660 3.06 -9.32 -88.45
N LEU A 661 4.19 -9.84 -88.93
CA LEU A 661 5.44 -9.84 -88.17
C LEU A 661 6.14 -8.49 -88.17
N SER A 662 5.60 -7.50 -88.87
CA SER A 662 6.05 -6.12 -88.76
C SER A 662 5.09 -5.25 -87.97
N TYR A 663 3.82 -5.67 -87.84
CA TYR A 663 2.83 -4.93 -87.08
C TYR A 663 2.69 -5.45 -85.65
N LEU A 664 2.31 -6.72 -85.49
CA LEU A 664 2.03 -7.24 -84.15
C LEU A 664 3.32 -7.49 -83.37
N LEU A 665 4.32 -8.08 -84.02
CA LEU A 665 5.62 -8.36 -83.39
C LEU A 665 6.49 -7.11 -83.25
N LEU A 666 5.97 -5.94 -83.59
CA LEU A 666 6.54 -4.66 -83.20
C LEU A 666 5.70 -3.93 -82.16
N PHE A 667 4.38 -3.94 -82.31
CA PHE A 667 3.51 -3.21 -81.39
C PHE A 667 3.43 -3.89 -80.03
N SER A 668 3.15 -5.20 -80.02
CA SER A 668 3.14 -5.93 -78.75
C SER A 668 4.55 -6.03 -78.16
N LEU A 669 5.57 -6.01 -79.01
CA LEU A 669 6.95 -5.99 -78.53
C LEU A 669 7.28 -4.67 -77.84
N LEU A 670 6.76 -3.56 -78.36
CA LEU A 670 6.91 -2.28 -77.68
C LEU A 670 6.04 -2.22 -76.42
N CYS A 671 4.91 -2.93 -76.43
CA CYS A 671 4.04 -2.96 -75.26
C CYS A 671 4.69 -3.75 -74.12
N CYS A 672 5.38 -4.85 -74.45
CA CYS A 672 6.03 -5.66 -73.43
C CYS A 672 7.22 -4.96 -72.78
N PHE A 673 7.78 -3.94 -73.43
CA PHE A 673 8.86 -3.16 -72.84
C PHE A 673 8.41 -1.80 -72.32
N SER A 674 7.20 -1.36 -72.67
CA SER A 674 6.66 -0.11 -72.16
C SER A 674 5.74 -0.29 -70.96
N SER A 675 5.00 -1.39 -70.90
CA SER A 675 4.19 -1.72 -69.73
C SER A 675 5.00 -2.39 -68.63
N SER A 676 6.27 -2.67 -68.88
CA SER A 676 7.17 -3.18 -67.85
C SER A 676 7.68 -2.09 -66.94
N LEU A 677 7.54 -0.83 -67.33
CA LEU A 677 7.74 0.30 -66.43
C LEU A 677 6.47 0.66 -65.67
N PHE A 678 5.37 -0.05 -65.92
CA PHE A 678 4.09 0.18 -65.25
C PHE A 678 3.86 -0.76 -64.10
N PHE A 679 4.94 -1.15 -63.40
CA PHE A 679 4.82 -1.97 -62.20
C PHE A 679 5.72 -1.48 -61.08
N ILE A 680 6.17 -0.23 -61.15
CA ILE A 680 7.06 0.35 -60.15
C ILE A 680 6.25 1.28 -59.24
N GLY A 681 6.75 1.46 -58.02
CA GLY A 681 6.11 2.34 -57.05
C GLY A 681 5.31 1.56 -56.02
N GLU A 682 4.69 2.32 -55.12
CA GLU A 682 3.81 1.73 -54.13
C GLU A 682 2.53 1.25 -54.79
N PRO A 683 2.23 -0.05 -54.74
CA PRO A 683 1.08 -0.57 -55.49
C PRO A 683 -0.25 -0.20 -54.84
N GLN A 684 -1.30 -0.42 -55.61
CA GLN A 684 -2.67 -0.12 -55.23
C GLN A 684 -3.53 -1.13 -56.00
N ASP A 685 -4.86 -0.94 -55.96
CA ASP A 685 -5.75 -1.84 -56.68
C ASP A 685 -5.43 -1.99 -58.16
N TRP A 686 -5.34 -0.88 -58.89
CA TRP A 686 -5.07 -0.97 -60.32
C TRP A 686 -3.60 -1.30 -60.60
N THR A 687 -2.68 -0.75 -59.81
CA THR A 687 -1.26 -1.08 -59.95
C THR A 687 -0.93 -2.46 -59.40
N CYS A 688 -1.89 -3.15 -58.78
CA CYS A 688 -1.72 -4.52 -58.33
C CYS A 688 -2.50 -5.50 -59.18
N ARG A 689 -3.48 -5.02 -59.96
CA ARG A 689 -4.16 -5.83 -60.96
C ARG A 689 -3.51 -5.71 -62.34
N LEU A 690 -2.63 -4.73 -62.56
CA LEU A 690 -1.98 -4.55 -63.85
C LEU A 690 -0.67 -5.32 -63.96
N ARG A 691 -0.52 -6.44 -63.26
CA ARG A 691 0.62 -7.31 -63.45
C ARG A 691 0.37 -8.38 -64.50
N GLN A 692 -0.91 -8.69 -64.77
CA GLN A 692 -1.33 -9.61 -65.82
C GLN A 692 -1.02 -9.19 -67.27
N PRO A 693 -1.02 -7.89 -67.65
CA PRO A 693 -0.51 -7.54 -68.98
C PRO A 693 0.97 -7.83 -69.18
N ALA A 694 1.76 -7.89 -68.12
CA ALA A 694 3.19 -8.21 -68.25
C ALA A 694 3.44 -9.65 -68.69
N PHE A 695 2.44 -10.53 -68.62
CA PHE A 695 2.48 -11.83 -69.26
C PHE A 695 1.60 -11.93 -70.50
N GLY A 696 0.48 -11.19 -70.51
CA GLY A 696 -0.41 -11.22 -71.66
C GLY A 696 0.21 -10.59 -72.90
N ILE A 697 1.04 -9.58 -72.71
CA ILE A 697 1.76 -8.97 -73.83
C ILE A 697 2.98 -9.77 -74.21
N SER A 698 3.59 -10.49 -73.27
CA SER A 698 4.72 -11.35 -73.59
C SER A 698 4.27 -12.55 -74.43
N PHE A 699 3.08 -13.08 -74.13
CA PHE A 699 2.55 -14.20 -74.92
C PHE A 699 2.21 -13.78 -76.35
N VAL A 700 1.86 -12.51 -76.56
CA VAL A 700 1.56 -12.03 -77.90
C VAL A 700 2.82 -11.55 -78.62
N LEU A 701 3.83 -11.10 -77.88
CA LEU A 701 5.09 -10.69 -78.48
C LEU A 701 6.04 -11.86 -78.71
N CYS A 702 5.77 -13.02 -78.13
CA CYS A 702 6.50 -14.23 -78.45
C CYS A 702 5.85 -15.00 -79.61
N ILE A 703 4.84 -14.42 -80.25
CA ILE A 703 4.24 -15.03 -81.44
C ILE A 703 5.12 -14.91 -82.66
N SER A 704 6.16 -14.06 -82.60
CA SER A 704 7.11 -13.94 -83.70
C SER A 704 7.88 -15.24 -83.92
N CYS A 705 8.13 -15.99 -82.84
CA CYS A 705 8.84 -17.26 -82.94
C CYS A 705 8.08 -18.33 -83.71
N ILE A 706 6.76 -18.18 -83.85
CA ILE A 706 5.97 -19.06 -84.70
C ILE A 706 5.45 -18.39 -85.95
N LEU A 707 5.58 -17.06 -86.07
CA LEU A 707 5.09 -16.34 -87.23
C LEU A 707 6.18 -15.98 -88.24
N VAL A 708 7.45 -15.90 -87.82
CA VAL A 708 8.52 -15.48 -88.71
C VAL A 708 9.32 -16.65 -89.26
N LYS A 709 8.95 -17.88 -88.93
CA LYS A 709 9.71 -19.04 -89.37
C LYS A 709 9.46 -19.34 -90.84
N THR A 710 10.34 -20.14 -91.42
CA THR A 710 10.23 -20.55 -92.82
C THR A 710 9.26 -21.69 -93.03
N ASN A 711 8.66 -22.23 -91.97
CA ASN A 711 7.64 -23.27 -92.07
C ASN A 711 6.25 -22.70 -92.22
N ARG A 712 6.11 -21.38 -92.43
CA ARG A 712 4.79 -20.76 -92.56
C ARG A 712 4.09 -21.16 -93.85
N GLN A 735 -4.52 -17.45 -91.99
CA GLN A 735 -4.04 -18.61 -91.24
C GLN A 735 -2.90 -18.27 -90.30
N PHE A 736 -2.17 -17.18 -90.55
CA PHE A 736 -1.16 -16.69 -89.62
C PHE A 736 -1.73 -15.77 -88.56
N LEU A 737 -2.89 -15.16 -88.82
CA LEU A 737 -3.57 -14.31 -87.84
C LEU A 737 -4.35 -15.09 -86.80
N LEU A 738 -4.07 -16.38 -86.62
CA LEU A 738 -4.64 -17.19 -85.55
C LEU A 738 -3.74 -17.22 -84.31
N VAL A 739 -3.03 -16.13 -84.04
CA VAL A 739 -2.26 -15.98 -82.80
C VAL A 739 -3.19 -15.91 -81.59
N PHE A 740 -4.46 -15.59 -81.80
CA PHE A 740 -5.50 -15.73 -80.79
C PHE A 740 -5.83 -17.20 -80.45
N LEU A 741 -5.15 -18.21 -80.98
CA LEU A 741 -5.24 -19.56 -80.42
C LEU A 741 -4.42 -19.71 -79.14
N CYS A 742 -3.56 -18.74 -78.83
CA CYS A 742 -2.78 -18.69 -77.59
C CYS A 742 -2.95 -17.37 -76.85
N THR A 743 -3.04 -16.24 -77.57
CA THR A 743 -3.21 -14.96 -76.92
C THR A 743 -4.59 -14.84 -76.27
N PHE A 744 -5.63 -15.34 -76.93
CA PHE A 744 -6.95 -15.35 -76.31
C PHE A 744 -7.03 -16.38 -75.19
N MET A 745 -6.23 -17.46 -75.26
CA MET A 745 -6.15 -18.39 -74.15
C MET A 745 -5.53 -17.73 -72.92
N GLN A 746 -4.46 -16.95 -73.12
CA GLN A 746 -3.86 -16.19 -72.04
C GLN A 746 -4.80 -15.10 -71.52
N ILE A 747 -5.59 -14.49 -72.41
CA ILE A 747 -6.56 -13.48 -71.99
C ILE A 747 -7.69 -14.10 -71.18
N VAL A 748 -8.11 -15.31 -71.55
CA VAL A 748 -9.14 -16.03 -70.79
C VAL A 748 -8.59 -16.45 -69.44
N ILE A 749 -7.32 -16.87 -69.40
CA ILE A 749 -6.66 -17.20 -68.13
C ILE A 749 -6.58 -15.98 -67.22
N CYS A 750 -6.25 -14.82 -67.80
CA CYS A 750 -6.18 -13.58 -67.01
C CYS A 750 -7.55 -13.14 -66.51
N VAL A 751 -8.58 -13.25 -67.36
CA VAL A 751 -9.92 -12.84 -66.96
C VAL A 751 -10.52 -13.82 -65.95
N ILE A 752 -10.08 -15.08 -65.97
CA ILE A 752 -10.52 -16.01 -64.94
C ILE A 752 -9.73 -15.83 -63.65
N TRP A 753 -8.46 -15.43 -63.75
CA TRP A 753 -7.58 -15.37 -62.59
C TRP A 753 -7.61 -14.03 -61.87
N LEU A 754 -8.17 -12.98 -62.49
CA LEU A 754 -8.24 -11.69 -61.83
C LEU A 754 -9.18 -11.69 -60.63
N TYR A 755 -10.10 -12.65 -60.54
CA TYR A 755 -10.93 -12.82 -59.35
C TYR A 755 -10.29 -13.74 -58.32
N THR A 756 -9.54 -14.76 -58.77
CA THR A 756 -8.88 -15.67 -57.85
C THR A 756 -7.68 -15.02 -57.19
N ALA A 757 -6.67 -14.65 -57.99
CA ALA A 757 -5.60 -13.82 -57.45
C ALA A 757 -6.15 -12.40 -57.40
N PRO A 758 -6.40 -11.86 -56.21
CA PRO A 758 -7.23 -10.67 -56.10
C PRO A 758 -6.48 -9.41 -56.49
N PRO A 759 -7.20 -8.35 -56.86
CA PRO A 759 -6.57 -7.07 -57.23
C PRO A 759 -6.32 -6.19 -56.01
N SER A 760 -5.59 -6.71 -55.04
CA SER A 760 -5.44 -6.03 -53.76
C SER A 760 -4.04 -6.26 -53.22
N SER A 761 -3.33 -5.17 -52.92
CA SER A 761 -2.08 -5.27 -52.20
C SER A 761 -2.35 -5.60 -50.74
N TYR A 762 -1.49 -6.45 -50.17
CA TYR A 762 -1.63 -6.89 -48.78
C TYR A 762 -0.43 -6.38 -47.99
N ARG A 763 -0.68 -5.49 -47.04
CA ARG A 763 0.40 -4.97 -46.20
C ARG A 763 0.87 -6.05 -45.24
N ASN A 764 2.16 -6.33 -45.26
CA ASN A 764 2.74 -7.40 -44.46
C ASN A 764 3.41 -6.82 -43.23
N GLN A 765 3.46 -7.63 -42.18
CA GLN A 765 4.19 -7.30 -40.94
C GLN A 765 5.19 -8.43 -40.72
N GLU A 766 6.35 -8.32 -41.36
CA GLU A 766 7.41 -9.30 -41.24
C GLU A 766 8.47 -8.89 -40.24
N LEU A 767 8.98 -7.66 -40.35
CA LEU A 767 9.75 -7.05 -39.29
C LEU A 767 8.78 -6.36 -38.33
N GLU A 768 9.30 -5.57 -37.40
CA GLU A 768 8.46 -4.87 -36.43
C GLU A 768 8.63 -3.37 -36.49
N ASP A 769 9.87 -2.88 -36.53
CA ASP A 769 10.13 -1.45 -36.36
C ASP A 769 9.67 -0.65 -37.56
N GLU A 770 10.24 -0.92 -38.74
CA GLU A 770 9.90 -0.22 -39.98
C GLU A 770 9.53 -1.30 -41.00
N ILE A 771 8.27 -1.73 -40.97
CA ILE A 771 7.86 -2.88 -41.75
C ILE A 771 6.56 -2.66 -42.51
N ILE A 772 6.15 -1.40 -42.70
CA ILE A 772 4.91 -1.13 -43.40
C ILE A 772 5.10 -1.45 -44.89
N PHE A 773 4.53 -2.57 -45.32
CA PHE A 773 4.84 -3.19 -46.61
C PHE A 773 3.66 -3.09 -47.57
N ILE A 774 3.93 -3.49 -48.82
CA ILE A 774 2.92 -3.76 -49.83
C ILE A 774 3.46 -4.83 -50.78
N THR A 775 2.80 -5.99 -50.84
CA THR A 775 3.38 -7.14 -51.52
C THR A 775 2.49 -7.82 -52.55
N CYS A 776 1.20 -7.44 -52.64
CA CYS A 776 0.27 -7.82 -53.70
C CYS A 776 -0.24 -9.26 -53.72
N HIS A 777 0.37 -10.17 -52.96
CA HIS A 777 -0.25 -11.39 -52.41
C HIS A 777 -1.02 -12.27 -53.40
N GLU A 778 -0.30 -12.73 -54.42
CA GLU A 778 -0.90 -13.61 -55.44
C GLU A 778 -1.53 -14.85 -54.82
N GLY A 779 -2.67 -15.26 -55.40
CA GLY A 779 -3.60 -16.10 -54.66
C GLY A 779 -3.19 -17.53 -54.37
N SER A 780 -3.24 -18.42 -55.37
CA SER A 780 -2.74 -19.77 -55.10
C SER A 780 -1.83 -20.29 -56.21
N LEU A 781 -2.27 -20.17 -57.46
CA LEU A 781 -1.45 -20.67 -58.57
C LEU A 781 -1.59 -19.84 -59.83
N MET A 782 -2.20 -18.65 -59.78
CA MET A 782 -2.75 -18.02 -60.98
C MET A 782 -1.66 -17.50 -61.90
N ALA A 783 -0.81 -16.60 -61.40
CA ALA A 783 0.27 -16.05 -62.22
C ALA A 783 1.30 -17.11 -62.56
N LEU A 784 1.53 -18.07 -61.67
CA LEU A 784 2.48 -19.15 -61.94
C LEU A 784 2.01 -20.03 -63.10
N GLY A 785 0.74 -20.42 -63.10
CA GLY A 785 0.19 -21.18 -64.20
C GLY A 785 0.12 -20.40 -65.49
N PHE A 786 -0.18 -19.09 -65.40
CA PHE A 786 -0.19 -18.25 -66.61
C PHE A 786 1.18 -18.13 -67.23
N LEU A 787 2.22 -17.92 -66.40
CA LEU A 787 3.59 -17.83 -66.90
C LEU A 787 4.04 -19.16 -67.49
N ILE A 788 3.75 -20.28 -66.80
CA ILE A 788 4.17 -21.59 -67.29
C ILE A 788 3.43 -21.99 -68.55
N GLY A 789 2.18 -21.54 -68.72
CA GLY A 789 1.43 -21.88 -69.90
C GLY A 789 1.66 -20.97 -71.09
N TYR A 790 2.22 -19.79 -70.88
CA TYR A 790 2.53 -18.93 -72.03
C TYR A 790 4.03 -18.78 -72.27
N THR A 791 4.77 -18.23 -71.31
CA THR A 791 6.13 -17.77 -71.60
C THR A 791 7.16 -18.87 -71.48
N CYS A 792 6.81 -19.99 -70.86
CA CYS A 792 7.66 -21.17 -70.86
C CYS A 792 7.14 -22.26 -71.78
N LEU A 793 5.95 -22.08 -72.37
CA LEU A 793 5.37 -23.06 -73.26
C LEU A 793 5.57 -22.71 -74.73
N LEU A 794 5.36 -21.44 -75.12
CA LEU A 794 5.55 -21.05 -76.51
C LEU A 794 7.02 -21.13 -76.91
N ALA A 795 7.91 -20.66 -76.04
CA ALA A 795 9.34 -20.70 -76.31
C ALA A 795 9.91 -22.11 -76.28
N ALA A 796 9.23 -23.05 -75.64
CA ALA A 796 9.68 -24.44 -75.65
C ALA A 796 9.07 -25.24 -76.79
N ILE A 797 7.87 -24.88 -77.24
CA ILE A 797 7.32 -25.50 -78.44
C ILE A 797 8.03 -24.97 -79.67
N CYS A 798 8.58 -23.76 -79.62
CA CYS A 798 9.46 -23.28 -80.67
C CYS A 798 10.82 -23.97 -80.65
N PHE A 799 11.21 -24.54 -79.50
CA PHE A 799 12.55 -25.10 -79.36
C PHE A 799 12.73 -26.38 -80.18
N PHE A 800 11.77 -27.30 -80.08
CA PHE A 800 11.86 -28.53 -80.86
C PHE A 800 11.57 -28.30 -82.34
N PHE A 801 11.00 -27.15 -82.71
CA PHE A 801 10.81 -26.80 -84.11
C PHE A 801 12.03 -26.12 -84.71
N ALA A 802 12.79 -25.36 -83.90
CA ALA A 802 13.96 -24.66 -84.38
C ALA A 802 15.27 -25.40 -84.07
N PHE A 803 15.21 -26.52 -83.36
CA PHE A 803 16.43 -27.31 -83.15
C PHE A 803 16.89 -27.98 -84.45
N LYS A 804 15.99 -28.23 -85.38
CA LYS A 804 16.37 -28.74 -86.68
C LYS A 804 16.81 -27.64 -87.65
N SER A 805 16.53 -26.38 -87.32
CA SER A 805 16.91 -25.26 -88.16
C SER A 805 18.08 -24.45 -87.60
N ARG A 806 18.51 -24.73 -86.37
CA ARG A 806 19.69 -24.09 -85.81
C ARG A 806 20.93 -24.40 -86.64
N LYS A 807 21.04 -25.62 -87.14
CA LYS A 807 22.07 -25.95 -88.13
C LYS A 807 21.54 -25.80 -89.56
N LEU A 808 20.92 -24.65 -89.83
CA LEU A 808 20.36 -24.35 -91.15
C LEU A 808 20.35 -22.83 -91.21
N PRO A 809 21.18 -22.23 -92.05
CA PRO A 809 21.13 -20.77 -92.22
C PRO A 809 20.09 -20.47 -93.29
N GLU A 810 19.24 -19.50 -93.02
CA GLU A 810 18.16 -19.13 -93.93
C GLU A 810 17.82 -17.67 -93.70
N ASN A 811 17.78 -16.91 -94.80
CA ASN A 811 17.53 -15.46 -94.81
C ASN A 811 18.51 -14.72 -93.89
N PHE A 812 19.79 -14.98 -94.12
CA PHE A 812 20.91 -14.50 -93.30
C PHE A 812 20.76 -14.93 -91.84
N ASN A 813 20.63 -16.25 -91.64
CA ASN A 813 20.69 -16.93 -90.34
C ASN A 813 19.61 -16.46 -89.37
N GLU A 814 18.39 -16.29 -89.89
CA GLU A 814 17.28 -15.83 -89.06
C GLU A 814 16.89 -16.86 -88.02
N ALA A 815 16.93 -18.15 -88.38
CA ALA A 815 16.64 -19.21 -87.42
C ALA A 815 17.70 -19.26 -86.32
N LYS A 816 18.97 -19.03 -86.69
CA LYS A 816 20.04 -19.00 -85.69
C LYS A 816 19.89 -17.82 -84.74
N PHE A 817 19.50 -16.66 -85.25
CA PHE A 817 19.31 -15.50 -84.37
C PHE A 817 18.07 -15.65 -83.50
N ILE A 818 17.02 -16.30 -84.02
CA ILE A 818 15.84 -16.62 -83.21
C ILE A 818 16.20 -17.57 -82.08
N THR A 819 17.02 -18.58 -82.36
CA THR A 819 17.45 -19.50 -81.30
C THR A 819 18.36 -18.82 -80.29
N PHE A 820 19.19 -17.87 -80.73
CA PHE A 820 20.03 -17.13 -79.78
C PHE A 820 19.20 -16.26 -78.86
N SER A 821 18.17 -15.59 -79.40
CA SER A 821 17.26 -14.82 -78.56
C SER A 821 16.44 -15.72 -77.64
N MET A 822 16.11 -16.93 -78.10
CA MET A 822 15.40 -17.88 -77.25
C MET A 822 16.27 -18.39 -76.11
N LEU A 823 17.57 -18.57 -76.38
CA LEU A 823 18.50 -18.94 -75.31
C LEU A 823 18.68 -17.81 -74.30
N ILE A 824 18.68 -16.56 -74.79
CA ILE A 824 18.71 -15.40 -73.88
C ILE A 824 17.45 -15.36 -73.02
N PHE A 825 16.29 -15.67 -73.61
CA PHE A 825 15.04 -15.68 -72.87
C PHE A 825 15.00 -16.83 -71.86
N PHE A 826 15.56 -17.98 -72.22
CA PHE A 826 15.61 -19.10 -71.29
C PHE A 826 16.56 -18.82 -70.13
N ILE A 827 17.67 -18.14 -70.39
CA ILE A 827 18.59 -17.72 -69.32
C ILE A 827 17.91 -16.71 -68.40
N VAL A 828 17.13 -15.79 -68.97
CA VAL A 828 16.45 -14.78 -68.16
C VAL A 828 15.36 -15.42 -67.30
N TRP A 829 14.60 -16.36 -67.86
CA TRP A 829 13.56 -17.01 -67.07
C TRP A 829 14.10 -18.10 -66.14
N ILE A 830 15.36 -18.51 -66.31
CA ILE A 830 16.01 -19.32 -65.28
C ILE A 830 16.50 -18.43 -64.14
N SER A 831 16.96 -17.22 -64.46
CA SER A 831 17.43 -16.31 -63.42
C SER A 831 16.29 -15.64 -62.66
N PHE A 832 15.08 -15.60 -63.24
CA PHE A 832 13.97 -14.90 -62.60
C PHE A 832 13.51 -15.58 -61.31
N ILE A 833 13.10 -16.84 -61.39
CA ILE A 833 12.29 -17.50 -60.36
C ILE A 833 12.96 -17.69 -59.00
N PRO A 834 14.23 -18.12 -58.86
CA PRO A 834 14.76 -18.24 -57.49
C PRO A 834 14.99 -16.91 -56.79
N ALA A 835 15.46 -15.89 -57.52
CA ALA A 835 15.60 -14.56 -56.94
C ALA A 835 14.25 -13.92 -56.67
N TYR A 836 13.20 -14.31 -57.39
CA TYR A 836 11.85 -13.86 -57.04
C TYR A 836 11.36 -14.56 -55.79
N ALA A 837 11.71 -15.84 -55.62
CA ALA A 837 11.23 -16.59 -54.47
C ALA A 837 11.92 -16.16 -53.19
N SER A 838 13.21 -15.82 -53.27
CA SER A 838 14.00 -15.55 -52.08
C SER A 838 14.17 -14.05 -51.79
N THR A 839 13.21 -13.22 -52.20
CA THR A 839 13.24 -11.81 -51.83
C THR A 839 11.90 -11.36 -51.26
N TYR A 840 11.76 -10.05 -50.99
CA TYR A 840 10.58 -9.54 -50.31
C TYR A 840 10.47 -8.04 -50.57
N GLY A 841 9.24 -7.58 -50.78
CA GLY A 841 8.93 -6.16 -50.75
C GLY A 841 9.57 -5.30 -51.83
N LYS A 842 10.57 -4.53 -51.43
CA LYS A 842 11.27 -3.64 -52.35
C LYS A 842 12.08 -4.42 -53.38
N PHE A 843 12.51 -5.64 -53.05
CA PHE A 843 13.29 -6.45 -53.95
C PHE A 843 12.49 -7.61 -54.54
N VAL A 844 11.19 -7.68 -54.29
CA VAL A 844 10.36 -8.72 -54.88
C VAL A 844 9.71 -8.27 -56.18
N SER A 845 9.68 -6.96 -56.44
CA SER A 845 9.19 -6.46 -57.71
C SER A 845 10.33 -6.06 -58.64
N ALA A 846 11.46 -5.65 -58.07
CA ALA A 846 12.63 -5.24 -58.83
C ALA A 846 13.39 -6.42 -59.43
N VAL A 847 13.01 -7.65 -59.10
CA VAL A 847 13.52 -8.80 -59.84
C VAL A 847 12.66 -9.08 -61.07
N GLU A 848 11.33 -9.04 -60.94
CA GLU A 848 10.45 -9.33 -62.06
C GLU A 848 10.52 -8.23 -63.11
N VAL A 849 10.58 -6.98 -62.66
CA VAL A 849 10.59 -5.86 -63.59
C VAL A 849 11.94 -5.74 -64.29
N ILE A 850 13.01 -6.23 -63.65
CA ILE A 850 14.30 -6.29 -64.35
C ILE A 850 14.34 -7.47 -65.31
N ALA A 851 13.71 -8.60 -64.95
CA ALA A 851 13.77 -9.78 -65.80
C ALA A 851 12.94 -9.60 -67.07
N ILE A 852 11.79 -8.92 -66.97
CA ILE A 852 10.99 -8.63 -68.15
C ILE A 852 11.75 -7.70 -69.10
N LEU A 853 12.44 -6.70 -68.55
CA LEU A 853 13.27 -5.81 -69.35
C LEU A 853 14.40 -6.57 -70.02
N ALA A 854 15.08 -7.46 -69.29
CA ALA A 854 16.20 -8.21 -69.85
C ALA A 854 15.75 -9.21 -70.91
N ALA A 855 14.55 -9.74 -70.80
CA ALA A 855 14.05 -10.63 -71.84
C ALA A 855 13.61 -9.86 -73.08
N SER A 856 12.82 -8.80 -72.89
CA SER A 856 12.28 -8.07 -74.03
C SER A 856 13.29 -7.15 -74.69
N PHE A 857 14.41 -6.85 -74.05
CA PHE A 857 15.46 -6.11 -74.74
C PHE A 857 16.26 -7.05 -75.64
N GLY A 858 16.55 -8.26 -75.15
CA GLY A 858 17.26 -9.23 -75.97
C GLY A 858 16.44 -9.71 -77.15
N LEU A 859 15.13 -9.93 -76.93
CA LEU A 859 14.24 -10.41 -77.99
C LEU A 859 14.02 -9.41 -79.11
N LEU A 860 14.45 -8.17 -78.95
CA LEU A 860 14.48 -7.21 -80.04
C LEU A 860 15.88 -6.89 -80.53
N ALA A 861 16.88 -6.87 -79.64
CA ALA A 861 18.22 -6.52 -80.06
C ALA A 861 18.92 -7.64 -80.81
N CYS A 862 18.55 -8.89 -80.59
CA CYS A 862 19.11 -9.97 -81.38
C CYS A 862 18.52 -10.04 -82.78
N ILE A 863 17.34 -9.49 -82.99
CA ILE A 863 16.55 -9.73 -84.19
C ILE A 863 16.50 -8.50 -85.09
N PHE A 864 16.12 -7.34 -84.55
CA PHE A 864 15.93 -6.14 -85.37
C PHE A 864 17.25 -5.63 -85.93
N PHE A 865 18.35 -5.76 -85.17
CA PHE A 865 19.65 -5.31 -85.67
C PHE A 865 20.13 -6.17 -86.83
N ASN A 866 19.97 -7.49 -86.72
CA ASN A 866 20.38 -8.38 -87.80
C ASN A 866 19.44 -8.28 -89.00
N LYS A 867 18.18 -7.91 -88.77
CA LYS A 867 17.26 -7.73 -89.89
C LYS A 867 17.40 -6.37 -90.56
N ILE A 868 17.95 -5.38 -89.85
CA ILE A 868 18.10 -4.05 -90.43
C ILE A 868 19.47 -3.89 -91.08
N TYR A 869 20.54 -4.08 -90.31
CA TYR A 869 21.89 -3.72 -90.76
C TYR A 869 22.45 -4.63 -91.83
N ILE A 870 21.77 -5.74 -92.16
CA ILE A 870 22.23 -6.64 -93.20
C ILE A 870 22.08 -6.00 -94.57
N TYR B 31 -25.94 4.39 52.29
CA TYR B 31 -26.41 5.66 51.76
C TYR B 31 -26.13 5.74 50.26
N GLY B 32 -25.88 6.94 49.75
CA GLY B 32 -25.71 7.15 48.33
C GLY B 32 -27.01 6.90 47.59
N PRO B 33 -26.99 5.98 46.63
CA PRO B 33 -28.23 5.53 46.02
C PRO B 33 -29.08 4.75 47.02
N ASP B 34 -30.39 4.72 46.75
CA ASP B 34 -31.35 4.06 47.64
C ASP B 34 -31.84 2.73 47.06
N GLN B 35 -31.04 2.11 46.19
CA GLN B 35 -31.25 0.73 45.77
C GLN B 35 -29.91 0.04 46.01
N ARG B 36 -29.75 -0.52 47.20
CA ARG B 36 -28.50 -1.13 47.62
C ARG B 36 -28.65 -2.64 47.65
N ALA B 37 -27.61 -3.30 48.12
CA ALA B 37 -27.72 -4.70 48.56
C ALA B 37 -26.73 -4.77 49.72
N GLN B 38 -27.24 -4.61 50.93
CA GLN B 38 -26.41 -4.30 52.07
C GLN B 38 -26.57 -5.35 53.15
N LYS B 39 -25.46 -5.69 53.80
CA LYS B 39 -25.46 -6.65 54.89
C LYS B 39 -24.28 -6.32 55.77
N LYS B 40 -24.52 -6.18 57.08
CA LYS B 40 -23.46 -5.78 57.99
C LYS B 40 -22.47 -6.92 58.18
N GLY B 41 -21.34 -6.59 58.81
CA GLY B 41 -20.30 -7.56 59.01
C GLY B 41 -19.07 -6.91 59.58
N ASP B 42 -18.09 -7.74 59.90
CA ASP B 42 -16.85 -7.23 60.49
C ASP B 42 -15.99 -6.54 59.45
N ILE B 43 -15.93 -7.08 58.24
CA ILE B 43 -15.13 -6.51 57.17
C ILE B 43 -16.04 -6.37 55.95
N ILE B 44 -16.20 -5.14 55.48
CA ILE B 44 -17.19 -4.81 54.47
C ILE B 44 -16.50 -4.70 53.13
N LEU B 45 -17.03 -5.40 52.12
CA LEU B 45 -16.39 -5.42 50.80
C LEU B 45 -16.83 -4.26 49.90
N GLY B 46 -18.08 -4.24 49.49
CA GLY B 46 -18.49 -3.29 48.48
C GLY B 46 -18.45 -3.90 47.08
N GLY B 47 -19.22 -3.32 46.18
CA GLY B 47 -19.29 -3.87 44.84
C GLY B 47 -20.03 -2.94 43.91
N LEU B 48 -19.87 -3.20 42.61
CA LEU B 48 -20.46 -2.36 41.58
C LEU B 48 -20.85 -3.24 40.41
N PHE B 49 -22.13 -3.27 40.07
CA PHE B 49 -22.64 -4.22 39.09
C PHE B 49 -23.63 -3.52 38.17
N PRO B 50 -23.72 -3.93 36.89
CA PRO B 50 -24.60 -3.26 35.93
C PRO B 50 -26.02 -3.81 35.83
N ILE B 51 -26.86 -3.47 36.81
CA ILE B 51 -28.19 -4.06 36.88
C ILE B 51 -29.09 -3.53 35.78
N HIS B 52 -28.90 -2.30 35.36
CA HIS B 52 -29.58 -1.81 34.18
C HIS B 52 -28.57 -1.61 33.05
N PHE B 53 -29.06 -1.30 31.87
CA PHE B 53 -28.19 -1.18 30.71
C PHE B 53 -27.77 0.25 30.42
N GLY B 54 -28.43 1.24 31.00
CA GLY B 54 -28.09 2.61 30.71
C GLY B 54 -29.05 3.53 31.41
N VAL B 55 -28.75 4.82 31.31
CA VAL B 55 -29.64 5.85 31.84
C VAL B 55 -30.60 6.28 30.75
N ALA B 56 -31.67 6.98 31.14
CA ALA B 56 -32.70 7.39 30.20
C ALA B 56 -32.18 8.45 29.24
N ALA B 57 -32.79 8.53 28.07
CA ALA B 57 -32.35 9.40 26.99
C ALA B 57 -32.67 10.87 27.21
N LYS B 58 -33.34 11.23 28.31
CA LYS B 58 -33.64 12.62 28.59
C LYS B 58 -32.38 13.39 28.92
N ASP B 59 -32.13 14.46 28.18
CA ASP B 59 -31.01 15.36 28.45
C ASP B 59 -31.54 16.67 29.01
N GLN B 60 -30.85 17.20 30.00
CA GLN B 60 -31.31 18.39 30.70
C GLN B 60 -31.02 19.65 29.89
N ASP B 61 -32.01 20.52 29.82
CA ASP B 61 -31.81 21.87 29.31
C ASP B 61 -31.47 22.84 30.41
N LEU B 62 -31.41 22.37 31.65
CA LEU B 62 -30.98 23.09 32.84
C LEU B 62 -31.84 24.31 33.15
N LYS B 63 -33.11 24.31 32.73
CA LYS B 63 -34.04 25.27 33.26
C LYS B 63 -34.40 24.92 34.69
N SER B 64 -34.82 23.69 34.92
CA SER B 64 -35.10 23.21 36.27
C SER B 64 -33.80 22.84 36.97
N ARG B 65 -33.90 22.71 38.29
CA ARG B 65 -32.77 22.20 39.06
C ARG B 65 -32.56 20.73 38.73
N PRO B 66 -31.36 20.32 38.33
CA PRO B 66 -31.17 18.97 37.81
C PRO B 66 -31.24 17.91 38.89
N GLU B 67 -31.85 16.78 38.54
CA GLU B 67 -32.10 15.69 39.46
C GLU B 67 -31.49 14.42 38.91
N SER B 68 -31.58 13.35 39.69
CA SER B 68 -30.95 12.09 39.33
C SER B 68 -31.67 11.43 38.16
N VAL B 69 -30.92 11.09 37.12
CA VAL B 69 -31.48 10.44 35.95
C VAL B 69 -31.80 8.99 36.28
N GLU B 70 -32.87 8.47 35.69
CA GLU B 70 -33.38 7.15 36.01
C GLU B 70 -32.94 6.13 34.96
N CYS B 71 -32.54 4.95 35.42
CA CYS B 71 -32.04 3.92 34.53
C CYS B 71 -33.20 3.22 33.81
N ILE B 72 -32.94 2.75 32.58
CA ILE B 72 -34.01 2.40 31.66
C ILE B 72 -34.22 0.89 31.53
N ARG B 73 -33.22 0.17 31.02
CA ARG B 73 -33.46 -1.22 30.65
C ARG B 73 -33.16 -2.13 31.83
N TYR B 74 -33.13 -3.44 31.61
CA TYR B 74 -32.79 -4.37 32.67
C TYR B 74 -31.81 -5.41 32.17
N ASN B 75 -30.95 -5.87 33.08
CA ASN B 75 -29.83 -6.77 32.77
C ASN B 75 -29.90 -7.95 33.74
N PHE B 76 -30.55 -9.02 33.32
CA PHE B 76 -30.62 -10.22 34.14
C PHE B 76 -29.27 -10.90 34.29
N ARG B 77 -28.41 -10.75 33.28
CA ARG B 77 -27.03 -11.20 33.42
C ARG B 77 -26.31 -10.41 34.51
N GLY B 78 -26.60 -9.11 34.63
CA GLY B 78 -26.03 -8.33 35.70
C GLY B 78 -26.55 -8.74 37.07
N PHE B 79 -27.82 -9.10 37.14
CA PHE B 79 -28.33 -9.61 38.41
C PHE B 79 -27.75 -10.99 38.74
N ARG B 80 -27.45 -11.80 37.73
CA ARG B 80 -26.77 -13.08 37.99
C ARG B 80 -25.37 -12.84 38.54
N TRP B 81 -24.66 -11.83 38.01
CA TRP B 81 -23.35 -11.48 38.54
C TRP B 81 -23.43 -11.03 39.99
N LEU B 82 -24.46 -10.24 40.32
CA LEU B 82 -24.66 -9.82 41.70
C LEU B 82 -24.93 -10.99 42.61
N GLN B 83 -25.72 -11.95 42.15
CA GLN B 83 -25.96 -13.15 42.94
C GLN B 83 -24.70 -13.97 43.11
N ALA B 84 -23.81 -13.95 42.11
CA ALA B 84 -22.56 -14.69 42.24
C ALA B 84 -21.61 -14.04 43.23
N MET B 85 -21.69 -12.73 43.41
CA MET B 85 -20.91 -12.13 44.48
C MET B 85 -21.49 -12.45 45.85
N ILE B 86 -22.80 -12.26 45.99
CA ILE B 86 -23.46 -12.46 47.29
C ILE B 86 -23.35 -13.91 47.73
N PHE B 87 -23.47 -14.85 46.78
CA PHE B 87 -23.38 -16.27 47.07
C PHE B 87 -22.02 -16.67 47.62
N ALA B 88 -20.96 -16.14 47.05
CA ALA B 88 -19.63 -16.49 47.54
C ALA B 88 -19.35 -15.83 48.88
N ILE B 89 -19.98 -14.68 49.14
CA ILE B 89 -19.84 -14.12 50.48
C ILE B 89 -20.57 -14.98 51.52
N GLU B 90 -21.73 -15.54 51.16
CA GLU B 90 -22.38 -16.50 52.06
C GLU B 90 -21.57 -17.78 52.21
N GLU B 91 -20.85 -18.19 51.17
CA GLU B 91 -20.02 -19.38 51.26
C GLU B 91 -18.82 -19.17 52.17
N ILE B 92 -18.22 -17.97 52.12
CA ILE B 92 -17.13 -17.64 53.03
C ILE B 92 -17.63 -17.56 54.46
N ASN B 93 -18.81 -16.96 54.65
CA ASN B 93 -19.39 -16.92 55.99
C ASN B 93 -19.88 -18.28 56.48
N SER B 94 -20.06 -19.24 55.58
CA SER B 94 -20.48 -20.58 55.96
C SER B 94 -19.32 -21.49 56.31
N SER B 95 -18.34 -21.61 55.43
CA SER B 95 -17.25 -22.56 55.64
C SER B 95 -16.28 -22.06 56.72
N PRO B 96 -16.10 -22.80 57.82
CA PRO B 96 -15.24 -22.31 58.91
C PRO B 96 -13.76 -22.51 58.70
N ALA B 97 -13.35 -23.14 57.59
CA ALA B 97 -11.94 -23.28 57.29
C ALA B 97 -11.34 -22.03 56.66
N LEU B 98 -12.15 -21.02 56.37
CA LEU B 98 -11.69 -19.78 55.76
C LEU B 98 -12.32 -18.62 56.51
N LEU B 99 -11.46 -17.77 57.09
CA LEU B 99 -11.80 -16.61 57.92
C LEU B 99 -12.71 -16.86 59.11
N PRO B 100 -12.31 -17.72 60.06
CA PRO B 100 -13.17 -17.98 61.22
C PRO B 100 -13.25 -16.89 62.27
N ASN B 101 -14.40 -16.87 62.95
CA ASN B 101 -14.77 -15.86 63.94
C ASN B 101 -14.71 -14.44 63.37
N LEU B 102 -15.08 -14.31 62.11
CA LEU B 102 -14.98 -13.04 61.37
C LEU B 102 -15.90 -13.13 60.17
N THR B 103 -16.89 -12.26 60.09
CA THR B 103 -17.90 -12.33 59.06
C THR B 103 -17.73 -11.20 58.05
N LEU B 104 -18.02 -11.49 56.79
CA LEU B 104 -17.86 -10.54 55.70
C LEU B 104 -19.19 -9.90 55.37
N GLY B 105 -19.19 -8.56 55.32
CA GLY B 105 -20.33 -7.81 54.83
C GLY B 105 -20.08 -7.30 53.43
N TYR B 106 -21.07 -6.56 52.92
CA TYR B 106 -20.97 -6.02 51.57
C TYR B 106 -21.96 -4.89 51.42
N ARG B 107 -21.56 -3.85 50.68
CA ARG B 107 -22.45 -2.74 50.31
C ARG B 107 -22.42 -2.66 48.80
N ILE B 108 -23.25 -3.45 48.15
CA ILE B 108 -23.24 -3.58 46.70
C ILE B 108 -24.16 -2.54 46.10
N PHE B 109 -23.65 -1.74 45.19
CA PHE B 109 -24.41 -0.70 44.52
C PHE B 109 -24.66 -1.11 43.08
N ASP B 110 -25.23 -0.19 42.31
CA ASP B 110 -25.56 -0.46 40.92
C ASP B 110 -25.10 0.72 40.08
N THR B 111 -24.22 0.46 39.14
CA THR B 111 -23.77 1.45 38.17
C THR B 111 -24.42 1.11 36.85
N CYS B 112 -25.36 1.94 36.41
CA CYS B 112 -26.10 1.63 35.20
C CYS B 112 -25.27 1.88 33.94
N ASN B 113 -24.10 1.24 33.85
CA ASN B 113 -23.10 1.42 32.79
C ASN B 113 -22.72 2.89 32.55
N THR B 114 -22.77 3.71 33.60
CA THR B 114 -22.42 5.13 33.48
C THR B 114 -21.46 5.54 34.58
N VAL B 115 -20.55 6.45 34.20
CA VAL B 115 -19.52 6.94 35.08
C VAL B 115 -20.11 7.73 36.25
N SER B 116 -21.20 8.46 36.00
CA SER B 116 -21.78 9.27 37.06
C SER B 116 -22.47 8.43 38.11
N LYS B 117 -23.21 7.40 37.69
CA LYS B 117 -23.83 6.49 38.65
C LYS B 117 -22.80 5.64 39.37
N ALA B 118 -21.65 5.39 38.75
CA ALA B 118 -20.60 4.70 39.48
C ALA B 118 -19.89 5.61 40.48
N LEU B 119 -19.74 6.89 40.16
CA LEU B 119 -19.04 7.79 41.05
C LEU B 119 -19.90 8.20 42.24
N GLU B 120 -21.23 8.27 42.06
CA GLU B 120 -22.11 8.47 43.20
C GLU B 120 -22.03 7.33 44.21
N ALA B 121 -21.68 6.13 43.74
CA ALA B 121 -21.50 5.00 44.65
C ALA B 121 -20.11 5.01 45.27
N THR B 122 -19.07 5.17 44.45
CA THR B 122 -17.75 5.12 45.03
C THR B 122 -17.33 6.41 45.69
N LEU B 123 -18.21 7.40 45.81
CA LEU B 123 -17.99 8.47 46.77
C LEU B 123 -18.59 8.15 48.13
N SER B 124 -19.49 7.18 48.20
CA SER B 124 -19.97 6.67 49.47
C SER B 124 -19.19 5.47 49.94
N PHE B 125 -18.40 4.87 49.06
CA PHE B 125 -17.42 3.89 49.51
C PHE B 125 -16.33 4.55 50.34
N VAL B 126 -15.71 5.59 49.81
CA VAL B 126 -14.62 6.28 50.52
C VAL B 126 -15.26 7.46 51.25
N ALA B 127 -15.76 7.19 52.42
CA ALA B 127 -16.25 8.27 53.25
C ALA B 127 -15.54 8.36 54.58
N GLN B 128 -15.30 7.23 55.24
CA GLN B 128 -14.49 7.24 56.45
C GLN B 128 -13.01 7.41 56.13
N ASN B 129 -12.60 7.04 54.92
CA ASN B 129 -11.21 7.25 54.51
C ASN B 129 -10.95 8.70 54.12
N LYS B 130 -11.99 9.51 54.01
CA LYS B 130 -11.87 10.91 53.58
C LYS B 130 -11.51 11.79 54.79
N ILE B 131 -10.32 11.55 55.32
CA ILE B 131 -9.78 12.33 56.44
C ILE B 131 -8.46 12.97 55.99
N ASP B 132 -7.78 12.33 55.04
CA ASP B 132 -6.38 12.66 54.73
C ASP B 132 -6.23 14.03 54.10
N SER B 133 -7.15 14.43 53.23
CA SER B 133 -7.16 15.77 52.69
C SER B 133 -8.17 16.67 53.39
N LEU B 134 -9.38 16.18 53.63
CA LEU B 134 -10.39 16.91 54.38
C LEU B 134 -10.37 16.37 55.81
N ASN B 135 -9.65 17.06 56.70
CA ASN B 135 -9.78 16.78 58.12
C ASN B 135 -11.10 17.29 58.67
N LEU B 136 -11.80 18.15 57.91
CA LEU B 136 -13.08 18.72 58.26
C LEU B 136 -14.25 17.81 57.96
N ASP B 137 -14.03 16.50 57.79
CA ASP B 137 -15.14 15.57 57.68
C ASP B 137 -15.90 15.54 59.01
N GLU B 138 -15.27 15.00 60.04
CA GLU B 138 -15.74 15.01 61.44
C GLU B 138 -17.16 14.49 61.27
N PHE B 139 -17.25 13.15 61.22
CA PHE B 139 -18.45 12.50 60.67
C PHE B 139 -19.84 13.00 61.05
N CYS B 140 -20.14 13.01 62.35
CA CYS B 140 -21.31 13.66 62.95
C CYS B 140 -22.65 13.11 62.46
N ASN B 141 -22.68 11.93 61.83
CA ASN B 141 -23.97 11.32 61.51
C ASN B 141 -23.98 9.81 61.68
N CYS B 142 -22.90 9.20 62.18
CA CYS B 142 -22.86 7.77 62.45
C CYS B 142 -21.72 7.48 63.41
N SER B 143 -21.90 6.43 64.21
CA SER B 143 -20.89 6.04 65.18
C SER B 143 -19.67 5.45 64.48
N GLU B 144 -19.86 4.34 63.76
CA GLU B 144 -18.79 3.73 62.96
C GLU B 144 -18.49 4.51 61.70
N HIS B 145 -19.33 5.48 61.35
CA HIS B 145 -19.12 6.47 60.29
C HIS B 145 -18.97 5.81 58.92
N ILE B 146 -20.01 5.05 58.56
CA ILE B 146 -20.13 4.32 57.29
C ILE B 146 -18.94 3.38 57.16
N PRO B 147 -18.95 2.23 57.86
CA PRO B 147 -17.72 1.47 58.15
C PRO B 147 -16.91 1.14 56.89
N SER B 148 -15.59 1.25 57.02
CA SER B 148 -14.73 1.45 55.87
C SER B 148 -14.64 0.21 55.01
N THR B 149 -14.91 0.38 53.72
CA THR B 149 -14.81 -0.73 52.78
C THR B 149 -13.36 -1.11 52.57
N ILE B 150 -13.11 -2.41 52.50
CA ILE B 150 -11.75 -2.92 52.46
C ILE B 150 -11.29 -3.12 51.03
N ALA B 151 -12.17 -3.63 50.17
CA ALA B 151 -11.81 -3.86 48.77
C ALA B 151 -13.08 -3.93 47.95
N VAL B 152 -13.20 -3.09 46.94
CA VAL B 152 -14.40 -3.10 46.10
C VAL B 152 -14.19 -4.05 44.94
N VAL B 153 -15.28 -4.69 44.52
CA VAL B 153 -15.28 -5.66 43.44
C VAL B 153 -16.21 -5.11 42.38
N GLY B 154 -15.69 -4.54 41.31
CA GLY B 154 -16.65 -4.16 40.30
C GLY B 154 -16.11 -3.27 39.22
N ALA B 155 -17.00 -2.41 38.72
CA ALA B 155 -16.82 -1.58 37.56
C ALA B 155 -16.57 -2.34 36.26
N THR B 156 -17.53 -3.19 35.91
CA THR B 156 -17.50 -3.98 34.69
C THR B 156 -16.93 -3.28 33.46
N GLY B 157 -17.47 -2.13 33.08
CA GLY B 157 -17.01 -1.47 31.88
C GLY B 157 -15.64 -0.86 32.07
N SER B 158 -14.90 -0.73 30.99
CA SER B 158 -13.56 -0.20 31.10
C SER B 158 -13.52 1.31 30.97
N GLY B 159 -14.67 1.96 30.83
CA GLY B 159 -14.73 3.40 30.93
C GLY B 159 -15.19 3.76 32.31
N VAL B 160 -15.71 2.76 33.00
CA VAL B 160 -16.16 2.89 34.38
C VAL B 160 -15.07 2.52 35.37
N SER B 161 -14.26 1.51 35.06
CA SER B 161 -13.16 1.17 35.93
C SER B 161 -12.06 2.21 35.88
N THR B 162 -11.88 2.86 34.75
CA THR B 162 -10.89 3.92 34.66
C THR B 162 -11.30 5.13 35.48
N ALA B 163 -12.60 5.35 35.62
CA ALA B 163 -13.08 6.48 36.40
C ALA B 163 -13.24 6.17 37.88
N VAL B 164 -13.39 4.91 38.25
CA VAL B 164 -13.46 4.57 39.67
C VAL B 164 -12.06 4.29 40.24
N ALA B 165 -11.14 3.74 39.45
CA ALA B 165 -9.80 3.45 39.92
C ALA B 165 -8.98 4.71 40.14
N ASN B 166 -9.41 5.86 39.65
CA ASN B 166 -8.76 7.12 39.98
C ASN B 166 -9.14 7.59 41.37
N LEU B 167 -10.35 7.27 41.82
CA LEU B 167 -10.81 7.64 43.15
C LEU B 167 -10.46 6.61 44.20
N LEU B 168 -10.22 5.36 43.80
CA LEU B 168 -9.72 4.34 44.71
C LEU B 168 -8.22 4.17 44.56
N GLY B 169 -7.50 5.25 44.30
CA GLY B 169 -6.07 5.18 44.16
C GLY B 169 -5.40 6.20 45.06
N LEU B 170 -6.19 7.12 45.60
CA LEU B 170 -5.70 8.00 46.65
C LEU B 170 -5.71 7.28 47.98
N PHE B 171 -6.80 6.58 48.27
CA PHE B 171 -7.00 5.91 49.53
C PHE B 171 -6.47 4.49 49.53
N TYR B 172 -5.91 4.06 48.41
CA TYR B 172 -5.23 2.77 48.25
C TYR B 172 -6.15 1.58 48.51
N ILE B 173 -7.44 1.75 48.27
CA ILE B 173 -8.36 0.61 48.34
C ILE B 173 -8.16 -0.26 47.11
N PRO B 174 -7.97 -1.56 47.25
CA PRO B 174 -7.81 -2.40 46.06
C PRO B 174 -9.13 -2.64 45.38
N GLN B 175 -9.11 -2.60 44.06
CA GLN B 175 -10.30 -2.83 43.25
C GLN B 175 -10.02 -4.02 42.35
N VAL B 176 -10.79 -5.09 42.52
CA VAL B 176 -10.57 -6.31 41.76
C VAL B 176 -11.69 -6.45 40.74
N SER B 177 -11.50 -5.91 39.55
CA SER B 177 -12.55 -5.91 38.55
C SER B 177 -12.65 -7.26 37.87
N TYR B 178 -13.87 -7.65 37.54
CA TYR B 178 -14.12 -8.96 36.95
C TYR B 178 -14.28 -8.93 35.45
N ALA B 179 -14.49 -7.78 34.84
CA ALA B 179 -14.82 -7.72 33.43
C ALA B 179 -14.05 -6.71 32.62
N SER B 180 -13.51 -5.65 33.21
CA SER B 180 -12.85 -4.63 32.42
C SER B 180 -11.51 -5.13 31.91
N SER B 181 -11.34 -5.11 30.60
CA SER B 181 -10.22 -5.81 30.00
C SER B 181 -9.56 -4.97 28.93
N SER B 182 -9.30 -3.70 29.22
CA SER B 182 -8.52 -2.89 28.30
C SER B 182 -7.08 -2.80 28.79
N ARG B 183 -6.20 -2.39 27.89
CA ARG B 183 -4.79 -2.33 28.21
C ARG B 183 -4.37 -1.00 28.83
N LEU B 184 -5.29 -0.04 28.92
CA LEU B 184 -4.95 1.22 29.59
C LEU B 184 -4.88 1.06 31.09
N LEU B 185 -5.62 0.09 31.64
CA LEU B 185 -5.66 -0.15 33.07
C LEU B 185 -4.49 -0.97 33.55
N SER B 186 -3.59 -1.38 32.66
CA SER B 186 -2.39 -2.11 33.03
C SER B 186 -1.19 -1.18 33.11
N ASN B 187 -1.44 0.06 33.54
CA ASN B 187 -0.45 1.10 33.67
C ASN B 187 -0.38 1.45 35.15
N LYS B 188 0.52 0.79 35.87
CA LYS B 188 0.53 0.85 37.32
C LYS B 188 1.21 2.07 37.89
N ASN B 189 1.49 3.09 37.08
CA ASN B 189 1.93 4.36 37.62
C ASN B 189 0.76 5.29 37.92
N GLN B 190 -0.39 5.04 37.29
CA GLN B 190 -1.56 5.88 37.46
C GLN B 190 -2.68 5.19 38.21
N PHE B 191 -3.04 3.96 37.80
CA PHE B 191 -4.01 3.15 38.52
C PHE B 191 -3.24 2.28 39.49
N LYS B 192 -2.91 2.85 40.65
CA LYS B 192 -1.97 2.22 41.56
C LYS B 192 -2.54 1.01 42.26
N SER B 193 -3.85 0.92 42.39
CA SER B 193 -4.50 -0.19 43.10
C SER B 193 -5.61 -0.72 42.22
N PHE B 194 -5.28 -1.59 41.27
CA PHE B 194 -6.28 -2.13 40.37
C PHE B 194 -5.71 -3.46 39.91
N LEU B 195 -6.33 -4.55 40.33
CA LEU B 195 -6.00 -5.87 39.84
C LEU B 195 -7.26 -6.37 39.15
N ARG B 196 -7.12 -7.30 38.22
CA ARG B 196 -8.33 -7.80 37.58
C ARG B 196 -8.19 -9.27 37.23
N THR B 197 -9.33 -9.95 37.18
CA THR B 197 -9.38 -11.39 36.92
C THR B 197 -9.96 -11.68 35.54
N ILE B 198 -9.61 -10.87 34.55
CA ILE B 198 -9.99 -11.11 33.17
C ILE B 198 -8.74 -10.81 32.35
N PRO B 199 -8.42 -11.58 31.32
CA PRO B 199 -7.22 -11.31 30.53
C PRO B 199 -7.25 -9.96 29.84
N ASN B 200 -6.06 -9.41 29.64
CA ASN B 200 -5.83 -8.19 28.88
C ASN B 200 -6.29 -8.37 27.43
N ASP B 201 -6.41 -7.26 26.71
CA ASP B 201 -6.77 -7.31 25.30
C ASP B 201 -5.58 -7.09 24.38
N GLU B 202 -4.36 -7.35 24.86
CA GLU B 202 -3.25 -7.45 23.94
C GLU B 202 -3.20 -8.80 23.25
N HIS B 203 -3.97 -9.77 23.73
CA HIS B 203 -4.02 -11.10 23.14
C HIS B 203 -5.17 -11.29 22.20
N GLN B 204 -6.29 -10.61 22.43
CA GLN B 204 -7.46 -10.82 21.61
C GLN B 204 -7.31 -10.14 20.26
N ALA B 205 -6.67 -8.97 20.22
CA ALA B 205 -6.38 -8.34 18.94
C ALA B 205 -5.26 -9.03 18.19
N THR B 206 -4.48 -9.88 18.85
CA THR B 206 -3.57 -10.77 18.14
C THR B 206 -4.33 -11.96 17.57
N ALA B 207 -5.29 -12.46 18.34
CA ALA B 207 -6.05 -13.62 17.90
C ALA B 207 -6.92 -13.30 16.70
N MET B 208 -7.50 -12.10 16.66
CA MET B 208 -8.33 -11.74 15.52
C MET B 208 -7.52 -11.42 14.28
N ALA B 209 -6.22 -11.21 14.40
CA ALA B 209 -5.37 -11.15 13.22
C ALA B 209 -4.87 -12.52 12.80
N ASP B 210 -4.66 -13.42 13.76
CA ASP B 210 -4.31 -14.79 13.45
C ASP B 210 -5.43 -15.51 12.72
N ILE B 211 -6.69 -15.21 13.05
CA ILE B 211 -7.82 -15.84 12.35
C ILE B 211 -7.87 -15.38 10.90
N ILE B 212 -7.71 -14.08 10.66
CA ILE B 212 -7.77 -13.51 9.32
C ILE B 212 -6.58 -13.98 8.49
N GLU B 213 -5.42 -14.14 9.10
CA GLU B 213 -4.27 -14.72 8.41
C GLU B 213 -4.52 -16.20 8.11
N TYR B 214 -5.19 -16.91 9.01
CA TYR B 214 -5.39 -18.35 8.85
C TYR B 214 -6.40 -18.66 7.76
N PHE B 215 -7.43 -17.83 7.59
CA PHE B 215 -8.40 -18.07 6.55
C PHE B 215 -8.02 -17.43 5.22
N ARG B 216 -6.86 -16.78 5.15
CA ARG B 216 -6.31 -16.12 3.95
C ARG B 216 -7.27 -15.06 3.41
N TRP B 217 -7.45 -14.04 4.23
CA TRP B 217 -8.13 -12.82 3.84
C TRP B 217 -7.12 -11.68 3.88
N ASN B 218 -7.30 -10.69 3.02
CA ASN B 218 -6.45 -9.51 3.12
C ASN B 218 -7.21 -8.22 2.89
N TRP B 219 -8.53 -8.23 3.02
CA TRP B 219 -9.29 -6.99 2.85
C TRP B 219 -10.44 -6.97 3.86
N VAL B 220 -10.20 -6.34 4.99
CA VAL B 220 -11.12 -6.33 6.12
C VAL B 220 -11.50 -4.90 6.45
N GLY B 221 -12.46 -4.76 7.35
CA GLY B 221 -12.81 -3.46 7.88
C GLY B 221 -13.05 -3.58 9.38
N THR B 222 -12.82 -2.50 10.10
CA THR B 222 -12.94 -2.49 11.54
C THR B 222 -14.01 -1.51 12.00
N ILE B 223 -14.68 -1.85 13.08
CA ILE B 223 -15.64 -0.99 13.77
C ILE B 223 -15.40 -1.14 15.25
N ALA B 224 -15.29 -0.02 15.96
CA ALA B 224 -14.94 -0.08 17.37
C ALA B 224 -15.80 0.88 18.19
N ALA B 225 -16.19 0.45 19.38
CA ALA B 225 -17.00 1.31 20.23
C ALA B 225 -16.14 2.40 20.84
N ASP B 226 -16.59 3.64 20.70
CA ASP B 226 -15.79 4.78 21.17
C ASP B 226 -15.93 4.94 22.67
N ASP B 227 -15.20 4.11 23.40
CA ASP B 227 -14.88 4.35 24.81
C ASP B 227 -13.54 3.65 25.05
N ASP B 228 -13.12 3.57 26.29
CA ASP B 228 -11.80 3.02 26.60
C ASP B 228 -11.61 1.53 26.30
N TYR B 229 -12.58 0.86 25.69
CA TYR B 229 -12.47 -0.56 25.35
C TYR B 229 -12.19 -0.81 23.88
N GLY B 230 -12.96 -0.21 22.98
CA GLY B 230 -12.72 -0.42 21.58
C GLY B 230 -11.58 0.40 21.03
N ARG B 231 -11.36 1.59 21.60
CA ARG B 231 -10.38 2.50 21.04
C ARG B 231 -8.93 2.03 21.20
N PRO B 232 -8.44 1.61 22.38
CA PRO B 232 -7.09 1.07 22.41
C PRO B 232 -7.01 -0.40 22.07
N GLY B 233 -8.12 -1.02 21.70
CA GLY B 233 -8.12 -2.42 21.34
C GLY B 233 -8.18 -2.62 19.86
N ILE B 234 -8.60 -1.61 19.11
CA ILE B 234 -8.52 -1.69 17.66
C ILE B 234 -7.20 -1.15 17.13
N GLU B 235 -6.48 -0.36 17.93
CA GLU B 235 -5.14 0.06 17.53
C GLU B 235 -4.15 -1.07 17.62
N LYS B 236 -4.33 -1.98 18.58
CA LYS B 236 -3.49 -3.17 18.62
C LYS B 236 -3.78 -4.09 17.44
N PHE B 237 -5.03 -4.16 17.00
CA PHE B 237 -5.34 -4.96 15.82
C PHE B 237 -4.79 -4.32 14.56
N ARG B 238 -4.82 -2.98 14.47
CA ARG B 238 -4.21 -2.31 13.33
C ARG B 238 -2.70 -2.47 13.34
N GLU B 239 -2.08 -2.46 14.51
CA GLU B 239 -0.63 -2.60 14.59
C GLU B 239 -0.19 -4.03 14.29
N GLU B 240 -1.04 -5.01 14.57
CA GLU B 240 -0.67 -6.40 14.33
C GLU B 240 -1.29 -6.99 13.09
N ALA B 241 -2.09 -6.23 12.35
CA ALA B 241 -2.53 -6.64 11.02
C ALA B 241 -1.93 -5.75 9.94
N GLU B 242 -0.73 -5.24 10.16
CA GLU B 242 0.08 -4.71 9.08
C GLU B 242 1.46 -5.31 9.07
N GLU B 243 1.82 -6.08 10.09
CA GLU B 243 2.94 -6.99 10.02
C GLU B 243 2.58 -8.29 9.33
N ARG B 244 1.30 -8.51 9.06
CA ARG B 244 0.84 -9.66 8.30
C ARG B 244 0.31 -9.27 6.93
N ASP B 245 0.34 -7.98 6.62
CA ASP B 245 -0.14 -7.49 5.33
C ASP B 245 -1.67 -7.43 5.31
N ILE B 246 -2.27 -7.31 6.48
CA ILE B 246 -3.71 -7.24 6.60
C ILE B 246 -4.22 -5.81 6.39
N CYS B 247 -4.09 -5.33 5.15
CA CYS B 247 -4.52 -3.98 4.81
C CYS B 247 -5.96 -3.73 5.27
N ILE B 248 -6.19 -2.57 5.89
CA ILE B 248 -7.52 -2.22 6.37
C ILE B 248 -8.26 -1.36 5.35
N ASP B 249 -9.54 -1.67 5.14
CA ASP B 249 -10.36 -0.92 4.19
C ASP B 249 -10.94 0.34 4.84
N PHE B 250 -11.78 0.14 5.85
CA PHE B 250 -12.40 1.26 6.55
C PHE B 250 -12.24 1.07 8.04
N SER B 251 -12.44 2.15 8.78
CA SER B 251 -12.34 2.12 10.24
C SER B 251 -13.27 3.20 10.78
N GLU B 252 -14.35 2.79 11.40
CA GLU B 252 -15.33 3.74 11.92
C GLU B 252 -15.54 3.49 13.40
N LEU B 253 -15.99 4.53 14.10
CA LEU B 253 -16.23 4.48 15.53
C LEU B 253 -17.69 4.75 15.80
N ILE B 254 -18.30 3.91 16.63
CA ILE B 254 -19.69 4.07 16.98
C ILE B 254 -19.80 4.30 18.48
N SER B 255 -21.02 4.47 18.97
CA SER B 255 -21.27 4.63 20.39
C SER B 255 -22.72 4.22 20.62
N GLN B 256 -23.15 4.27 21.87
CA GLN B 256 -24.56 4.03 22.16
C GLN B 256 -25.34 5.33 22.25
N TYR B 257 -24.68 6.48 22.15
CA TYR B 257 -25.34 7.77 22.12
C TYR B 257 -25.09 8.50 20.81
N SER B 258 -24.73 7.78 19.75
CA SER B 258 -24.46 8.43 18.48
C SER B 258 -25.75 8.85 17.82
N ASP B 259 -25.64 9.83 16.93
CA ASP B 259 -26.80 10.38 16.24
C ASP B 259 -27.00 9.72 14.88
N GLU B 260 -28.17 10.02 14.30
CA GLU B 260 -28.62 9.33 13.10
C GLU B 260 -27.74 9.62 11.90
N GLU B 261 -27.13 10.80 11.84
CA GLU B 261 -26.16 11.09 10.79
C GLU B 261 -24.93 10.19 10.91
N GLU B 262 -24.50 9.91 12.14
CA GLU B 262 -23.32 9.05 12.33
C GLU B 262 -23.63 7.60 12.02
N ILE B 263 -24.80 7.12 12.44
CA ILE B 263 -25.16 5.73 12.13
C ILE B 263 -25.38 5.54 10.64
N GLN B 264 -25.99 6.55 9.98
CA GLN B 264 -26.17 6.49 8.54
C GLN B 264 -24.84 6.56 7.81
N HIS B 265 -23.88 7.32 8.34
CA HIS B 265 -22.56 7.39 7.72
C HIS B 265 -21.83 6.06 7.85
N VAL B 266 -21.95 5.38 9.00
CA VAL B 266 -21.28 4.10 9.18
C VAL B 266 -21.87 3.05 8.28
N VAL B 267 -23.20 2.99 8.15
CA VAL B 267 -23.78 1.98 7.26
C VAL B 267 -23.57 2.34 5.79
N GLU B 268 -23.38 3.63 5.46
CA GLU B 268 -23.03 3.96 4.09
C GLU B 268 -21.59 3.61 3.77
N VAL B 269 -20.70 3.65 4.75
CA VAL B 269 -19.34 3.17 4.50
C VAL B 269 -19.31 1.65 4.38
N ILE B 270 -20.17 0.96 5.13
CA ILE B 270 -20.26 -0.50 5.02
C ILE B 270 -20.80 -0.91 3.64
N GLN B 271 -21.86 -0.23 3.18
CA GLN B 271 -22.41 -0.55 1.87
C GLN B 271 -21.50 -0.12 0.73
N ASN B 272 -20.88 1.05 0.84
CA ASN B 272 -20.02 1.59 -0.21
C ASN B 272 -18.69 0.86 -0.33
N SER B 273 -18.41 -0.15 0.48
CA SER B 273 -17.17 -0.89 0.41
C SER B 273 -17.44 -2.29 -0.13
N THR B 274 -16.35 -2.99 -0.42
CA THR B 274 -16.40 -4.39 -0.84
C THR B 274 -15.42 -5.20 0.02
N ALA B 275 -15.87 -5.54 1.22
CA ALA B 275 -15.08 -6.32 2.16
C ALA B 275 -16.04 -7.07 3.04
N LYS B 276 -15.83 -8.37 3.19
CA LYS B 276 -16.79 -9.21 3.87
C LYS B 276 -16.44 -9.48 5.32
N VAL B 277 -15.19 -9.34 5.71
CA VAL B 277 -14.78 -9.53 7.09
C VAL B 277 -14.86 -8.18 7.79
N ILE B 278 -15.70 -8.09 8.81
CA ILE B 278 -15.84 -6.87 9.60
C ILE B 278 -15.49 -7.22 11.03
N VAL B 279 -14.41 -6.63 11.53
CA VAL B 279 -13.93 -6.89 12.88
C VAL B 279 -14.57 -5.87 13.81
N VAL B 280 -15.51 -6.32 14.61
CA VAL B 280 -16.22 -5.41 15.52
C VAL B 280 -15.65 -5.59 16.91
N PHE B 281 -14.97 -4.55 17.39
CA PHE B 281 -14.37 -4.53 18.71
C PHE B 281 -15.20 -3.58 19.57
N SER B 282 -16.29 -4.09 20.12
CA SER B 282 -17.27 -3.23 20.76
C SER B 282 -17.85 -3.96 21.95
N SER B 283 -18.75 -3.27 22.64
CA SER B 283 -19.42 -3.82 23.80
C SER B 283 -20.81 -4.27 23.41
N GLY B 284 -21.62 -4.62 24.40
CA GLY B 284 -22.95 -5.12 24.16
C GLY B 284 -23.91 -4.08 23.61
N PRO B 285 -24.30 -3.11 24.43
CA PRO B 285 -25.25 -2.09 23.97
C PRO B 285 -24.64 -0.95 23.17
N ASP B 286 -23.38 -1.03 22.77
CA ASP B 286 -22.85 -0.03 21.84
C ASP B 286 -23.07 -0.43 20.39
N LEU B 287 -23.16 -1.71 20.11
CA LEU B 287 -23.47 -2.21 18.78
C LEU B 287 -24.97 -2.23 18.50
N GLU B 288 -25.79 -1.95 19.50
CA GLU B 288 -27.25 -2.02 19.33
C GLU B 288 -27.81 -1.05 18.30
N PRO B 289 -27.50 0.25 18.28
CA PRO B 289 -28.09 1.10 17.24
C PRO B 289 -27.53 0.85 15.85
N LEU B 290 -26.36 0.23 15.75
CA LEU B 290 -25.86 -0.14 14.44
C LEU B 290 -26.52 -1.41 13.93
N ILE B 291 -26.72 -2.38 14.82
CA ILE B 291 -27.28 -3.67 14.41
C ILE B 291 -28.75 -3.53 14.08
N LYS B 292 -29.48 -2.72 14.86
CA LYS B 292 -30.89 -2.43 14.56
C LYS B 292 -31.06 -1.81 13.18
N GLU B 293 -30.24 -0.82 12.85
CA GLU B 293 -30.38 -0.14 11.58
C GLU B 293 -29.83 -0.93 10.41
N ILE B 294 -28.82 -1.78 10.64
CA ILE B 294 -28.34 -2.65 9.58
C ILE B 294 -29.38 -3.71 9.25
N VAL B 295 -30.12 -4.20 10.27
CA VAL B 295 -31.24 -5.10 10.04
C VAL B 295 -32.36 -4.37 9.30
N ARG B 296 -32.62 -3.12 9.68
CA ARG B 296 -33.68 -2.35 9.02
C ARG B 296 -33.34 -1.98 7.58
N ARG B 297 -32.06 -1.95 7.21
CA ARG B 297 -31.67 -1.71 5.83
C ARG B 297 -31.18 -2.96 5.11
N ASN B 298 -31.05 -4.08 5.83
CA ASN B 298 -30.86 -5.42 5.28
C ASN B 298 -29.57 -5.56 4.47
N ILE B 299 -28.44 -5.38 5.15
CA ILE B 299 -27.13 -5.45 4.52
C ILE B 299 -26.56 -6.83 4.80
N THR B 300 -26.85 -7.77 3.91
CA THR B 300 -26.50 -9.17 4.06
C THR B 300 -25.19 -9.48 3.33
N GLY B 301 -24.46 -10.49 3.84
CA GLY B 301 -23.28 -11.02 3.18
C GLY B 301 -22.04 -10.98 4.04
N LYS B 302 -21.93 -9.99 4.93
CA LYS B 302 -20.72 -9.81 5.73
C LYS B 302 -20.63 -10.87 6.82
N ILE B 303 -19.40 -11.22 7.17
CA ILE B 303 -19.14 -12.08 8.33
C ILE B 303 -18.47 -11.21 9.39
N TRP B 304 -19.04 -11.22 10.59
CA TRP B 304 -18.63 -10.32 11.65
C TRP B 304 -17.71 -11.07 12.61
N LEU B 305 -16.43 -10.77 12.57
CA LEU B 305 -15.58 -11.24 13.65
C LEU B 305 -15.89 -10.43 14.89
N ALA B 306 -16.06 -11.11 16.01
CA ALA B 306 -16.63 -10.50 17.19
C ALA B 306 -15.58 -10.37 18.28
N SER B 307 -15.67 -9.26 19.05
CA SER B 307 -14.89 -9.15 20.27
C SER B 307 -15.54 -10.00 21.36
N GLU B 308 -14.86 -10.10 22.48
CA GLU B 308 -15.36 -10.92 23.57
C GLU B 308 -16.60 -10.32 24.21
N ALA B 309 -16.78 -9.01 24.12
CA ALA B 309 -17.83 -8.36 24.89
C ALA B 309 -19.21 -8.59 24.32
N TRP B 310 -19.33 -8.79 23.01
CA TRP B 310 -20.64 -9.01 22.41
C TRP B 310 -20.80 -10.34 21.71
N ALA B 311 -19.76 -11.19 21.69
CA ALA B 311 -19.88 -12.48 21.04
C ALA B 311 -20.80 -13.43 21.79
N SER B 312 -21.08 -13.18 23.06
CA SER B 312 -22.13 -13.86 23.79
C SER B 312 -22.95 -12.79 24.50
N SER B 313 -23.90 -12.20 23.78
CA SER B 313 -24.67 -11.07 24.27
C SER B 313 -26.16 -11.31 24.03
N SER B 314 -26.97 -10.96 25.02
CA SER B 314 -28.41 -11.15 24.92
C SER B 314 -29.13 -9.96 24.30
N LEU B 315 -28.41 -9.11 23.57
CA LEU B 315 -29.00 -8.02 22.82
C LEU B 315 -28.76 -8.13 21.33
N ILE B 316 -27.63 -8.69 20.92
CA ILE B 316 -27.31 -8.88 19.52
C ILE B 316 -27.70 -10.27 19.04
N ALA B 317 -27.49 -11.29 19.88
CA ALA B 317 -27.94 -12.64 19.57
C ALA B 317 -29.44 -12.72 19.83
N MET B 318 -30.20 -12.26 18.83
CA MET B 318 -31.64 -12.23 18.84
C MET B 318 -32.05 -12.85 17.52
N PRO B 319 -33.14 -13.61 17.47
CA PRO B 319 -33.42 -14.43 16.27
C PRO B 319 -33.82 -13.62 15.05
N GLN B 320 -34.39 -12.43 15.21
CA GLN B 320 -34.77 -11.66 14.04
C GLN B 320 -33.61 -10.89 13.43
N TYR B 321 -32.45 -10.88 14.06
CA TYR B 321 -31.28 -10.25 13.47
C TYR B 321 -30.47 -11.23 12.64
N PHE B 322 -30.92 -12.47 12.52
CA PHE B 322 -30.13 -13.53 11.93
C PHE B 322 -30.01 -13.45 10.42
N HIS B 323 -30.65 -12.48 9.78
CA HIS B 323 -30.40 -12.27 8.36
C HIS B 323 -28.97 -11.78 8.15
N VAL B 324 -28.53 -10.81 8.97
CA VAL B 324 -27.23 -10.20 8.77
C VAL B 324 -26.24 -10.69 9.82
N VAL B 325 -26.72 -11.10 10.99
CA VAL B 325 -25.81 -11.53 12.05
C VAL B 325 -25.85 -13.04 12.15
N GLY B 326 -24.97 -13.70 11.44
CA GLY B 326 -24.89 -15.15 11.47
C GLY B 326 -23.51 -15.56 11.07
N GLY B 327 -23.04 -16.67 11.66
CA GLY B 327 -21.70 -17.11 11.39
C GLY B 327 -20.64 -16.25 12.01
N THR B 328 -20.98 -15.48 13.04
CA THR B 328 -20.06 -14.53 13.65
C THR B 328 -19.09 -15.28 14.55
N ILE B 329 -17.88 -15.51 14.03
CA ILE B 329 -16.85 -16.21 14.78
C ILE B 329 -16.36 -15.29 15.88
N GLY B 330 -16.77 -15.57 17.12
CA GLY B 330 -16.48 -14.71 18.22
C GLY B 330 -15.43 -15.28 19.14
N PHE B 331 -15.37 -14.73 20.34
CA PHE B 331 -14.51 -15.23 21.40
C PHE B 331 -15.30 -15.34 22.68
N ALA B 332 -14.80 -16.15 23.59
CA ALA B 332 -15.42 -16.29 24.89
C ALA B 332 -14.35 -16.78 25.85
N LEU B 333 -14.49 -16.42 27.12
CA LEU B 333 -13.49 -16.80 28.09
C LEU B 333 -13.66 -18.27 28.46
N LYS B 334 -12.73 -18.78 29.26
CA LYS B 334 -12.82 -20.15 29.71
C LYS B 334 -13.90 -20.29 30.76
N ALA B 335 -14.80 -21.25 30.58
CA ALA B 335 -15.92 -21.41 31.48
C ALA B 335 -15.47 -21.96 32.82
N GLY B 336 -16.31 -21.76 33.84
CA GLY B 336 -16.03 -22.20 35.18
C GLY B 336 -17.11 -23.13 35.69
N GLN B 337 -16.89 -23.62 36.90
CA GLN B 337 -17.84 -24.51 37.56
C GLN B 337 -18.00 -24.01 38.99
N ILE B 338 -19.20 -23.57 39.33
CA ILE B 338 -19.51 -23.14 40.69
C ILE B 338 -20.54 -24.11 41.25
N PRO B 339 -20.26 -24.77 42.38
CA PRO B 339 -21.19 -25.81 42.87
C PRO B 339 -22.27 -25.25 43.77
N GLY B 340 -23.52 -25.59 43.51
CA GLY B 340 -24.64 -25.09 44.27
C GLY B 340 -25.17 -23.75 43.81
N PHE B 341 -24.56 -23.19 42.76
CA PHE B 341 -24.93 -21.84 42.35
C PHE B 341 -26.28 -21.81 41.64
N ARG B 342 -26.53 -22.80 40.77
CA ARG B 342 -27.81 -22.83 40.08
C ARG B 342 -28.96 -23.12 41.03
N GLU B 343 -28.70 -23.89 42.07
CA GLU B 343 -29.73 -24.08 43.09
C GLU B 343 -29.84 -22.88 44.01
N PHE B 344 -28.80 -22.03 44.08
CA PHE B 344 -28.92 -20.80 44.85
C PHE B 344 -29.69 -19.73 44.09
N LEU B 345 -29.60 -19.73 42.77
CA LEU B 345 -30.27 -18.71 41.96
C LEU B 345 -31.78 -18.80 42.08
N LYS B 346 -32.34 -20.00 42.22
CA LYS B 346 -33.78 -20.19 42.33
C LYS B 346 -34.32 -19.89 43.71
N LYS B 347 -33.46 -19.65 44.70
CA LYS B 347 -33.90 -19.39 46.06
C LYS B 347 -34.18 -17.92 46.32
N VAL B 348 -34.42 -17.14 45.28
CA VAL B 348 -34.60 -15.69 45.44
C VAL B 348 -36.08 -15.41 45.66
N HIS B 349 -36.35 -14.29 46.34
CA HIS B 349 -37.71 -13.88 46.70
C HIS B 349 -37.69 -12.42 47.06
N PRO B 350 -38.74 -11.66 46.74
CA PRO B 350 -38.81 -10.27 47.18
C PRO B 350 -39.15 -10.11 48.66
N ARG B 351 -39.50 -11.17 49.37
CA ARG B 351 -39.80 -11.08 50.79
C ARG B 351 -38.80 -11.80 51.67
N LYS B 352 -38.32 -12.97 51.26
CA LYS B 352 -37.34 -13.69 52.07
C LYS B 352 -35.94 -13.09 51.99
N SER B 353 -35.65 -12.28 50.97
CA SER B 353 -34.35 -11.65 50.82
C SER B 353 -34.46 -10.25 51.42
N VAL B 354 -34.08 -10.14 52.70
CA VAL B 354 -34.12 -8.85 53.38
C VAL B 354 -32.85 -8.06 53.12
N HIS B 355 -31.76 -8.71 52.73
CA HIS B 355 -30.49 -8.05 52.46
C HIS B 355 -30.23 -7.92 50.98
N ASN B 356 -31.26 -7.66 50.18
CA ASN B 356 -31.10 -7.57 48.73
C ASN B 356 -32.18 -6.63 48.20
N GLY B 357 -31.81 -5.39 47.94
CA GLY B 357 -32.76 -4.40 47.49
C GLY B 357 -33.12 -4.47 46.02
N PHE B 358 -32.41 -5.28 45.24
CA PHE B 358 -32.72 -5.37 43.82
C PHE B 358 -33.70 -6.49 43.52
N ALA B 359 -34.09 -7.27 44.53
CA ALA B 359 -34.89 -8.46 44.29
C ALA B 359 -36.31 -8.10 43.87
N LYS B 360 -36.87 -7.02 44.43
CA LYS B 360 -38.21 -6.59 44.04
C LYS B 360 -38.23 -6.08 42.61
N GLU B 361 -37.18 -5.36 42.20
CA GLU B 361 -37.09 -4.86 40.83
C GLU B 361 -36.91 -6.02 39.85
N PHE B 362 -36.11 -7.02 40.23
CA PHE B 362 -35.94 -8.20 39.38
C PHE B 362 -37.24 -8.99 39.27
N TRP B 363 -37.93 -9.17 40.38
CA TRP B 363 -39.19 -9.90 40.42
C TRP B 363 -40.24 -9.23 39.54
N GLU B 364 -40.42 -7.92 39.73
CA GLU B 364 -41.39 -7.16 38.96
C GLU B 364 -41.03 -7.11 37.48
N GLU B 365 -39.74 -7.08 37.16
CA GLU B 365 -39.37 -7.04 35.75
C GLU B 365 -39.41 -8.41 35.08
N THR B 366 -39.29 -9.50 35.85
CA THR B 366 -39.32 -10.81 35.22
C THR B 366 -40.71 -11.43 35.20
N PHE B 367 -41.66 -10.92 35.99
CA PHE B 367 -42.99 -11.50 36.01
C PHE B 367 -44.08 -10.57 35.50
N ASN B 368 -43.70 -9.37 35.04
CA ASN B 368 -44.62 -8.30 34.59
C ASN B 368 -45.65 -7.99 35.67
N CYS B 369 -45.21 -7.98 36.91
CA CYS B 369 -46.05 -7.75 38.06
C CYS B 369 -46.03 -6.28 38.42
N HIS B 370 -46.57 -5.96 39.58
CA HIS B 370 -46.32 -4.69 40.26
C HIS B 370 -46.52 -5.09 41.72
N LEU B 371 -45.44 -5.10 42.48
CA LEU B 371 -45.46 -5.66 43.81
C LEU B 371 -46.00 -4.60 44.76
N GLN B 372 -47.06 -4.94 45.49
CA GLN B 372 -47.72 -4.03 46.39
C GLN B 372 -47.29 -4.33 47.82
N GLU B 373 -46.95 -3.29 48.56
CA GLU B 373 -46.54 -3.45 49.96
C GLU B 373 -47.22 -2.39 50.82
N PHE B 402 -52.99 -2.10 33.73
CA PHE B 402 -51.73 -2.19 33.01
C PHE B 402 -50.83 -3.27 33.62
N ARG B 403 -50.55 -3.14 34.91
CA ARG B 403 -49.70 -4.09 35.64
C ARG B 403 -50.52 -4.75 36.74
N PRO B 404 -50.73 -6.05 36.70
CA PRO B 404 -51.48 -6.71 37.77
C PRO B 404 -50.67 -6.81 39.05
N LEU B 405 -51.38 -6.88 40.17
CA LEU B 405 -50.72 -7.05 41.45
C LEU B 405 -50.13 -8.45 41.55
N CYS B 406 -48.96 -8.55 42.15
CA CYS B 406 -48.21 -9.79 42.22
C CYS B 406 -48.53 -10.53 43.51
N THR B 407 -48.93 -11.79 43.37
CA THR B 407 -49.15 -12.62 44.55
C THR B 407 -47.84 -12.99 45.23
N GLY B 408 -46.77 -13.13 44.46
CA GLY B 408 -45.49 -13.52 45.02
C GLY B 408 -45.33 -14.99 45.27
N ASP B 409 -45.98 -15.83 44.47
CA ASP B 409 -45.89 -17.27 44.61
C ASP B 409 -45.56 -17.94 43.29
N GLU B 410 -44.85 -17.24 42.42
CA GLU B 410 -44.61 -17.74 41.08
C GLU B 410 -43.43 -18.71 41.07
N ASN B 411 -43.18 -19.28 39.89
CA ASN B 411 -42.13 -20.24 39.68
C ASN B 411 -41.06 -19.60 38.80
N ILE B 412 -39.84 -19.49 39.33
CA ILE B 412 -38.79 -18.75 38.65
C ILE B 412 -38.25 -19.52 37.46
N SER B 413 -38.33 -20.84 37.49
CA SER B 413 -37.85 -21.66 36.38
C SER B 413 -38.86 -21.78 35.24
N SER B 414 -39.96 -21.04 35.29
CA SER B 414 -40.99 -21.14 34.28
C SER B 414 -40.74 -20.23 33.08
N VAL B 415 -40.40 -18.98 33.31
CA VAL B 415 -40.19 -18.04 32.23
C VAL B 415 -38.78 -18.20 31.69
N GLU B 416 -38.57 -17.72 30.47
CA GLU B 416 -37.27 -17.79 29.82
C GLU B 416 -36.61 -16.42 29.88
N THR B 417 -35.42 -16.36 30.46
CA THR B 417 -34.70 -15.12 30.72
C THR B 417 -33.24 -15.47 30.90
N PRO B 418 -32.32 -14.55 30.59
CA PRO B 418 -30.89 -14.86 30.76
C PRO B 418 -30.43 -14.97 32.20
N TYR B 419 -31.30 -14.75 33.19
CA TYR B 419 -30.93 -14.94 34.58
C TYR B 419 -30.69 -16.41 34.90
N ILE B 420 -31.42 -17.32 34.24
CA ILE B 420 -31.36 -18.71 34.63
C ILE B 420 -31.16 -19.61 33.41
N ASP B 421 -31.32 -19.06 32.22
CA ASP B 421 -31.07 -19.80 30.99
C ASP B 421 -29.64 -19.52 30.56
N TYR B 422 -28.71 -20.32 31.08
CA TYR B 422 -27.30 -20.18 30.75
C TYR B 422 -26.68 -21.56 30.62
N THR B 423 -25.68 -21.65 29.76
CA THR B 423 -24.98 -22.91 29.54
C THR B 423 -23.57 -22.92 30.11
N HIS B 424 -22.93 -21.77 30.25
CA HIS B 424 -21.59 -21.70 30.81
C HIS B 424 -21.44 -20.41 31.61
N LEU B 425 -20.92 -20.53 32.82
CA LEU B 425 -20.55 -19.38 33.62
C LEU B 425 -19.18 -18.88 33.18
N ARG B 426 -19.12 -17.67 32.63
CA ARG B 426 -17.86 -17.10 32.19
C ARG B 426 -17.47 -15.86 32.98
N ILE B 427 -18.33 -14.84 33.04
CA ILE B 427 -18.02 -13.65 33.84
C ILE B 427 -18.48 -13.83 35.28
N SER B 428 -19.53 -14.63 35.50
CA SER B 428 -19.97 -14.97 36.85
C SER B 428 -18.91 -15.74 37.63
N TYR B 429 -18.16 -16.59 36.94
CA TYR B 429 -17.02 -17.25 37.57
C TYR B 429 -15.92 -16.25 37.91
N ASN B 430 -15.77 -15.20 37.10
CA ASN B 430 -14.77 -14.18 37.42
C ASN B 430 -15.18 -13.37 38.65
N VAL B 431 -16.47 -13.14 38.85
CA VAL B 431 -16.93 -12.48 40.07
C VAL B 431 -16.62 -13.36 41.29
N TYR B 432 -16.92 -14.66 41.17
CA TYR B 432 -16.61 -15.61 42.22
C TYR B 432 -15.11 -15.63 42.52
N LEU B 433 -14.29 -15.59 41.49
CA LEU B 433 -12.84 -15.63 41.67
C LEU B 433 -12.31 -14.35 42.29
N ALA B 434 -12.91 -13.20 41.98
CA ALA B 434 -12.45 -11.95 42.58
C ALA B 434 -12.74 -11.89 44.07
N VAL B 435 -13.96 -12.29 44.47
CA VAL B 435 -14.23 -12.25 45.90
C VAL B 435 -13.48 -13.35 46.64
N TYR B 436 -13.16 -14.48 45.98
CA TYR B 436 -12.28 -15.43 46.64
C TYR B 436 -10.83 -14.92 46.71
N SER B 437 -10.42 -14.06 45.78
CA SER B 437 -9.09 -13.47 45.88
C SER B 437 -8.99 -12.56 47.08
N ILE B 438 -10.01 -11.75 47.32
CA ILE B 438 -9.99 -10.89 48.51
C ILE B 438 -10.08 -11.72 49.79
N ALA B 439 -10.80 -12.83 49.76
CA ALA B 439 -10.86 -13.70 50.93
C ALA B 439 -9.53 -14.40 51.20
N HIS B 440 -8.84 -14.84 50.15
CA HIS B 440 -7.54 -15.48 50.32
C HIS B 440 -6.42 -14.48 50.56
N ALA B 441 -6.67 -13.19 50.45
CA ALA B 441 -5.70 -12.23 50.97
C ALA B 441 -5.97 -11.91 52.44
N LEU B 442 -7.24 -11.80 52.82
CA LEU B 442 -7.57 -11.61 54.24
C LEU B 442 -7.17 -12.83 55.06
N GLN B 443 -7.19 -14.01 54.46
CA GLN B 443 -6.73 -15.22 55.15
C GLN B 443 -5.24 -15.15 55.46
N ASP B 444 -4.43 -14.65 54.52
CA ASP B 444 -3.01 -14.53 54.79
C ASP B 444 -2.69 -13.40 55.75
N ILE B 445 -3.55 -12.39 55.85
CA ILE B 445 -3.37 -11.45 56.95
C ILE B 445 -3.75 -12.11 58.27
N TYR B 446 -4.72 -13.02 58.24
CA TYR B 446 -5.17 -13.67 59.47
C TYR B 446 -4.14 -14.66 60.00
N THR B 447 -3.49 -15.42 59.13
CA THR B 447 -2.57 -16.49 59.55
C THR B 447 -1.12 -16.10 59.40
N CYS B 448 -0.75 -14.87 59.73
CA CYS B 448 0.65 -14.45 59.69
C CYS B 448 1.24 -14.49 61.08
N LEU B 449 2.41 -15.13 61.20
CA LEU B 449 3.29 -15.20 62.35
C LEU B 449 4.26 -14.03 62.36
N PRO B 450 4.60 -13.48 63.52
CA PRO B 450 5.48 -12.31 63.56
C PRO B 450 6.91 -12.66 63.16
N GLY B 451 7.62 -11.65 62.68
CA GLY B 451 8.94 -11.87 62.11
C GLY B 451 8.93 -12.60 60.78
N ARG B 452 7.79 -12.68 60.12
CA ARG B 452 7.64 -13.48 58.90
C ARG B 452 6.85 -12.78 57.79
N GLY B 453 6.16 -11.69 58.07
CA GLY B 453 5.20 -11.11 57.14
C GLY B 453 5.82 -10.35 56.00
N LEU B 454 5.00 -9.51 55.37
CA LEU B 454 5.37 -8.81 54.16
C LEU B 454 5.68 -7.33 54.37
N PHE B 455 5.35 -6.78 55.53
CA PHE B 455 5.52 -5.35 55.75
C PHE B 455 6.94 -5.05 56.20
N THR B 456 7.18 -3.84 56.73
CA THR B 456 8.54 -3.46 57.10
C THR B 456 8.99 -4.26 58.32
N ASN B 457 10.23 -4.76 58.24
CA ASN B 457 10.87 -5.60 59.25
C ASN B 457 10.09 -6.89 59.53
N GLY B 458 9.32 -7.37 58.55
CA GLY B 458 8.55 -8.59 58.70
C GLY B 458 7.35 -8.53 59.60
N SER B 459 7.14 -7.45 60.34
CA SER B 459 6.07 -7.37 61.34
C SER B 459 4.74 -7.19 60.64
N CYS B 460 3.96 -8.26 60.55
CA CYS B 460 2.67 -8.13 59.89
C CYS B 460 1.64 -7.52 60.82
N ALA B 461 0.53 -7.10 60.24
CA ALA B 461 -0.51 -6.37 60.95
C ALA B 461 -1.64 -7.28 61.38
N ASP B 462 -2.45 -6.76 62.30
CA ASP B 462 -3.55 -7.51 62.91
C ASP B 462 -4.74 -7.56 61.95
N ILE B 463 -5.85 -8.11 62.43
CA ILE B 463 -7.08 -8.22 61.66
C ILE B 463 -8.15 -7.26 62.17
N LYS B 464 -8.24 -7.12 63.51
CA LYS B 464 -9.28 -6.27 64.12
C LYS B 464 -9.12 -4.81 63.78
N LYS B 465 -7.92 -4.36 63.41
CA LYS B 465 -7.72 -3.05 62.80
C LYS B 465 -6.91 -3.29 61.53
N VAL B 466 -7.62 -3.61 60.46
CA VAL B 466 -7.00 -3.86 59.16
C VAL B 466 -7.36 -2.72 58.23
N GLU B 467 -6.42 -2.33 57.39
CA GLU B 467 -6.58 -1.22 56.49
C GLU B 467 -6.57 -1.72 55.05
N ALA B 468 -6.89 -0.82 54.13
CA ALA B 468 -7.06 -1.22 52.74
C ALA B 468 -5.71 -1.47 52.06
N TRP B 469 -4.68 -0.70 52.42
CA TRP B 469 -3.41 -0.87 51.75
C TRP B 469 -2.70 -2.16 52.15
N GLN B 470 -3.01 -2.70 53.33
CA GLN B 470 -2.46 -3.99 53.70
C GLN B 470 -3.06 -5.11 52.86
N VAL B 471 -4.37 -5.04 52.62
CA VAL B 471 -5.02 -6.00 51.73
C VAL B 471 -4.51 -5.83 50.31
N LEU B 472 -4.16 -4.60 49.92
CA LEU B 472 -3.55 -4.39 48.61
C LEU B 472 -2.18 -5.05 48.52
N LYS B 473 -1.38 -4.93 49.59
CA LYS B 473 -0.06 -5.56 49.62
C LYS B 473 -0.16 -7.07 49.55
N HIS B 474 -1.10 -7.66 50.28
CA HIS B 474 -1.26 -9.10 50.22
C HIS B 474 -1.90 -9.56 48.91
N LEU B 475 -2.72 -8.71 48.30
CA LEU B 475 -3.36 -9.07 47.04
C LEU B 475 -2.38 -9.05 45.89
N ARG B 476 -1.32 -8.23 45.99
CA ARG B 476 -0.26 -8.31 44.99
C ARG B 476 0.44 -9.66 45.02
N HIS B 477 0.74 -10.16 46.21
CA HIS B 477 1.43 -11.44 46.38
C HIS B 477 0.42 -12.54 46.68
N LEU B 478 -0.36 -12.89 45.66
CA LEU B 478 -1.42 -13.88 45.81
C LEU B 478 -1.06 -15.11 45.01
N ASN B 479 -1.17 -16.26 45.65
CA ASN B 479 -0.86 -17.56 45.06
C ASN B 479 -1.77 -18.56 45.75
N PHE B 480 -2.90 -18.86 45.11
CA PHE B 480 -3.87 -19.77 45.69
C PHE B 480 -4.49 -20.61 44.58
N THR B 481 -5.38 -21.50 44.98
CA THR B 481 -5.94 -22.50 44.08
C THR B 481 -7.45 -22.48 44.14
N ASN B 482 -8.08 -22.68 42.98
CA ASN B 482 -9.54 -22.63 42.86
C ASN B 482 -10.19 -23.92 43.31
N ASN B 483 -11.46 -24.07 42.98
CA ASN B 483 -12.13 -25.36 43.05
C ASN B 483 -11.83 -26.24 41.84
N MET B 484 -11.08 -25.73 40.87
CA MET B 484 -10.74 -26.49 39.67
C MET B 484 -9.24 -26.79 39.58
N GLY B 485 -8.50 -26.59 40.66
CA GLY B 485 -7.09 -26.96 40.67
C GLY B 485 -6.18 -26.06 39.87
N GLU B 486 -6.64 -24.90 39.44
CA GLU B 486 -5.80 -23.97 38.71
C GLU B 486 -5.15 -22.97 39.66
N GLN B 487 -3.97 -22.49 39.29
CA GLN B 487 -3.26 -21.51 40.09
C GLN B 487 -3.59 -20.09 39.62
N VAL B 488 -3.86 -19.22 40.57
CA VAL B 488 -4.24 -17.83 40.31
C VAL B 488 -3.21 -16.92 40.92
N THR B 489 -2.53 -16.15 40.09
CA THR B 489 -1.54 -15.20 40.56
C THR B 489 -1.55 -13.98 39.65
N PHE B 490 -1.56 -12.81 40.26
CA PHE B 490 -1.55 -11.56 39.53
C PHE B 490 -0.12 -11.17 39.23
N ASP B 491 0.10 -10.61 38.04
CA ASP B 491 1.44 -10.27 37.57
C ASP B 491 1.90 -8.97 38.22
N GLU B 492 2.98 -8.40 37.69
CA GLU B 492 3.42 -7.10 38.15
C GLU B 492 2.54 -5.98 37.62
N CYS B 493 1.75 -6.25 36.59
CA CYS B 493 0.74 -5.32 36.09
C CYS B 493 -0.66 -5.69 36.57
N GLY B 494 -0.78 -6.71 37.41
CA GLY B 494 -2.02 -7.02 38.09
C GLY B 494 -3.14 -7.54 37.22
N ASP B 495 -2.95 -8.70 36.59
CA ASP B 495 -4.00 -9.31 35.80
C ASP B 495 -3.76 -10.81 35.74
N LEU B 496 -4.76 -11.54 35.25
CA LEU B 496 -4.67 -12.97 35.02
C LEU B 496 -4.45 -13.24 33.55
N VAL B 497 -4.13 -14.49 33.24
CA VAL B 497 -3.94 -14.95 31.87
C VAL B 497 -4.87 -16.14 31.67
N GLY B 498 -5.57 -16.17 30.54
CA GLY B 498 -6.54 -17.20 30.28
C GLY B 498 -6.56 -17.58 28.82
N ASN B 499 -7.38 -18.58 28.49
CA ASN B 499 -7.44 -19.13 27.14
C ASN B 499 -8.83 -18.93 26.58
N TYR B 500 -8.89 -18.43 25.35
CA TYR B 500 -10.16 -18.14 24.69
C TYR B 500 -10.67 -19.36 23.95
N SER B 501 -11.99 -19.47 23.88
CA SER B 501 -12.66 -20.59 23.23
C SER B 501 -13.55 -20.03 22.14
N ILE B 502 -13.10 -20.13 20.89
CA ILE B 502 -13.76 -19.49 19.77
C ILE B 502 -15.10 -20.14 19.50
N ILE B 503 -16.15 -19.32 19.43
CA ILE B 503 -17.50 -19.82 19.23
C ILE B 503 -18.01 -19.38 17.87
N ASN B 504 -19.19 -19.88 17.52
CA ASN B 504 -19.85 -19.57 16.26
C ASN B 504 -21.35 -19.48 16.52
N TRP B 505 -22.05 -18.69 15.72
CA TRP B 505 -23.44 -18.37 16.01
C TRP B 505 -24.35 -19.18 15.09
N HIS B 506 -24.84 -20.31 15.60
CA HIS B 506 -25.77 -21.16 14.90
C HIS B 506 -27.19 -20.92 15.39
N LEU B 507 -28.15 -21.13 14.50
CA LEU B 507 -29.56 -21.03 14.85
C LEU B 507 -30.08 -22.43 15.17
N SER B 508 -30.59 -22.62 16.38
CA SER B 508 -31.10 -23.92 16.76
C SER B 508 -32.45 -24.17 16.10
N PRO B 509 -32.61 -25.25 15.33
CA PRO B 509 -33.84 -25.42 14.55
C PRO B 509 -34.97 -26.10 15.31
N GLU B 510 -35.16 -25.75 16.58
CA GLU B 510 -36.42 -26.05 17.28
C GLU B 510 -36.58 -25.00 18.38
N ASP B 511 -37.24 -23.89 18.02
CA ASP B 511 -37.68 -22.84 18.93
C ASP B 511 -36.58 -22.14 19.73
N GLY B 512 -35.31 -22.49 19.50
CA GLY B 512 -34.23 -21.86 20.23
C GLY B 512 -33.83 -20.53 19.64
N SER B 513 -33.25 -19.68 20.48
CA SER B 513 -32.95 -18.34 20.02
C SER B 513 -31.73 -18.35 19.11
N ILE B 514 -30.55 -18.65 19.67
CA ILE B 514 -29.29 -18.76 18.96
C ILE B 514 -28.41 -19.60 19.87
N VAL B 515 -27.75 -20.61 19.33
CA VAL B 515 -26.81 -21.40 20.12
C VAL B 515 -25.40 -21.10 19.65
N PHE B 516 -24.47 -21.18 20.58
CA PHE B 516 -23.07 -20.84 20.34
C PHE B 516 -22.26 -22.12 20.32
N LYS B 517 -21.84 -22.55 19.14
CA LYS B 517 -21.12 -23.80 18.98
C LYS B 517 -19.62 -23.54 18.94
N GLU B 518 -18.89 -24.14 19.87
CA GLU B 518 -17.45 -23.90 19.98
C GLU B 518 -16.69 -24.58 18.85
N VAL B 519 -15.88 -23.81 18.13
CA VAL B 519 -15.17 -24.31 16.97
C VAL B 519 -13.65 -24.28 17.16
N GLY B 520 -13.17 -24.14 18.39
CA GLY B 520 -11.73 -24.25 18.56
C GLY B 520 -11.28 -23.67 19.88
N TYR B 521 -10.03 -23.21 19.90
CA TYR B 521 -9.49 -22.52 21.06
C TYR B 521 -8.49 -21.48 20.58
N TYR B 522 -7.84 -20.83 21.53
CA TYR B 522 -6.71 -19.95 21.24
C TYR B 522 -5.80 -20.09 22.45
N ASN B 523 -4.76 -20.90 22.32
CA ASN B 523 -3.90 -21.23 23.44
C ASN B 523 -2.84 -20.14 23.54
N VAL B 524 -2.96 -19.27 24.55
CA VAL B 524 -1.99 -18.18 24.69
C VAL B 524 -0.70 -18.60 25.36
N TYR B 525 -0.63 -19.83 25.87
CA TYR B 525 0.59 -20.30 26.50
C TYR B 525 1.61 -20.84 25.51
N ALA B 526 1.18 -21.24 24.32
CA ALA B 526 2.05 -21.89 23.35
C ALA B 526 2.97 -20.86 22.68
N LYS B 527 3.78 -21.35 21.76
CA LYS B 527 4.73 -20.50 21.07
C LYS B 527 4.03 -19.59 20.08
N LYS B 528 4.63 -18.43 19.81
CA LYS B 528 4.05 -17.44 18.93
C LYS B 528 4.03 -17.95 17.50
N GLY B 529 2.85 -17.96 16.89
CA GLY B 529 2.70 -18.50 15.55
C GLY B 529 1.85 -19.74 15.54
N GLU B 530 2.04 -20.63 16.51
CA GLU B 530 1.19 -21.81 16.68
C GLU B 530 0.41 -21.63 17.99
N ARG B 531 -0.69 -20.90 17.90
CA ARG B 531 -1.57 -20.66 19.03
C ARG B 531 -3.02 -20.91 18.72
N LEU B 532 -3.40 -20.95 17.45
CA LEU B 532 -4.78 -20.98 17.02
C LEU B 532 -5.11 -22.35 16.43
N PHE B 533 -6.28 -22.87 16.78
CA PHE B 533 -6.75 -24.14 16.24
C PHE B 533 -8.22 -23.97 15.87
N ILE B 534 -8.53 -23.99 14.58
CA ILE B 534 -9.87 -23.77 14.08
C ILE B 534 -10.32 -25.03 13.38
N ASN B 535 -11.20 -25.79 14.02
CA ASN B 535 -11.82 -26.97 13.42
C ASN B 535 -12.93 -26.48 12.48
N GLU B 536 -12.53 -26.17 11.25
CA GLU B 536 -13.40 -25.42 10.36
C GLU B 536 -14.46 -26.26 9.65
N GLU B 537 -14.74 -27.47 10.13
CA GLU B 537 -15.88 -28.22 9.64
C GLU B 537 -17.12 -28.05 10.50
N LYS B 538 -17.08 -27.14 11.47
CA LYS B 538 -18.24 -26.77 12.27
C LYS B 538 -18.72 -25.36 11.96
N ILE B 539 -18.07 -24.64 11.06
CA ILE B 539 -18.32 -23.23 10.85
C ILE B 539 -19.37 -23.07 9.75
N LEU B 540 -20.44 -22.33 10.05
CA LEU B 540 -21.52 -22.07 9.11
C LEU B 540 -21.43 -20.61 8.69
N TRP B 541 -20.74 -20.35 7.58
CA TRP B 541 -20.49 -19.01 7.07
C TRP B 541 -21.80 -18.31 6.70
N SER B 542 -22.03 -17.17 7.32
CA SER B 542 -23.26 -16.37 7.20
C SER B 542 -24.52 -17.17 7.54
N GLY B 543 -24.38 -18.15 8.43
CA GLY B 543 -25.54 -18.88 8.94
C GLY B 543 -25.75 -20.26 8.37
N PHE B 544 -25.55 -20.43 7.06
CA PHE B 544 -25.93 -21.69 6.43
C PHE B 544 -24.86 -22.29 5.52
N SER B 545 -23.97 -21.47 4.98
CA SER B 545 -23.06 -21.94 3.94
C SER B 545 -21.93 -22.77 4.53
N ARG B 546 -21.07 -23.30 3.65
CA ARG B 546 -20.01 -24.19 4.10
C ARG B 546 -18.68 -23.84 3.46
N GLU B 547 -18.70 -23.15 2.32
CA GLU B 547 -17.46 -22.75 1.68
C GLU B 547 -16.92 -21.45 2.26
N VAL B 548 -15.60 -21.36 2.33
CA VAL B 548 -14.95 -20.17 2.89
C VAL B 548 -15.14 -19.00 1.93
N PRO B 549 -15.64 -17.85 2.38
CA PRO B 549 -15.96 -16.77 1.47
C PRO B 549 -14.71 -16.02 1.02
N PHE B 550 -14.78 -15.51 -0.20
CA PHE B 550 -13.71 -14.74 -0.80
C PHE B 550 -13.85 -13.30 -0.35
N SER B 551 -12.83 -12.79 0.35
CA SER B 551 -12.85 -11.40 0.80
C SER B 551 -11.53 -10.69 0.55
N ASN B 552 -10.82 -11.09 -0.49
CA ASN B 552 -9.68 -10.32 -0.95
C ASN B 552 -10.11 -9.04 -1.65
N CYS B 553 -9.15 -8.19 -1.98
CA CYS B 553 -9.51 -6.95 -2.63
C CYS B 553 -9.70 -7.15 -4.13
N SER B 554 -8.64 -7.56 -4.81
CA SER B 554 -8.70 -7.92 -6.22
C SER B 554 -8.31 -9.38 -6.35
N ARG B 555 -8.95 -10.07 -7.30
CA ARG B 555 -8.73 -11.49 -7.48
C ARG B 555 -7.31 -11.79 -7.94
N ASP B 556 -6.69 -12.78 -7.30
CA ASP B 556 -5.32 -13.14 -7.57
C ASP B 556 -5.21 -13.70 -8.98
N CYS B 557 -4.37 -13.09 -9.81
CA CYS B 557 -4.33 -13.48 -11.21
C CYS B 557 -3.52 -14.75 -11.41
N LEU B 558 -3.55 -15.24 -12.64
CA LEU B 558 -3.09 -16.58 -12.98
C LEU B 558 -1.58 -16.54 -13.21
N ALA B 559 -1.02 -17.64 -13.73
CA ALA B 559 0.42 -17.77 -13.92
C ALA B 559 0.90 -17.21 -15.25
N GLY B 560 0.04 -16.55 -16.02
CA GLY B 560 0.48 -15.98 -17.26
C GLY B 560 0.68 -14.48 -17.16
N THR B 561 0.22 -13.88 -16.08
CA THR B 561 0.18 -12.44 -15.92
C THR B 561 1.01 -12.00 -14.71
N ARG B 562 1.41 -10.74 -14.73
CA ARG B 562 2.10 -10.11 -13.61
C ARG B 562 1.11 -9.23 -12.83
N LYS B 563 1.63 -8.48 -11.86
CA LYS B 563 0.81 -7.61 -11.03
C LYS B 563 1.12 -6.16 -11.35
N GLY B 564 0.10 -5.40 -11.76
CA GLY B 564 0.24 -3.99 -12.03
C GLY B 564 -0.67 -3.19 -11.12
N ILE B 565 -0.16 -2.06 -10.65
CA ILE B 565 -0.79 -1.37 -9.55
C ILE B 565 -1.64 -0.21 -10.04
N ILE B 566 -2.55 0.23 -9.19
CA ILE B 566 -3.40 1.39 -9.42
C ILE B 566 -2.91 2.51 -8.52
N GLU B 567 -2.90 3.73 -9.05
CA GLU B 567 -2.48 4.88 -8.26
C GLU B 567 -3.61 5.36 -7.37
N GLY B 568 -3.33 5.47 -6.08
CA GLY B 568 -4.34 5.87 -5.12
C GLY B 568 -5.09 4.73 -4.48
N GLU B 569 -4.55 3.52 -4.51
CA GLU B 569 -5.16 2.33 -3.95
C GLU B 569 -4.06 1.51 -3.28
N PRO B 570 -4.39 0.70 -2.25
CA PRO B 570 -3.33 0.04 -1.48
C PRO B 570 -2.56 -1.03 -2.23
N THR B 571 -1.56 -1.61 -1.56
CA THR B 571 -0.75 -2.65 -2.18
C THR B 571 -1.54 -3.93 -2.40
N CYS B 572 -2.63 -4.09 -1.66
CA CYS B 572 -3.44 -5.29 -1.65
C CYS B 572 -4.43 -5.31 -2.80
N CYS B 573 -4.47 -4.26 -3.61
CA CYS B 573 -5.36 -4.16 -4.76
C CYS B 573 -4.51 -3.85 -5.98
N PHE B 574 -4.65 -4.66 -7.02
CA PHE B 574 -3.88 -4.45 -8.25
C PHE B 574 -4.77 -4.72 -9.46
N GLU B 575 -4.21 -4.48 -10.63
CA GLU B 575 -4.69 -5.06 -11.87
C GLU B 575 -3.65 -6.08 -12.30
N CYS B 576 -4.03 -6.95 -13.23
CA CYS B 576 -3.11 -8.00 -13.66
C CYS B 576 -3.00 -7.99 -15.18
N VAL B 577 -1.83 -7.60 -15.67
CA VAL B 577 -1.56 -7.52 -17.09
C VAL B 577 -0.54 -8.58 -17.46
N GLU B 578 -0.48 -8.89 -18.75
CA GLU B 578 0.45 -9.89 -19.26
C GLU B 578 1.75 -9.22 -19.66
N CYS B 579 2.85 -9.97 -19.51
CA CYS B 579 4.14 -9.42 -19.88
C CYS B 579 4.70 -10.14 -21.10
N PRO B 580 5.46 -9.43 -21.96
CA PRO B 580 5.85 -10.03 -23.25
C PRO B 580 7.24 -10.59 -23.44
N ASP B 581 7.41 -11.35 -24.53
CA ASP B 581 8.75 -11.62 -25.05
C ASP B 581 9.84 -12.17 -24.12
N GLY B 582 9.64 -13.43 -23.73
CA GLY B 582 10.57 -14.04 -22.81
C GLY B 582 10.12 -13.74 -21.39
N GLU B 583 8.82 -13.84 -21.17
CA GLU B 583 8.23 -13.42 -19.91
C GLU B 583 8.42 -14.48 -18.84
N TYR B 584 7.79 -15.64 -19.04
CA TYR B 584 7.82 -16.84 -18.19
C TYR B 584 7.54 -16.50 -16.71
N SER B 585 6.29 -16.11 -16.48
CA SER B 585 5.83 -15.93 -15.12
C SER B 585 5.70 -17.30 -14.46
N ASP B 586 6.78 -17.74 -13.79
CA ASP B 586 6.84 -19.11 -13.31
C ASP B 586 6.00 -19.32 -12.06
N GLU B 587 5.80 -18.28 -11.25
CA GLU B 587 4.97 -18.37 -10.07
C GLU B 587 3.52 -18.10 -10.44
N THR B 588 2.67 -17.93 -9.44
CA THR B 588 1.26 -17.65 -9.66
C THR B 588 0.91 -16.18 -9.52
N ASP B 589 1.58 -15.44 -8.65
CA ASP B 589 1.29 -14.04 -8.40
C ASP B 589 2.59 -13.24 -8.33
N ALA B 590 3.46 -13.45 -9.31
CA ALA B 590 4.74 -12.75 -9.33
C ALA B 590 4.53 -11.28 -9.66
N SER B 591 5.21 -10.42 -8.90
CA SER B 591 5.09 -8.98 -9.08
C SER B 591 5.93 -8.46 -10.23
N ALA B 592 6.83 -9.28 -10.78
CA ALA B 592 7.64 -8.92 -11.92
C ALA B 592 8.13 -10.21 -12.57
N CYS B 593 7.70 -10.46 -13.80
CA CYS B 593 8.11 -11.66 -14.51
C CYS B 593 9.50 -11.46 -15.10
N ASN B 594 10.30 -12.52 -15.07
CA ASN B 594 11.73 -12.43 -15.36
C ASN B 594 11.98 -12.42 -16.86
N LYS B 595 13.23 -12.64 -17.25
CA LYS B 595 13.60 -12.79 -18.65
C LYS B 595 14.29 -14.13 -18.84
N CYS B 596 14.00 -14.77 -19.98
CA CYS B 596 14.50 -16.11 -20.27
C CYS B 596 15.99 -16.08 -20.59
N PRO B 597 16.67 -17.22 -20.45
CA PRO B 597 18.02 -17.33 -21.03
C PRO B 597 17.99 -17.25 -22.55
N ASP B 598 19.14 -16.92 -23.13
CA ASP B 598 19.21 -16.53 -24.53
C ASP B 598 18.95 -17.69 -25.50
N ASP B 599 19.10 -18.93 -25.07
CA ASP B 599 18.74 -20.08 -25.88
C ASP B 599 17.34 -20.57 -25.61
N PHE B 600 16.45 -19.69 -25.15
CA PHE B 600 15.09 -20.05 -24.81
C PHE B 600 14.18 -18.90 -25.17
N TRP B 601 12.93 -19.24 -25.53
CA TRP B 601 11.94 -18.22 -25.82
C TRP B 601 10.62 -18.65 -25.21
N SER B 602 9.79 -17.65 -24.93
CA SER B 602 8.56 -17.85 -24.19
C SER B 602 7.53 -18.60 -25.03
N ASN B 603 6.58 -19.20 -24.33
CA ASN B 603 5.56 -20.04 -24.96
C ASN B 603 4.44 -19.17 -25.49
N GLU B 604 3.32 -19.80 -25.88
CA GLU B 604 2.16 -19.03 -26.30
C GLU B 604 1.38 -18.53 -25.08
N ASN B 605 1.27 -19.37 -24.04
CA ASN B 605 0.57 -19.00 -22.82
C ASN B 605 1.47 -18.24 -21.84
N HIS B 606 2.67 -17.85 -22.26
CA HIS B 606 3.60 -17.00 -21.52
C HIS B 606 4.04 -17.58 -20.18
N THR B 607 3.92 -18.88 -20.01
CA THR B 607 4.41 -19.56 -18.82
C THR B 607 5.87 -19.95 -19.07
N SER B 608 6.46 -20.76 -18.17
CA SER B 608 7.88 -21.11 -18.16
C SER B 608 8.43 -21.51 -19.53
N CYS B 609 9.45 -20.77 -19.97
CA CYS B 609 9.94 -20.91 -21.33
C CYS B 609 10.78 -22.17 -21.45
N ILE B 610 10.14 -23.25 -21.88
CA ILE B 610 10.84 -24.48 -22.25
C ILE B 610 11.12 -24.54 -23.74
N ALA B 611 10.59 -23.61 -24.52
CA ALA B 611 10.83 -23.58 -25.96
C ALA B 611 12.22 -23.04 -26.24
N LYS B 612 13.08 -23.88 -26.80
CA LYS B 612 14.41 -23.46 -27.20
C LYS B 612 14.39 -22.87 -28.61
N GLU B 613 15.51 -22.28 -29.00
CA GLU B 613 15.61 -21.60 -30.28
C GLU B 613 15.99 -22.61 -31.38
N ILE B 614 16.32 -22.10 -32.57
CA ILE B 614 16.51 -22.93 -33.76
C ILE B 614 17.82 -23.70 -33.72
N GLU B 615 17.95 -24.65 -34.65
CA GLU B 615 19.19 -25.38 -34.89
C GLU B 615 19.43 -25.49 -36.39
N PHE B 616 19.34 -24.37 -37.10
CA PHE B 616 19.31 -24.36 -38.55
C PHE B 616 20.64 -24.75 -39.18
N LEU B 617 20.83 -26.04 -39.43
CA LEU B 617 22.05 -26.57 -40.01
C LEU B 617 21.84 -27.29 -41.33
N SER B 618 20.87 -28.23 -41.37
CA SER B 618 20.55 -29.07 -42.52
C SER B 618 21.74 -29.90 -43.02
N TRP B 619 22.25 -30.73 -42.11
CA TRP B 619 23.41 -31.57 -42.39
C TRP B 619 23.05 -32.89 -43.05
N THR B 620 22.27 -33.72 -42.35
CA THR B 620 21.76 -34.96 -42.90
C THR B 620 20.25 -34.90 -43.14
N GLU B 621 19.72 -33.70 -43.32
CA GLU B 621 18.30 -33.50 -43.54
C GLU B 621 17.92 -33.98 -44.95
N PRO B 622 16.63 -34.20 -45.20
CA PRO B 622 16.18 -34.49 -46.57
C PRO B 622 16.15 -33.30 -47.52
N PHE B 623 16.75 -32.16 -47.15
CA PHE B 623 16.98 -31.05 -48.07
C PHE B 623 18.43 -30.92 -48.50
N GLY B 624 19.37 -31.35 -47.66
CA GLY B 624 20.78 -31.29 -47.99
C GLY B 624 21.36 -32.63 -48.36
N ILE B 625 20.72 -33.71 -47.91
CA ILE B 625 21.22 -35.06 -48.21
C ILE B 625 21.01 -35.40 -49.67
N ALA B 626 19.97 -34.86 -50.30
CA ALA B 626 19.77 -35.08 -51.73
C ALA B 626 20.82 -34.37 -52.55
N LEU B 627 21.22 -33.17 -52.13
CA LEU B 627 22.32 -32.49 -52.82
C LEU B 627 23.65 -33.16 -52.55
N THR B 628 23.82 -33.77 -51.36
CA THR B 628 25.00 -34.59 -51.12
C THR B 628 25.02 -35.83 -52.00
N LEU B 629 23.85 -36.42 -52.26
CA LEU B 629 23.75 -37.53 -53.21
C LEU B 629 24.06 -37.06 -54.63
N PHE B 630 23.67 -35.83 -54.96
CA PHE B 630 24.04 -35.26 -56.26
C PHE B 630 25.55 -35.04 -56.36
N ALA B 631 26.19 -34.64 -55.26
CA ALA B 631 27.65 -34.50 -55.25
C ALA B 631 28.34 -35.85 -55.39
N VAL B 632 27.79 -36.88 -54.74
CA VAL B 632 28.34 -38.23 -54.88
C VAL B 632 28.13 -38.76 -56.30
N LEU B 633 27.01 -38.40 -56.94
CA LEU B 633 26.79 -38.79 -58.33
C LEU B 633 27.74 -38.08 -59.28
N GLY B 634 28.05 -36.81 -58.99
CA GLY B 634 29.06 -36.11 -59.76
C GLY B 634 30.44 -36.72 -59.60
N ILE B 635 30.77 -37.15 -58.37
CA ILE B 635 32.06 -37.80 -58.13
C ILE B 635 32.14 -39.14 -58.84
N PHE B 636 31.03 -39.90 -58.85
CA PHE B 636 31.03 -41.20 -59.53
C PHE B 636 31.09 -41.04 -61.05
N LEU B 637 30.40 -40.04 -61.59
CA LEU B 637 30.45 -39.80 -63.03
C LEU B 637 31.81 -39.25 -63.45
N THR B 638 32.51 -38.55 -62.55
CA THR B 638 33.88 -38.16 -62.85
C THR B 638 34.84 -39.35 -62.76
N ALA B 639 34.62 -40.26 -61.81
CA ALA B 639 35.52 -41.41 -61.65
C ALA B 639 35.37 -42.40 -62.79
N PHE B 640 34.16 -42.57 -63.32
CA PHE B 640 33.95 -43.47 -64.45
C PHE B 640 34.59 -42.93 -65.72
N VAL B 641 34.74 -41.62 -65.83
CA VAL B 641 35.48 -41.04 -66.95
C VAL B 641 36.99 -41.06 -66.70
N LEU B 642 37.41 -40.95 -65.44
CA LEU B 642 38.83 -41.05 -65.12
C LEU B 642 39.37 -42.45 -65.38
N GLY B 643 38.55 -43.48 -65.13
CA GLY B 643 38.95 -44.83 -65.44
C GLY B 643 39.09 -45.09 -66.94
N VAL B 644 38.16 -44.56 -67.73
CA VAL B 644 38.24 -44.69 -69.18
C VAL B 644 39.33 -43.82 -69.78
N PHE B 645 39.75 -42.76 -69.08
CA PHE B 645 40.92 -41.98 -69.51
C PHE B 645 42.23 -42.59 -69.04
N ILE B 646 42.21 -43.46 -68.03
CA ILE B 646 43.42 -44.11 -67.56
C ILE B 646 43.70 -45.36 -68.39
N LYS B 647 42.68 -46.19 -68.58
CA LYS B 647 42.86 -47.45 -69.31
C LYS B 647 43.06 -47.19 -70.80
N PHE B 648 42.06 -46.60 -71.45
CA PHE B 648 42.15 -46.27 -72.87
C PHE B 648 42.97 -44.99 -73.01
N GLU B 660 49.84 -33.37 -68.79
CA GLU B 660 49.35 -32.74 -67.58
C GLU B 660 47.85 -32.48 -67.64
N LEU B 661 47.26 -32.41 -68.84
CA LEU B 661 45.82 -32.25 -69.00
C LEU B 661 45.05 -33.55 -68.77
N SER B 662 45.73 -34.65 -68.51
CA SER B 662 45.10 -35.88 -68.05
C SER B 662 45.32 -36.13 -66.58
N TYR B 663 46.34 -35.52 -65.97
CA TYR B 663 46.63 -35.68 -64.56
C TYR B 663 46.02 -34.55 -63.72
N LEU B 664 46.43 -33.30 -63.97
CA LEU B 664 46.00 -32.20 -63.12
C LEU B 664 44.55 -31.82 -63.40
N LEU B 665 44.18 -31.74 -64.69
CA LEU B 665 42.81 -31.41 -65.08
C LEU B 665 41.83 -32.56 -64.91
N LEU B 666 42.27 -33.67 -64.32
CA LEU B 666 41.40 -34.70 -63.79
C LEU B 666 41.40 -34.75 -62.26
N PHE B 667 42.57 -34.60 -61.63
CA PHE B 667 42.66 -34.71 -60.18
C PHE B 667 42.08 -33.48 -59.50
N SER B 668 42.49 -32.28 -59.92
CA SER B 668 41.91 -31.07 -59.38
C SER B 668 40.44 -30.91 -59.79
N LEU B 669 40.07 -31.48 -60.94
CA LEU B 669 38.67 -31.47 -61.35
C LEU B 669 37.83 -32.37 -60.46
N LEU B 670 38.37 -33.51 -60.03
CA LEU B 670 37.68 -34.33 -59.05
C LEU B 670 37.69 -33.70 -57.67
N CYS B 671 38.73 -32.91 -57.37
CA CYS B 671 38.79 -32.21 -56.09
C CYS B 671 37.75 -31.10 -56.01
N CYS B 672 37.53 -30.39 -57.12
CA CYS B 672 36.55 -29.30 -57.14
C CYS B 672 35.12 -29.81 -57.02
N PHE B 673 34.86 -31.08 -57.33
CA PHE B 673 33.54 -31.65 -57.16
C PHE B 673 33.42 -32.55 -55.93
N SER B 674 34.54 -32.91 -55.30
CA SER B 674 34.52 -33.70 -54.08
C SER B 674 34.63 -32.86 -52.81
N SER B 675 35.37 -31.75 -52.86
CA SER B 675 35.43 -30.82 -51.74
C SER B 675 34.26 -29.85 -51.73
N SER B 676 33.39 -29.90 -52.74
CA SER B 676 32.17 -29.12 -52.75
C SER B 676 31.08 -29.73 -51.90
N LEU B 677 31.22 -31.00 -51.53
CA LEU B 677 30.39 -31.61 -50.49
C LEU B 677 30.96 -31.39 -49.10
N PHE B 678 32.11 -30.72 -48.99
CA PHE B 678 32.75 -30.44 -47.70
C PHE B 678 32.44 -29.04 -47.20
N PHE B 679 31.23 -28.55 -47.49
CA PHE B 679 30.79 -27.27 -46.96
C PHE B 679 29.35 -27.33 -46.46
N ILE B 680 28.84 -28.52 -46.18
CA ILE B 680 27.47 -28.70 -45.70
C ILE B 680 27.49 -28.98 -44.21
N GLY B 681 26.38 -28.67 -43.55
CA GLY B 681 26.23 -28.90 -42.12
C GLY B 681 26.43 -27.63 -41.31
N GLU B 682 26.34 -27.80 -40.00
CA GLU B 682 26.59 -26.69 -39.08
C GLU B 682 28.07 -26.38 -39.06
N PRO B 683 28.49 -25.18 -39.44
CA PRO B 683 29.92 -24.90 -39.57
C PRO B 683 30.59 -24.73 -38.20
N GLN B 684 31.91 -24.71 -38.27
CA GLN B 684 32.79 -24.60 -37.11
C GLN B 684 34.07 -23.95 -37.63
N ASP B 685 35.10 -23.89 -36.77
CA ASP B 685 36.37 -23.30 -37.19
C ASP B 685 36.95 -23.89 -38.47
N TRP B 686 37.12 -25.21 -38.53
CA TRP B 686 37.70 -25.83 -39.72
C TRP B 686 36.70 -25.88 -40.88
N THR B 687 35.43 -26.13 -40.58
CA THR B 687 34.39 -26.12 -41.62
C THR B 687 34.01 -24.71 -42.04
N CYS B 688 34.55 -23.68 -41.40
CA CYS B 688 34.38 -22.30 -41.80
C CYS B 688 35.63 -21.70 -42.41
N ARG B 689 36.79 -22.33 -42.19
CA ARG B 689 38.03 -21.98 -42.87
C ARG B 689 38.24 -22.80 -44.15
N LEU B 690 37.50 -23.90 -44.34
CA LEU B 690 37.65 -24.73 -45.51
C LEU B 690 36.75 -24.31 -46.67
N ARG B 691 36.40 -23.03 -46.77
CA ARG B 691 35.70 -22.52 -47.94
C ARG B 691 36.66 -22.02 -49.01
N GLN B 692 37.88 -21.68 -48.64
CA GLN B 692 38.96 -21.29 -49.55
C GLN B 692 39.44 -22.37 -50.54
N PRO B 693 39.46 -23.68 -50.21
CA PRO B 693 39.73 -24.66 -51.27
C PRO B 693 38.67 -24.71 -52.35
N ALA B 694 37.43 -24.29 -52.09
CA ALA B 694 36.39 -24.29 -53.11
C ALA B 694 36.65 -23.26 -54.22
N PHE B 695 37.55 -22.32 -54.01
CA PHE B 695 38.07 -21.46 -55.07
C PHE B 695 39.49 -21.82 -55.49
N GLY B 696 40.31 -22.29 -54.54
CA GLY B 696 41.68 -22.66 -54.88
C GLY B 696 41.76 -23.87 -55.78
N ILE B 697 40.81 -24.80 -55.66
CA ILE B 697 40.77 -25.95 -56.56
C ILE B 697 40.10 -25.60 -57.87
N SER B 698 39.18 -24.63 -57.86
CA SER B 698 38.56 -24.19 -59.12
C SER B 698 39.57 -23.45 -59.98
N PHE B 699 40.46 -22.67 -59.37
CA PHE B 699 41.50 -21.98 -60.13
C PHE B 699 42.50 -22.94 -60.75
N VAL B 700 42.72 -24.10 -60.13
CA VAL B 700 43.64 -25.08 -60.69
C VAL B 700 42.93 -26.02 -61.66
N LEU B 701 41.63 -26.23 -61.50
CA LEU B 701 40.86 -27.05 -62.43
C LEU B 701 40.39 -26.27 -63.65
N CYS B 702 40.46 -24.94 -63.62
CA CYS B 702 40.22 -24.13 -64.80
C CYS B 702 41.49 -23.89 -65.60
N ILE B 703 42.60 -24.53 -65.22
CA ILE B 703 43.84 -24.44 -65.99
C ILE B 703 43.78 -25.26 -67.28
N SER B 704 42.77 -26.12 -67.42
CA SER B 704 42.59 -26.86 -68.67
C SER B 704 42.25 -25.94 -69.83
N CYS B 705 41.58 -24.82 -69.57
CA CYS B 705 41.24 -23.86 -70.61
C CYS B 705 42.45 -23.16 -71.21
N ILE B 706 43.59 -23.17 -70.51
CA ILE B 706 44.83 -22.65 -71.07
C ILE B 706 45.85 -23.74 -71.34
N LEU B 707 45.60 -24.97 -70.89
CA LEU B 707 46.55 -26.07 -71.10
C LEU B 707 46.16 -27.00 -72.25
N VAL B 708 44.88 -27.06 -72.62
CA VAL B 708 44.43 -28.00 -73.65
C VAL B 708 44.25 -27.35 -75.00
N LYS B 709 44.55 -26.05 -75.13
CA LYS B 709 44.34 -25.35 -76.38
C LYS B 709 45.41 -25.71 -77.40
N THR B 710 45.13 -25.41 -78.66
CA THR B 710 46.05 -25.67 -79.76
C THR B 710 47.14 -24.62 -79.89
N ASN B 711 47.12 -23.58 -79.06
CA ASN B 711 48.16 -22.56 -79.04
C ASN B 711 49.31 -22.92 -78.12
N ARG B 712 49.34 -24.15 -77.59
CA ARG B 712 50.39 -24.56 -76.67
C ARG B 712 51.75 -24.69 -77.37
N GLN B 735 57.22 -25.82 -69.61
CA GLN B 735 56.59 -24.54 -69.88
C GLN B 735 55.07 -24.58 -69.71
N PHE B 736 54.46 -25.75 -69.78
CA PHE B 736 53.04 -25.91 -69.48
C PHE B 736 52.79 -26.15 -68.00
N LEU B 737 53.79 -26.63 -67.25
CA LEU B 737 53.68 -26.84 -65.82
C LEU B 737 53.86 -25.56 -65.01
N LEU B 738 53.72 -24.38 -65.63
CA LEU B 738 53.71 -23.10 -64.93
C LEU B 738 52.30 -22.65 -64.58
N VAL B 739 51.40 -23.60 -64.30
CA VAL B 739 50.07 -23.28 -63.78
C VAL B 739 50.15 -22.65 -62.40
N PHE B 740 51.26 -22.83 -61.69
CA PHE B 740 51.57 -22.10 -60.47
C PHE B 740 51.87 -20.60 -60.72
N LEU B 741 51.75 -20.05 -61.93
CA LEU B 741 51.72 -18.61 -62.10
C LEU B 741 50.36 -18.02 -61.73
N CYS B 742 49.34 -18.85 -61.55
CA CYS B 742 48.01 -18.45 -61.09
C CYS B 742 47.54 -19.25 -59.88
N THR B 743 47.84 -20.55 -59.82
CA THR B 743 47.44 -21.36 -58.68
C THR B 743 48.18 -20.96 -57.42
N PHE B 744 49.48 -20.67 -57.53
CA PHE B 744 50.22 -20.17 -56.37
C PHE B 744 49.82 -18.75 -56.01
N MET B 745 49.37 -17.97 -56.99
CA MET B 745 48.81 -16.65 -56.69
C MET B 745 47.52 -16.76 -55.87
N GLN B 746 46.65 -17.69 -56.25
CA GLN B 746 45.45 -17.96 -55.47
C GLN B 746 45.77 -18.54 -54.10
N ILE B 747 46.82 -19.36 -54.01
CA ILE B 747 47.23 -19.92 -52.72
C ILE B 747 47.80 -18.83 -51.82
N VAL B 748 48.53 -17.87 -52.39
CA VAL B 748 49.06 -16.75 -51.62
C VAL B 748 47.93 -15.84 -51.17
N ILE B 749 46.92 -15.65 -52.04
CA ILE B 749 45.73 -14.88 -51.66
C ILE B 749 44.98 -15.56 -50.52
N CYS B 750 44.85 -16.88 -50.57
CA CYS B 750 44.18 -17.62 -49.51
C CYS B 750 44.96 -17.57 -48.20
N VAL B 751 46.29 -17.72 -48.27
CA VAL B 751 47.11 -17.69 -47.06
C VAL B 751 47.18 -16.28 -46.46
N ILE B 752 47.02 -15.25 -47.29
CA ILE B 752 46.95 -13.90 -46.75
C ILE B 752 45.55 -13.59 -46.22
N TRP B 753 44.51 -14.17 -46.82
CA TRP B 753 43.15 -13.83 -46.46
C TRP B 753 42.57 -14.68 -45.34
N LEU B 754 43.22 -15.79 -44.98
CA LEU B 754 42.72 -16.62 -43.88
C LEU B 754 42.81 -15.93 -42.52
N TYR B 755 43.67 -14.91 -42.40
CA TYR B 755 43.72 -14.10 -41.19
C TYR B 755 42.76 -12.91 -41.24
N THR B 756 42.54 -12.35 -42.43
CA THR B 756 41.63 -11.21 -42.56
C THR B 756 40.18 -11.67 -42.47
N ALA B 757 39.74 -12.50 -43.42
CA ALA B 757 38.45 -13.15 -43.26
C ALA B 757 38.66 -14.29 -42.28
N PRO B 758 38.11 -14.19 -41.07
CA PRO B 758 38.57 -15.05 -39.99
C PRO B 758 37.98 -16.45 -40.10
N PRO B 759 38.62 -17.44 -39.48
CA PRO B 759 38.11 -18.84 -39.50
C PRO B 759 37.11 -19.10 -38.39
N SER B 760 36.04 -18.31 -38.35
CA SER B 760 35.12 -18.33 -37.24
C SER B 760 33.70 -18.09 -37.73
N SER B 761 32.80 -19.03 -37.43
CA SER B 761 31.38 -18.80 -37.67
C SER B 761 30.85 -17.80 -36.64
N TYR B 762 29.95 -16.93 -37.10
CA TYR B 762 29.37 -15.89 -36.25
C TYR B 762 27.86 -16.14 -36.15
N ARG B 763 27.42 -16.47 -34.94
CA ARG B 763 25.99 -16.69 -34.72
C ARG B 763 25.23 -15.38 -34.79
N ASN B 764 24.23 -15.34 -35.65
CA ASN B 764 23.46 -14.12 -35.90
C ASN B 764 22.14 -14.17 -35.15
N GLN B 765 21.63 -12.99 -34.80
CA GLN B 765 20.31 -12.82 -34.21
C GLN B 765 19.54 -11.88 -35.11
N GLU B 766 18.92 -12.44 -36.15
CA GLU B 766 18.13 -11.68 -37.11
C GLU B 766 16.65 -11.74 -36.81
N LEU B 767 16.12 -12.94 -36.61
CA LEU B 767 14.80 -13.12 -36.01
C LEU B 767 14.98 -13.15 -34.49
N GLU B 768 13.91 -13.49 -33.77
CA GLU B 768 13.96 -13.54 -32.32
C GLU B 768 13.63 -14.91 -31.77
N ASP B 769 12.56 -15.55 -32.26
CA ASP B 769 12.05 -16.76 -31.64
C ASP B 769 12.97 -17.94 -31.85
N GLU B 770 13.19 -18.33 -33.11
CA GLU B 770 14.06 -19.45 -33.46
C GLU B 770 15.08 -18.91 -34.47
N ILE B 771 16.16 -18.34 -33.95
CA ILE B 771 17.11 -17.62 -34.79
C ILE B 771 18.56 -17.96 -34.50
N ILE B 772 18.81 -19.09 -33.83
CA ILE B 772 20.17 -19.47 -33.51
C ILE B 772 20.89 -19.88 -34.80
N PHE B 773 21.76 -19.02 -35.30
CA PHE B 773 22.32 -19.11 -36.64
C PHE B 773 23.80 -19.46 -36.62
N ILE B 774 24.33 -19.72 -37.82
CA ILE B 774 25.76 -19.79 -38.09
C ILE B 774 26.00 -19.36 -39.53
N THR B 775 26.74 -18.28 -39.74
CA THR B 775 26.81 -17.64 -41.06
C THR B 775 28.22 -17.40 -41.59
N CYS B 776 29.26 -17.58 -40.77
CA CYS B 776 30.67 -17.58 -41.17
C CYS B 776 31.31 -16.26 -41.55
N HIS B 777 30.52 -15.20 -41.78
CA HIS B 777 30.91 -13.79 -41.61
C HIS B 777 32.23 -13.35 -42.27
N GLU B 778 32.27 -13.52 -43.59
CA GLU B 778 33.44 -13.12 -44.37
C GLU B 778 33.81 -11.65 -44.15
N GLY B 779 35.11 -11.39 -44.10
CA GLY B 779 35.60 -10.17 -43.47
C GLY B 779 35.32 -8.84 -44.14
N SER B 780 36.05 -8.51 -45.21
CA SER B 780 35.68 -7.29 -45.92
C SER B 780 35.62 -7.46 -47.43
N LEU B 781 36.66 -8.08 -48.00
CA LEU B 781 36.68 -8.26 -49.45
C LEU B 781 37.37 -9.53 -49.89
N MET B 782 37.67 -10.47 -48.97
CA MET B 782 38.69 -11.49 -49.20
C MET B 782 38.23 -12.52 -50.23
N ALA B 783 37.12 -13.22 -49.94
CA ALA B 783 36.60 -14.22 -50.84
C ALA B 783 36.10 -13.62 -52.15
N LEU B 784 35.57 -12.39 -52.09
CA LEU B 784 35.10 -11.70 -53.29
C LEU B 784 36.26 -11.40 -54.24
N GLY B 785 37.36 -10.87 -53.71
CA GLY B 785 38.53 -10.61 -54.53
C GLY B 785 39.19 -11.87 -55.03
N PHE B 786 39.18 -12.94 -54.21
CA PHE B 786 39.74 -14.22 -54.65
C PHE B 786 38.94 -14.82 -55.81
N LEU B 787 37.61 -14.78 -55.70
CA LEU B 787 36.75 -15.28 -56.77
C LEU B 787 36.89 -14.45 -58.04
N ILE B 788 36.91 -13.12 -57.90
CA ILE B 788 37.04 -12.24 -59.07
C ILE B 788 38.41 -12.37 -59.72
N GLY B 789 39.45 -12.65 -58.93
CA GLY B 789 40.78 -12.78 -59.51
C GLY B 789 41.11 -14.15 -60.05
N TYR B 790 40.35 -15.18 -59.68
CA TYR B 790 40.61 -16.49 -60.25
C TYR B 790 39.50 -16.96 -61.18
N THR B 791 38.28 -17.12 -60.68
CA THR B 791 37.26 -17.86 -61.42
C THR B 791 36.51 -16.99 -62.41
N CYS B 792 36.62 -15.67 -62.30
CA CYS B 792 36.10 -14.76 -63.31
C CYS B 792 37.19 -14.15 -64.15
N LEU B 793 38.46 -14.39 -63.82
CA LEU B 793 39.59 -13.86 -64.57
C LEU B 793 40.18 -14.86 -65.54
N LEU B 794 40.38 -16.11 -65.12
CA LEU B 794 40.93 -17.11 -66.02
C LEU B 794 39.96 -17.45 -67.15
N ALA B 795 38.67 -17.60 -66.82
CA ALA B 795 37.66 -17.91 -67.82
C ALA B 795 37.38 -16.74 -68.76
N ALA B 796 37.73 -15.51 -68.37
CA ALA B 796 37.58 -14.36 -69.25
C ALA B 796 38.83 -14.09 -70.07
N ILE B 797 40.01 -14.44 -69.55
CA ILE B 797 41.21 -14.36 -70.38
C ILE B 797 41.23 -15.49 -71.39
N CYS B 798 40.56 -16.60 -71.09
CA CYS B 798 40.36 -17.64 -72.11
C CYS B 798 39.34 -17.22 -73.15
N PHE B 799 38.47 -16.26 -72.83
CA PHE B 799 37.37 -15.90 -73.72
C PHE B 799 37.87 -15.18 -74.97
N PHE B 800 38.73 -14.18 -74.80
CA PHE B 800 39.29 -13.47 -75.95
C PHE B 800 40.31 -14.29 -76.72
N PHE B 801 40.80 -15.39 -76.14
CA PHE B 801 41.68 -16.30 -76.85
C PHE B 801 40.91 -17.37 -77.63
N ALA B 802 39.74 -17.77 -77.14
CA ALA B 802 38.93 -18.77 -77.81
C ALA B 802 37.80 -18.19 -78.65
N PHE B 803 37.62 -16.86 -78.64
CA PHE B 803 36.62 -16.26 -79.52
C PHE B 803 37.05 -16.33 -80.98
N LYS B 804 38.36 -16.40 -81.25
CA LYS B 804 38.85 -16.60 -82.60
C LYS B 804 38.85 -18.07 -83.01
N SER B 805 38.70 -18.98 -82.07
CA SER B 805 38.69 -20.41 -82.35
C SER B 805 37.31 -21.03 -82.24
N ARG B 806 36.32 -20.29 -81.74
CA ARG B 806 34.95 -20.78 -81.72
C ARG B 806 34.42 -21.07 -83.12
N LYS B 807 34.81 -20.24 -84.10
CA LYS B 807 34.56 -20.55 -85.50
C LYS B 807 35.76 -21.25 -86.13
N LEU B 808 36.25 -22.30 -85.46
CA LEU B 808 37.39 -23.07 -85.94
C LEU B 808 37.20 -24.43 -85.28
N PRO B 809 36.91 -25.48 -86.06
CA PRO B 809 36.82 -26.82 -85.49
C PRO B 809 38.22 -27.41 -85.52
N GLU B 810 38.63 -28.02 -84.41
CA GLU B 810 39.96 -28.60 -84.28
C GLU B 810 39.90 -29.73 -83.27
N ASN B 811 40.43 -30.90 -83.66
CA ASN B 811 40.41 -32.13 -82.88
C ASN B 811 39.00 -32.50 -82.43
N PHE B 812 38.12 -32.58 -83.44
CA PHE B 812 36.67 -32.79 -83.25
C PHE B 812 36.05 -31.72 -82.35
N ASN B 813 36.25 -30.45 -82.75
CA ASN B 813 35.57 -29.28 -82.18
C ASN B 813 35.85 -29.09 -80.69
N GLU B 814 37.11 -29.30 -80.30
CA GLU B 814 37.50 -29.16 -78.90
C GLU B 814 37.40 -27.71 -78.43
N ALA B 815 37.75 -26.76 -79.28
CA ALA B 815 37.61 -25.34 -78.94
C ALA B 815 36.14 -24.96 -78.78
N LYS B 816 35.27 -25.52 -79.63
CA LYS B 816 33.84 -25.24 -79.52
C LYS B 816 33.26 -25.82 -78.23
N PHE B 817 33.70 -27.02 -77.85
CA PHE B 817 33.19 -27.60 -76.61
C PHE B 817 33.75 -26.91 -75.37
N ILE B 818 34.99 -26.41 -75.45
CA ILE B 818 35.55 -25.58 -74.38
C ILE B 818 34.77 -24.29 -74.22
N THR B 819 34.41 -23.64 -75.34
CA THR B 819 33.61 -22.43 -75.25
C THR B 819 32.19 -22.69 -74.74
N PHE B 820 31.62 -23.86 -75.07
CA PHE B 820 30.30 -24.19 -74.54
C PHE B 820 30.34 -24.43 -73.04
N SER B 821 31.37 -25.11 -72.55
CA SER B 821 31.55 -25.26 -71.10
C SER B 821 31.84 -23.93 -70.42
N MET B 822 32.54 -23.03 -71.11
CA MET B 822 32.81 -21.70 -70.55
C MET B 822 31.53 -20.86 -70.47
N LEU B 823 30.64 -21.03 -71.46
CA LEU B 823 29.35 -20.36 -71.40
C LEU B 823 28.48 -20.92 -70.27
N ILE B 824 28.55 -22.24 -70.05
CA ILE B 824 27.86 -22.84 -68.90
C ILE B 824 28.41 -22.29 -67.58
N PHE B 825 29.74 -22.13 -67.50
CA PHE B 825 30.35 -21.59 -66.28
C PHE B 825 29.99 -20.12 -66.09
N PHE B 826 29.90 -19.34 -67.17
CA PHE B 826 29.50 -17.94 -67.07
C PHE B 826 28.04 -17.81 -66.65
N ILE B 827 27.17 -18.70 -67.15
CA ILE B 827 25.78 -18.71 -66.71
C ILE B 827 25.67 -19.07 -65.23
N VAL B 828 26.48 -20.04 -64.78
CA VAL B 828 26.45 -20.44 -63.38
C VAL B 828 26.95 -19.33 -62.46
N TRP B 829 28.02 -18.64 -62.86
CA TRP B 829 28.54 -17.57 -62.03
C TRP B 829 27.74 -16.27 -62.18
N ILE B 830 26.87 -16.17 -63.18
CA ILE B 830 25.89 -15.09 -63.19
C ILE B 830 24.73 -15.42 -62.27
N SER B 831 24.34 -16.70 -62.19
CA SER B 831 23.24 -17.10 -61.30
C SER B 831 23.66 -17.17 -59.84
N PHE B 832 24.96 -17.29 -59.56
CA PHE B 832 25.42 -17.44 -58.18
C PHE B 832 25.18 -16.20 -57.34
N ILE B 833 25.75 -15.06 -57.74
CA ILE B 833 25.94 -13.90 -56.87
C ILE B 833 24.67 -13.21 -56.38
N PRO B 834 23.61 -12.96 -57.18
CA PRO B 834 22.43 -12.31 -56.57
C PRO B 834 21.67 -13.20 -55.61
N ALA B 835 21.53 -14.49 -55.92
CA ALA B 835 20.90 -15.42 -54.99
C ALA B 835 21.76 -15.66 -53.75
N TYR B 836 23.08 -15.48 -53.85
CA TYR B 836 23.92 -15.52 -52.66
C TYR B 836 23.74 -14.26 -51.83
N ALA B 837 23.55 -13.12 -52.49
CA ALA B 837 23.41 -11.86 -51.76
C ALA B 837 22.07 -11.76 -51.06
N SER B 838 21.01 -12.28 -51.66
CA SER B 838 19.66 -12.10 -51.15
C SER B 838 19.15 -13.31 -50.37
N THR B 839 20.03 -14.08 -49.74
CA THR B 839 19.58 -15.15 -48.85
C THR B 839 20.31 -15.09 -47.51
N TYR B 840 20.08 -16.10 -46.66
CA TYR B 840 20.60 -16.07 -45.29
C TYR B 840 20.61 -17.48 -44.74
N GLY B 841 21.66 -17.81 -43.99
CA GLY B 841 21.70 -18.99 -43.15
C GLY B 841 21.64 -20.32 -43.87
N LYS B 842 20.49 -20.97 -43.79
CA LYS B 842 20.27 -22.28 -44.42
C LYS B 842 20.31 -22.18 -45.94
N PHE B 843 19.96 -21.03 -46.50
CA PHE B 843 19.94 -20.84 -47.93
C PHE B 843 21.09 -19.97 -48.42
N VAL B 844 22.02 -19.60 -47.55
CA VAL B 844 23.18 -18.82 -47.99
C VAL B 844 24.38 -19.72 -48.32
N SER B 845 24.35 -20.98 -47.90
CA SER B 845 25.37 -21.93 -48.29
C SER B 845 24.90 -22.86 -49.39
N ALA B 846 23.60 -23.15 -49.43
CA ALA B 846 23.00 -24.02 -50.42
C ALA B 846 22.89 -23.37 -51.79
N VAL B 847 23.19 -22.08 -51.92
CA VAL B 847 23.36 -21.48 -53.23
C VAL B 847 24.78 -21.67 -53.75
N GLU B 848 25.80 -21.45 -52.90
CA GLU B 848 27.18 -21.57 -53.33
C GLU B 848 27.54 -23.03 -53.59
N VAL B 849 27.06 -23.93 -52.74
CA VAL B 849 27.40 -25.34 -52.89
C VAL B 849 26.66 -25.95 -54.07
N ILE B 850 25.51 -25.40 -54.44
CA ILE B 850 24.84 -25.85 -55.66
C ILE B 850 25.51 -25.26 -56.90
N ALA B 851 26.00 -24.02 -56.81
CA ALA B 851 26.60 -23.37 -57.97
C ALA B 851 27.96 -23.99 -58.32
N ILE B 852 28.73 -24.37 -57.31
CA ILE B 852 30.00 -25.03 -57.56
C ILE B 852 29.77 -26.40 -58.21
N LEU B 853 28.75 -27.13 -57.75
CA LEU B 853 28.38 -28.40 -58.37
C LEU B 853 27.94 -28.21 -59.81
N ALA B 854 27.11 -27.19 -60.07
CA ALA B 854 26.62 -26.95 -61.43
C ALA B 854 27.72 -26.49 -62.38
N ALA B 855 28.72 -25.79 -61.87
CA ALA B 855 29.84 -25.41 -62.73
C ALA B 855 30.76 -26.59 -63.00
N SER B 856 31.16 -27.32 -61.95
CA SER B 856 32.12 -28.40 -62.11
C SER B 856 31.53 -29.66 -62.71
N PHE B 857 30.21 -29.79 -62.75
CA PHE B 857 29.61 -30.90 -63.48
C PHE B 857 29.60 -30.61 -64.98
N GLY B 858 29.28 -29.37 -65.35
CA GLY B 858 29.29 -29.00 -66.75
C GLY B 858 30.68 -28.99 -67.34
N LEU B 859 31.67 -28.51 -66.56
CA LEU B 859 33.06 -28.42 -67.03
C LEU B 859 33.71 -29.78 -67.22
N LEU B 860 33.08 -30.87 -66.79
CA LEU B 860 33.52 -32.21 -67.14
C LEU B 860 32.59 -32.92 -68.10
N ALA B 861 31.28 -32.68 -68.03
CA ALA B 861 30.36 -33.38 -68.90
C ALA B 861 30.37 -32.85 -70.33
N CYS B 862 30.74 -31.58 -70.53
CA CYS B 862 30.87 -31.08 -71.89
C CYS B 862 32.15 -31.57 -72.57
N ILE B 863 33.15 -31.97 -71.81
CA ILE B 863 34.50 -32.19 -72.32
C ILE B 863 34.85 -33.67 -72.36
N PHE B 864 34.70 -34.39 -71.25
CA PHE B 864 35.12 -35.78 -71.17
C PHE B 864 34.28 -36.68 -72.06
N PHE B 865 32.97 -36.39 -72.20
CA PHE B 865 32.12 -37.20 -73.06
C PHE B 865 32.50 -37.05 -74.53
N ASN B 866 32.76 -35.81 -74.96
CA ASN B 866 33.16 -35.58 -76.35
C ASN B 866 34.57 -36.07 -76.62
N LYS B 867 35.43 -36.11 -75.60
CA LYS B 867 36.77 -36.64 -75.78
C LYS B 867 36.83 -38.16 -75.70
N ILE B 868 35.84 -38.79 -75.07
CA ILE B 868 35.84 -40.25 -74.95
C ILE B 868 35.05 -40.88 -76.09
N TYR B 869 33.77 -40.52 -76.23
CA TYR B 869 32.87 -41.25 -77.13
C TYR B 869 33.13 -41.01 -78.60
N ILE B 870 34.04 -40.10 -78.95
CA ILE B 870 34.37 -39.83 -80.35
C ILE B 870 35.16 -41.01 -80.93
#